data_8BDD
#
_entry.id   8BDD
#
_cell.length_a   89.590
_cell.length_b   120.950
_cell.length_c   90.240
_cell.angle_alpha   90.000
_cell.angle_beta   117.760
_cell.angle_gamma   90.000
#
_symmetry.space_group_name_H-M   'P 1 21 1'
#
loop_
_entity.id
_entity.type
_entity.pdbx_description
1 polymer 'Alginate lyase family protein'
2 non-polymer 'NICKEL (II) ION'
3 water water
#
_entity_poly.entity_id   1
_entity_poly.type   'polypeptide(L)'
_entity_poly.pdbx_seq_one_letter_code
;MGSSHHHHHHSSGLVPRGSHMASQHPSLLFTQEEVNEMRAGKGTVPAFDKSLSEVLAAADAAVNSPVSVPVPVDGGGGVV
HEQHKSNYYAMFHCGVAYQLTGDKKYAAYVGDMLEAYAKLYPTLGFHPLQLSPVPGRLFWQTLNESVWLVHTAVAYDCIY
NTLSSKQRATIEKNLFVPMADFIMDGMGDNHANNKTFNKMHNHATWATAAVGMIGFAMNREDYVKKALYGSDGTGKRGGF
IRQMDYLFSPDGYFTEGAYYQRYAIWPFVIFAQCIENKLPDLKIFNYRDSILSKALSTLIQLSYEGEFFHINDALLKGLS
AQELVYAVDILYNVNPSDKSLLSVANKYQHTYLPTSGGFKVARDIARGEAAPIIYRSSVFRDGRKGDEGGVAVIRSTDSN
LNSALTLKATSHGLSHGHFDKLTMAYYDNGNEILPDYGASRFLNIEAKYKGHYTRENQSFAKQTIAHNTLVVDETSHFAG
DIKVSSRYHSDIIYHDFNGGHFQVMVAKDTNAYPGIEMKRTLAYVTTPFLQFPLILDVLQANADKEHQYDYPIWYNGHFV
SLNFPYAKATNELKTLGTKDGYQHLWLEAWGQNKSRNTSSFTFVNKDRFYTISIATTAQTEMKMLRLGANDPDFNLRNET
AFLIREKARKNHTFATSIETHGEYDVVMETSSNLTSSCEEVKVVMDTASYTVVKATYKGGHSVMLCLSNTDADKEKGHRL
TVEGTMYAWNGRCGVFMK
;
_entity_poly.pdbx_strand_id   A,B
#
# COMPACT_ATOMS: atom_id res chain seq x y z
N GLN A 24 3.86 -37.44 -34.64
CA GLN A 24 2.54 -36.85 -34.80
C GLN A 24 2.01 -36.29 -33.47
N HIS A 25 2.34 -36.97 -32.37
CA HIS A 25 1.98 -36.48 -31.04
C HIS A 25 3.21 -36.49 -30.14
N PRO A 26 3.39 -35.46 -29.30
CA PRO A 26 2.54 -34.27 -29.17
C PRO A 26 2.79 -33.27 -30.29
N SER A 27 1.89 -32.30 -30.46
CA SER A 27 2.10 -31.28 -31.47
C SER A 27 1.38 -29.98 -31.13
N LEU A 28 0.56 -29.99 -30.08
CA LEU A 28 -0.21 -28.78 -29.75
C LEU A 28 0.63 -27.78 -28.97
N LEU A 29 0.99 -28.13 -27.73
CA LEU A 29 1.79 -27.24 -26.90
C LEU A 29 3.28 -27.30 -27.26
N PHE A 30 3.72 -28.41 -27.86
CA PHE A 30 5.10 -28.66 -28.19
C PHE A 30 5.18 -29.90 -29.08
N THR A 31 6.32 -30.08 -29.72
CA THR A 31 6.61 -31.26 -30.53
C THR A 31 7.50 -32.21 -29.77
N GLN A 32 7.67 -33.42 -30.32
CA GLN A 32 8.52 -34.42 -29.68
C GLN A 32 9.95 -33.92 -29.58
N GLU A 33 10.47 -33.32 -30.66
CA GLU A 33 11.83 -32.78 -30.63
C GLU A 33 11.99 -31.74 -29.53
N GLU A 34 10.97 -30.88 -29.37
CA GLU A 34 11.03 -29.85 -28.33
C GLU A 34 10.97 -30.45 -26.93
N VAL A 35 10.15 -31.48 -26.73
CA VAL A 35 10.11 -32.16 -25.44
C VAL A 35 11.46 -32.79 -25.13
N ASN A 36 12.06 -33.45 -26.12
CA ASN A 36 13.38 -34.05 -25.91
C ASN A 36 14.40 -32.99 -25.54
N GLU A 37 14.35 -31.83 -26.20
CA GLU A 37 15.25 -30.73 -25.87
C GLU A 37 15.04 -30.23 -24.45
N MET A 38 13.78 -30.06 -24.03
CA MET A 38 13.51 -29.59 -22.67
C MET A 38 14.03 -30.59 -21.65
N ARG A 39 13.88 -31.89 -21.93
CA ARG A 39 14.35 -32.89 -20.98
C ARG A 39 15.87 -32.93 -20.92
N ALA A 40 16.55 -32.84 -22.07
CA ALA A 40 18.01 -32.83 -22.07
C ALA A 40 18.58 -31.60 -21.37
N GLY A 41 17.84 -30.49 -21.37
CA GLY A 41 18.26 -29.26 -20.76
C GLY A 41 17.96 -29.11 -19.29
N LYS A 42 17.40 -30.14 -18.66
CA LYS A 42 17.09 -30.07 -17.23
C LYS A 42 18.34 -29.77 -16.42
N GLY A 43 18.25 -28.79 -15.52
CA GLY A 43 19.37 -28.40 -14.70
C GLY A 43 20.19 -27.25 -15.23
N THR A 44 20.02 -26.88 -16.50
CA THR A 44 20.85 -25.83 -17.08
C THR A 44 20.29 -24.42 -16.86
N VAL A 45 18.98 -24.29 -16.65
CA VAL A 45 18.34 -23.00 -16.40
C VAL A 45 17.47 -23.10 -15.15
N PRO A 46 18.00 -22.72 -13.98
CA PRO A 46 17.24 -22.91 -12.72
C PRO A 46 15.83 -22.33 -12.70
N ALA A 47 15.59 -21.17 -13.33
CA ALA A 47 14.25 -20.58 -13.28
C ALA A 47 13.24 -21.45 -14.01
N PHE A 48 13.64 -22.01 -15.16
CA PHE A 48 12.76 -22.92 -15.89
C PHE A 48 12.52 -24.19 -15.08
N ASP A 49 13.59 -24.71 -14.47
CA ASP A 49 13.46 -25.89 -13.62
C ASP A 49 12.45 -25.64 -12.51
N LYS A 50 12.48 -24.45 -11.91
CA LYS A 50 11.54 -24.13 -10.84
C LYS A 50 10.10 -24.12 -11.35
N SER A 51 9.86 -23.50 -12.52
CA SER A 51 8.50 -23.51 -13.07
C SER A 51 8.03 -24.95 -13.39
N LEU A 52 8.93 -25.77 -13.94
CA LEU A 52 8.55 -27.14 -14.25
C LEU A 52 8.24 -27.92 -12.97
N SER A 53 9.04 -27.72 -11.92
CA SER A 53 8.77 -28.37 -10.64
C SER A 53 7.38 -28.01 -10.14
N GLU A 54 6.96 -26.77 -10.37
CA GLU A 54 5.61 -26.39 -9.93
C GLU A 54 4.54 -27.12 -10.73
N VAL A 55 4.77 -27.31 -12.03
CA VAL A 55 3.83 -28.11 -12.83
C VAL A 55 3.76 -29.54 -12.30
N LEU A 56 4.92 -30.13 -12.01
CA LEU A 56 4.96 -31.52 -11.54
C LEU A 56 4.30 -31.65 -10.18
N ALA A 57 4.43 -30.64 -9.31
CA ALA A 57 3.75 -30.68 -8.02
C ALA A 57 2.24 -30.64 -8.18
N ALA A 58 1.74 -29.80 -9.09
CA ALA A 58 0.30 -29.81 -9.37
C ALA A 58 -0.16 -31.18 -9.89
N ALA A 59 0.60 -31.76 -10.82
CA ALA A 59 0.25 -33.07 -11.35
C ALA A 59 0.27 -34.14 -10.25
N ASP A 60 1.29 -34.12 -9.40
CA ASP A 60 1.37 -35.08 -8.31
C ASP A 60 0.18 -34.96 -7.38
N ALA A 61 -0.25 -33.72 -7.09
CA ALA A 61 -1.39 -33.54 -6.22
C ALA A 61 -2.65 -34.14 -6.84
N ALA A 62 -2.82 -33.97 -8.15
CA ALA A 62 -3.97 -34.58 -8.81
C ALA A 62 -3.90 -36.11 -8.75
N VAL A 63 -2.73 -36.67 -9.06
CA VAL A 63 -2.59 -38.13 -9.07
C VAL A 63 -2.87 -38.71 -7.70
N ASN A 64 -2.53 -37.98 -6.63
CA ASN A 64 -2.71 -38.48 -5.27
C ASN A 64 -4.13 -38.34 -4.75
N SER A 65 -5.05 -37.81 -5.55
CA SER A 65 -6.43 -37.59 -5.16
C SER A 65 -7.38 -38.50 -5.94
N PRO A 66 -8.51 -38.89 -5.36
CA PRO A 66 -9.47 -39.70 -6.11
C PRO A 66 -10.07 -38.93 -7.27
N VAL A 67 -10.51 -39.67 -8.28
CA VAL A 67 -11.09 -39.09 -9.48
C VAL A 67 -12.58 -38.88 -9.26
N SER A 68 -13.04 -37.66 -9.55
CA SER A 68 -14.45 -37.29 -9.35
C SER A 68 -14.95 -36.61 -10.61
N VAL A 69 -15.95 -37.21 -11.26
CA VAL A 69 -16.54 -36.65 -12.48
C VAL A 69 -18.05 -36.57 -12.27
N PRO A 70 -18.55 -35.60 -11.52
CA PRO A 70 -19.95 -35.62 -11.10
C PRO A 70 -20.92 -35.19 -12.19
N VAL A 71 -22.18 -35.53 -11.98
CA VAL A 71 -23.24 -35.11 -12.89
C VAL A 71 -23.48 -33.62 -12.72
N PRO A 72 -23.45 -32.83 -13.79
CA PRO A 72 -23.59 -31.37 -13.64
C PRO A 72 -24.94 -30.99 -13.05
N VAL A 73 -24.91 -30.04 -12.10
CA VAL A 73 -26.11 -29.61 -11.40
C VAL A 73 -26.08 -28.13 -11.05
N ASP A 74 -24.92 -27.48 -11.15
CA ASP A 74 -24.82 -26.12 -10.63
C ASP A 74 -24.07 -25.21 -11.62
N GLY A 75 -24.05 -23.92 -11.27
CA GLY A 75 -23.43 -22.90 -12.07
C GLY A 75 -22.06 -22.50 -11.55
N GLY A 76 -21.63 -21.31 -11.94
CA GLY A 76 -20.34 -20.79 -11.52
C GLY A 76 -20.16 -20.82 -10.02
N GLY A 77 -18.99 -21.29 -9.56
CA GLY A 77 -18.74 -21.37 -8.15
C GLY A 77 -19.36 -22.56 -7.44
N GLY A 78 -20.26 -23.30 -8.10
CA GLY A 78 -20.78 -24.52 -7.50
C GLY A 78 -19.72 -25.59 -7.39
N VAL A 79 -19.92 -26.51 -6.44
CA VAL A 79 -18.90 -27.53 -6.18
C VAL A 79 -18.66 -28.39 -7.42
N VAL A 80 -19.72 -28.72 -8.17
CA VAL A 80 -19.55 -29.60 -9.33
C VAL A 80 -18.88 -28.84 -10.48
N HIS A 81 -19.35 -27.63 -10.76
CA HIS A 81 -18.70 -26.77 -11.75
C HIS A 81 -17.21 -26.64 -11.47
N GLU A 82 -16.88 -26.32 -10.22
CA GLU A 82 -15.47 -26.14 -9.87
C GLU A 82 -14.72 -27.46 -9.94
N GLN A 83 -15.40 -28.59 -9.72
CA GLN A 83 -14.71 -29.87 -9.85
C GLN A 83 -14.34 -30.16 -11.31
N HIS A 84 -15.25 -29.86 -12.25
CA HIS A 84 -14.92 -30.10 -13.66
C HIS A 84 -13.83 -29.15 -14.15
N LYS A 85 -13.84 -27.92 -13.63
CA LYS A 85 -12.75 -26.99 -13.95
C LYS A 85 -11.41 -27.51 -13.40
N SER A 86 -11.38 -27.91 -12.12
CA SER A 86 -10.19 -28.54 -11.56
C SER A 86 -9.75 -29.71 -12.41
N ASN A 87 -10.70 -30.49 -12.93
CA ASN A 87 -10.35 -31.65 -13.73
C ASN A 87 -9.61 -31.25 -15.00
N TYR A 88 -10.06 -30.20 -15.70
CA TYR A 88 -9.33 -29.92 -16.93
C TYR A 88 -7.94 -29.37 -16.63
N TYR A 89 -7.79 -28.63 -15.53
CA TYR A 89 -6.43 -28.22 -15.14
C TYR A 89 -5.57 -29.42 -14.75
N ALA A 90 -6.15 -30.39 -14.04
CA ALA A 90 -5.40 -31.57 -13.63
C ALA A 90 -4.96 -32.38 -14.83
N MET A 91 -5.86 -32.62 -15.77
CA MET A 91 -5.48 -33.34 -16.99
C MET A 91 -4.39 -32.61 -17.76
N PHE A 92 -4.53 -31.29 -17.92
CA PHE A 92 -3.50 -30.47 -18.56
C PHE A 92 -2.14 -30.67 -17.90
N HIS A 93 -2.09 -30.50 -16.57
CA HIS A 93 -0.83 -30.61 -15.85
C HIS A 93 -0.26 -32.03 -15.93
N CYS A 94 -1.12 -33.05 -15.86
CA CYS A 94 -0.62 -34.42 -15.94
C CYS A 94 -0.10 -34.75 -17.34
N GLY A 95 -0.76 -34.25 -18.38
CA GLY A 95 -0.25 -34.48 -19.72
C GLY A 95 1.11 -33.85 -19.93
N VAL A 96 1.26 -32.60 -19.48
CA VAL A 96 2.57 -31.96 -19.55
C VAL A 96 3.58 -32.72 -18.71
N ALA A 97 3.19 -33.15 -17.51
CA ALA A 97 4.13 -33.87 -16.64
C ALA A 97 4.58 -35.18 -17.27
N TYR A 98 3.66 -35.90 -17.92
CA TYR A 98 4.03 -37.12 -18.62
C TYR A 98 5.06 -36.83 -19.69
N GLN A 99 4.82 -35.78 -20.49
CA GLN A 99 5.77 -35.48 -21.55
C GLN A 99 7.12 -35.06 -20.99
N LEU A 100 7.14 -34.34 -19.88
CA LEU A 100 8.42 -33.82 -19.41
C LEU A 100 9.16 -34.80 -18.51
N THR A 101 8.52 -35.90 -18.08
CA THR A 101 9.17 -36.89 -17.22
C THR A 101 9.18 -38.31 -17.76
N GLY A 102 8.24 -38.67 -18.62
CA GLY A 102 8.05 -40.05 -19.02
C GLY A 102 7.37 -40.93 -18.00
N ASP A 103 6.95 -40.38 -16.86
CA ASP A 103 6.36 -41.18 -15.78
C ASP A 103 4.94 -41.59 -16.15
N LYS A 104 4.72 -42.90 -16.27
CA LYS A 104 3.45 -43.43 -16.77
C LYS A 104 2.27 -43.12 -15.84
N LYS A 105 2.51 -42.83 -14.56
CA LYS A 105 1.38 -42.54 -13.66
C LYS A 105 0.61 -41.31 -14.12
N TYR A 106 1.28 -40.35 -14.74
CA TYR A 106 0.60 -39.15 -15.21
C TYR A 106 -0.32 -39.46 -16.40
N ALA A 107 0.18 -40.27 -17.34
CA ALA A 107 -0.62 -40.66 -18.48
C ALA A 107 -1.79 -41.54 -18.07
N ALA A 108 -1.55 -42.46 -17.12
CA ALA A 108 -2.65 -43.28 -16.61
C ALA A 108 -3.74 -42.42 -15.99
N TYR A 109 -3.35 -41.41 -15.22
CA TYR A 109 -4.35 -40.51 -14.64
C TYR A 109 -5.21 -39.90 -15.73
N VAL A 110 -4.57 -39.31 -16.75
CA VAL A 110 -5.34 -38.68 -17.83
C VAL A 110 -6.25 -39.70 -18.50
N GLY A 111 -5.74 -40.90 -18.77
CA GLY A 111 -6.55 -41.88 -19.48
C GLY A 111 -7.75 -42.36 -18.68
N ASP A 112 -7.55 -42.60 -17.38
CA ASP A 112 -8.67 -43.00 -16.52
C ASP A 112 -9.72 -41.91 -16.48
N MET A 113 -9.29 -40.65 -16.38
CA MET A 113 -10.27 -39.57 -16.32
C MET A 113 -11.01 -39.39 -17.63
N LEU A 114 -10.31 -39.53 -18.77
CA LEU A 114 -10.99 -39.42 -20.06
C LEU A 114 -12.01 -40.52 -20.23
N GLU A 115 -11.70 -41.73 -19.74
CA GLU A 115 -12.70 -42.80 -19.87
C GLU A 115 -13.90 -42.53 -18.98
N ALA A 116 -13.68 -41.93 -17.80
CA ALA A 116 -14.83 -41.52 -16.98
C ALA A 116 -15.68 -40.46 -17.69
N TYR A 117 -15.04 -39.49 -18.34
CA TYR A 117 -15.81 -38.49 -19.10
C TYR A 117 -16.52 -39.13 -20.29
N ALA A 118 -15.90 -40.11 -20.94
CA ALA A 118 -16.54 -40.75 -22.09
C ALA A 118 -17.74 -41.58 -21.65
N LYS A 119 -17.73 -42.10 -20.42
CA LYS A 119 -18.93 -42.74 -19.90
C LYS A 119 -20.02 -41.71 -19.58
N LEU A 120 -19.63 -40.57 -19.00
CA LEU A 120 -20.61 -39.58 -18.56
C LEU A 120 -21.26 -38.83 -19.72
N TYR A 121 -20.47 -38.37 -20.69
CA TYR A 121 -20.95 -37.36 -21.63
C TYR A 121 -22.16 -37.79 -22.46
N PRO A 122 -22.25 -39.02 -22.98
CA PRO A 122 -23.45 -39.40 -23.74
C PRO A 122 -24.76 -39.29 -22.95
N THR A 123 -24.70 -39.26 -21.63
CA THR A 123 -25.90 -39.21 -20.80
C THR A 123 -26.33 -37.78 -20.50
N LEU A 124 -25.57 -36.78 -20.93
CA LEU A 124 -25.81 -35.39 -20.55
C LEU A 124 -26.63 -34.69 -21.63
N GLY A 125 -27.83 -34.25 -21.27
CA GLY A 125 -28.55 -33.26 -22.04
C GLY A 125 -28.02 -31.88 -21.74
N PHE A 126 -28.78 -30.87 -22.17
CA PHE A 126 -28.46 -29.50 -21.80
C PHE A 126 -28.40 -29.37 -20.28
N HIS A 127 -27.49 -28.52 -19.82
CA HIS A 127 -27.29 -28.33 -18.38
C HIS A 127 -28.62 -28.01 -17.70
N PRO A 128 -28.90 -28.57 -16.53
CA PRO A 128 -30.20 -28.33 -15.89
C PRO A 128 -30.43 -26.89 -15.48
N LEU A 129 -29.39 -26.09 -15.33
CA LEU A 129 -29.57 -24.70 -14.94
C LEU A 129 -30.08 -23.87 -16.10
N GLN A 130 -31.19 -23.18 -15.89
CA GLN A 130 -31.82 -22.36 -16.92
C GLN A 130 -31.37 -20.92 -16.70
N LEU A 131 -30.22 -20.58 -17.25
CA LEU A 131 -29.71 -19.22 -17.06
C LEU A 131 -29.01 -18.68 -18.31
N SER A 132 -28.15 -19.49 -18.92
CA SER A 132 -27.33 -19.01 -20.02
C SER A 132 -28.13 -19.04 -21.33
N PRO A 133 -27.97 -18.04 -22.20
CA PRO A 133 -28.52 -18.14 -23.55
C PRO A 133 -27.81 -19.16 -24.41
N VAL A 134 -26.65 -19.65 -24.00
CA VAL A 134 -25.94 -20.71 -24.70
C VAL A 134 -25.54 -21.79 -23.69
N PRO A 135 -26.50 -22.50 -23.10
CA PRO A 135 -26.16 -23.49 -22.08
C PRO A 135 -25.30 -24.60 -22.65
N GLY A 136 -24.39 -25.10 -21.83
CA GLY A 136 -23.55 -26.22 -22.19
C GLY A 136 -24.21 -27.54 -21.84
N ARG A 137 -23.40 -28.58 -21.83
CA ARG A 137 -23.80 -29.90 -21.33
C ARG A 137 -23.02 -30.25 -20.08
N LEU A 138 -21.69 -30.19 -20.15
CA LEU A 138 -20.87 -30.37 -18.97
C LEU A 138 -20.99 -29.17 -18.03
N PHE A 139 -21.13 -27.97 -18.57
CA PHE A 139 -21.15 -26.73 -17.81
C PHE A 139 -22.43 -25.94 -18.09
N TRP A 140 -22.73 -24.99 -17.20
CA TRP A 140 -23.95 -24.20 -17.33
C TRP A 140 -23.94 -23.28 -18.53
N GLN A 141 -22.76 -22.95 -19.08
CA GLN A 141 -22.62 -22.17 -20.28
C GLN A 141 -21.55 -22.80 -21.15
N THR A 142 -21.68 -22.64 -22.47
CA THR A 142 -20.75 -23.32 -23.36
C THR A 142 -19.34 -22.75 -23.29
N LEU A 143 -19.16 -21.49 -22.85
CA LEU A 143 -17.81 -20.95 -22.74
C LEU A 143 -16.91 -21.86 -21.90
N ASN A 144 -17.41 -22.33 -20.76
CA ASN A 144 -16.60 -23.19 -19.91
C ASN A 144 -16.35 -24.54 -20.56
N GLU A 145 -17.31 -25.02 -21.38
CA GLU A 145 -17.09 -26.24 -22.13
C GLU A 145 -15.92 -26.07 -23.10
N SER A 146 -15.85 -24.89 -23.74
CA SER A 146 -14.76 -24.63 -24.69
C SER A 146 -13.41 -24.57 -23.97
N VAL A 147 -13.36 -23.91 -22.81
CA VAL A 147 -12.09 -23.83 -22.08
C VAL A 147 -11.63 -25.21 -21.63
N TRP A 148 -12.59 -26.00 -21.11
CA TRP A 148 -12.32 -27.40 -20.76
C TRP A 148 -11.74 -28.14 -21.95
N LEU A 149 -12.32 -27.97 -23.14
CA LEU A 149 -11.86 -28.73 -24.29
C LEU A 149 -10.50 -28.26 -24.79
N VAL A 150 -10.18 -26.98 -24.70
CA VAL A 150 -8.83 -26.53 -25.07
C VAL A 150 -7.78 -27.26 -24.22
N HIS A 151 -8.00 -27.23 -22.91
CA HIS A 151 -7.01 -27.84 -22.01
C HIS A 151 -6.96 -29.36 -22.16
N THR A 152 -8.13 -29.98 -22.33
CA THR A 152 -8.18 -31.42 -22.42
C THR A 152 -7.66 -31.91 -23.77
N ALA A 153 -7.81 -31.10 -24.83
CA ALA A 153 -7.18 -31.45 -26.10
C ALA A 153 -5.66 -31.51 -25.94
N VAL A 154 -5.09 -30.54 -25.22
CA VAL A 154 -3.65 -30.62 -24.96
C VAL A 154 -3.31 -31.89 -24.19
N ALA A 155 -4.08 -32.18 -23.14
CA ALA A 155 -3.83 -33.40 -22.35
C ALA A 155 -3.86 -34.66 -23.23
N TYR A 156 -4.89 -34.76 -24.07
CA TYR A 156 -5.06 -35.92 -24.95
C TYR A 156 -3.89 -36.03 -25.91
N ASP A 157 -3.49 -34.91 -26.51
CA ASP A 157 -2.34 -34.87 -27.39
C ASP A 157 -1.09 -35.38 -26.68
N CYS A 158 -0.94 -35.02 -25.40
CA CYS A 158 0.23 -35.42 -24.62
C CYS A 158 0.23 -36.92 -24.32
N ILE A 159 -0.93 -37.54 -24.12
CA ILE A 159 -0.94 -38.95 -23.73
C ILE A 159 -1.38 -39.87 -24.86
N TYR A 160 -1.56 -39.33 -26.07
CA TYR A 160 -2.18 -40.05 -27.18
C TYR A 160 -1.53 -41.40 -27.45
N ASN A 161 -0.21 -41.46 -27.42
CA ASN A 161 0.47 -42.68 -27.80
C ASN A 161 0.44 -43.75 -26.71
N THR A 162 0.05 -43.40 -25.48
CA THR A 162 -0.08 -44.40 -24.43
C THR A 162 -1.40 -45.14 -24.45
N LEU A 163 -2.38 -44.69 -25.24
CA LEU A 163 -3.69 -45.30 -25.28
C LEU A 163 -3.77 -46.37 -26.38
N SER A 164 -4.63 -47.35 -26.16
CA SER A 164 -4.90 -48.32 -27.21
C SER A 164 -5.83 -47.74 -28.27
N SER A 165 -5.88 -48.41 -29.43
CA SER A 165 -6.82 -47.98 -30.47
C SER A 165 -8.25 -48.04 -29.96
N LYS A 166 -8.59 -49.07 -29.17
CA LYS A 166 -9.92 -49.18 -28.59
C LYS A 166 -10.25 -48.00 -27.69
N GLN A 167 -9.31 -47.63 -26.81
CA GLN A 167 -9.52 -46.49 -25.92
C GLN A 167 -9.71 -45.21 -26.70
N ARG A 168 -8.85 -44.96 -27.69
CA ARG A 168 -8.98 -43.73 -28.47
C ARG A 168 -10.30 -43.71 -29.23
N ALA A 169 -10.73 -44.85 -29.77
CA ALA A 169 -11.99 -44.87 -30.51
C ALA A 169 -13.16 -44.56 -29.58
N THR A 170 -13.18 -45.15 -28.39
CA THR A 170 -14.28 -44.88 -27.46
C THR A 170 -14.27 -43.43 -27.00
N ILE A 171 -13.09 -42.89 -26.69
CA ILE A 171 -12.99 -41.52 -26.18
C ILE A 171 -13.40 -40.52 -27.26
N GLU A 172 -12.89 -40.71 -28.49
CA GLU A 172 -13.27 -39.81 -29.57
C GLU A 172 -14.76 -39.94 -29.91
N LYS A 173 -15.30 -41.16 -29.89
CA LYS A 173 -16.69 -41.35 -30.31
C LYS A 173 -17.69 -40.83 -29.28
N ASN A 174 -17.41 -41.03 -28.00
CA ASN A 174 -18.40 -40.71 -26.99
C ASN A 174 -18.16 -39.38 -26.29
N LEU A 175 -16.98 -38.78 -26.46
CA LEU A 175 -16.66 -37.55 -25.75
C LEU A 175 -16.26 -36.44 -26.72
N PHE A 176 -15.17 -36.60 -27.47
CA PHE A 176 -14.59 -35.46 -28.18
C PHE A 176 -15.42 -35.06 -29.40
N VAL A 177 -15.80 -36.03 -30.23
CA VAL A 177 -16.64 -35.69 -31.40
C VAL A 177 -17.97 -35.12 -30.96
N PRO A 178 -18.71 -35.70 -30.00
CA PRO A 178 -19.96 -35.05 -29.57
C PRO A 178 -19.74 -33.67 -28.98
N MET A 179 -18.67 -33.47 -28.21
CA MET A 179 -18.46 -32.16 -27.60
C MET A 179 -18.09 -31.10 -28.65
N ALA A 180 -17.22 -31.45 -29.61
CA ALA A 180 -16.88 -30.50 -30.66
C ALA A 180 -18.10 -30.18 -31.52
N ASP A 181 -18.86 -31.20 -31.91
CA ASP A 181 -20.08 -30.98 -32.68
C ASP A 181 -21.05 -30.09 -31.90
N PHE A 182 -21.13 -30.28 -30.59
CA PHE A 182 -22.05 -29.50 -29.76
C PHE A 182 -21.60 -28.04 -29.69
N ILE A 183 -20.30 -27.81 -29.46
CA ILE A 183 -19.80 -26.44 -29.41
C ILE A 183 -20.02 -25.74 -30.74
N MET A 184 -19.92 -26.49 -31.86
CA MET A 184 -20.14 -25.85 -33.17
C MET A 184 -21.61 -25.61 -33.47
N ASP A 185 -22.48 -26.56 -33.12
CA ASP A 185 -23.81 -26.60 -33.72
C ASP A 185 -24.95 -26.67 -32.72
N GLY A 186 -24.67 -26.86 -31.43
CA GLY A 186 -25.76 -27.06 -30.49
C GLY A 186 -26.29 -28.49 -30.57
N MET A 187 -27.57 -28.64 -30.22
CA MET A 187 -28.12 -29.96 -29.99
C MET A 187 -29.64 -29.89 -30.08
N GLY A 188 -30.25 -30.93 -30.63
CA GLY A 188 -31.70 -30.98 -30.71
C GLY A 188 -32.21 -29.87 -31.60
N ASP A 189 -33.01 -28.97 -31.01
CA ASP A 189 -33.55 -27.82 -31.72
C ASP A 189 -32.84 -26.52 -31.36
N ASN A 190 -31.97 -26.53 -30.35
CA ASN A 190 -31.28 -25.33 -29.89
C ASN A 190 -29.93 -25.24 -30.58
N HIS A 191 -29.81 -24.31 -31.52
CA HIS A 191 -28.59 -24.14 -32.28
C HIS A 191 -27.90 -22.81 -32.00
N ALA A 192 -28.15 -22.22 -30.83
CA ALA A 192 -27.50 -20.95 -30.49
C ALA A 192 -25.98 -21.05 -30.53
N ASN A 193 -25.43 -22.22 -30.18
CA ASN A 193 -23.98 -22.38 -30.23
C ASN A 193 -23.44 -22.08 -31.62
N ASN A 194 -24.22 -22.34 -32.67
CA ASN A 194 -23.67 -22.06 -33.99
C ASN A 194 -23.52 -20.57 -34.24
N LYS A 195 -24.42 -19.76 -33.68
CA LYS A 195 -24.28 -18.32 -33.81
C LYS A 195 -23.05 -17.83 -33.06
N THR A 196 -22.82 -18.35 -31.84
CA THR A 196 -21.59 -17.98 -31.13
C THR A 196 -20.35 -18.45 -31.88
N PHE A 197 -20.37 -19.67 -32.40
CA PHE A 197 -19.20 -20.21 -33.07
C PHE A 197 -18.72 -19.32 -34.19
N ASN A 198 -19.64 -18.64 -34.88
CA ASN A 198 -19.30 -17.82 -36.03
C ASN A 198 -19.25 -16.33 -35.70
N LYS A 199 -19.34 -15.97 -34.43
CA LYS A 199 -19.37 -14.58 -34.01
C LYS A 199 -17.96 -13.99 -33.91
N MET A 200 -17.88 -12.66 -33.99
CA MET A 200 -16.64 -11.95 -33.70
C MET A 200 -16.71 -11.54 -32.24
N HIS A 201 -16.22 -12.41 -31.36
CA HIS A 201 -16.36 -12.26 -29.91
C HIS A 201 -15.39 -13.21 -29.23
N ASN A 202 -14.92 -12.82 -28.04
CA ASN A 202 -13.95 -13.64 -27.28
C ASN A 202 -14.48 -15.05 -27.04
N HIS A 203 -15.79 -15.20 -26.82
CA HIS A 203 -16.31 -16.54 -26.60
C HIS A 203 -16.18 -17.40 -27.86
N ALA A 204 -16.20 -16.76 -29.04
CA ALA A 204 -15.91 -17.47 -30.28
C ALA A 204 -14.43 -17.77 -30.43
N THR A 205 -13.54 -16.92 -29.89
CA THR A 205 -12.13 -17.29 -29.90
C THR A 205 -11.92 -18.58 -29.13
N TRP A 206 -12.58 -18.70 -27.96
CA TRP A 206 -12.47 -19.94 -27.20
C TRP A 206 -13.13 -21.12 -27.93
N ALA A 207 -14.30 -20.91 -28.53
CA ALA A 207 -14.98 -22.02 -29.20
C ALA A 207 -14.17 -22.53 -30.40
N THR A 208 -13.63 -21.61 -31.20
CA THR A 208 -12.84 -22.03 -32.35
C THR A 208 -11.51 -22.63 -31.92
N ALA A 209 -10.89 -22.09 -30.86
CA ALA A 209 -9.68 -22.72 -30.34
C ALA A 209 -9.96 -24.15 -29.90
N ALA A 210 -11.08 -24.36 -29.18
CA ALA A 210 -11.39 -25.70 -28.68
C ALA A 210 -11.60 -26.66 -29.83
N VAL A 211 -12.44 -26.29 -30.80
CA VAL A 211 -12.75 -27.18 -31.91
C VAL A 211 -11.53 -27.40 -32.80
N GLY A 212 -10.76 -26.35 -33.06
CA GLY A 212 -9.58 -26.52 -33.89
C GLY A 212 -8.50 -27.34 -33.21
N MET A 213 -8.32 -27.17 -31.90
CA MET A 213 -7.26 -27.92 -31.24
C MET A 213 -7.64 -29.39 -31.10
N ILE A 214 -8.89 -29.70 -30.74
CA ILE A 214 -9.22 -31.13 -30.73
C ILE A 214 -9.22 -31.68 -32.16
N GLY A 215 -9.51 -30.84 -33.16
CA GLY A 215 -9.38 -31.30 -34.54
C GLY A 215 -7.95 -31.65 -34.92
N PHE A 216 -7.00 -30.80 -34.51
CA PHE A 216 -5.58 -31.13 -34.71
C PHE A 216 -5.24 -32.44 -34.01
N ALA A 217 -5.67 -32.60 -32.76
CA ALA A 217 -5.34 -33.79 -31.99
C ALA A 217 -5.92 -35.05 -32.61
N MET A 218 -7.09 -34.97 -33.24
CA MET A 218 -7.74 -36.14 -33.83
C MET A 218 -7.51 -36.25 -35.34
N ASN A 219 -6.74 -35.34 -35.92
CA ASN A 219 -6.56 -35.28 -37.37
C ASN A 219 -7.90 -35.19 -38.09
N ARG A 220 -8.77 -34.31 -37.58
CA ARG A 220 -10.09 -34.05 -38.18
C ARG A 220 -9.99 -32.73 -38.92
N GLU A 221 -9.73 -32.80 -40.23
CA GLU A 221 -9.48 -31.57 -40.99
C GLU A 221 -10.72 -30.68 -41.07
N ASP A 222 -11.91 -31.26 -40.96
CA ASP A 222 -13.12 -30.45 -41.06
C ASP A 222 -13.26 -29.55 -39.84
N TYR A 223 -12.89 -30.04 -38.65
CA TYR A 223 -12.90 -29.21 -37.46
C TYR A 223 -11.90 -28.06 -37.60
N VAL A 224 -10.71 -28.35 -38.09
CA VAL A 224 -9.70 -27.30 -38.27
C VAL A 224 -10.21 -26.25 -39.24
N LYS A 225 -10.75 -26.67 -40.39
CA LYS A 225 -11.27 -25.71 -41.37
C LYS A 225 -12.36 -24.84 -40.78
N LYS A 226 -13.30 -25.42 -40.03
CA LYS A 226 -14.40 -24.62 -39.53
C LYS A 226 -13.95 -23.71 -38.39
N ALA A 227 -12.98 -24.16 -37.58
CA ALA A 227 -12.40 -23.27 -36.57
C ALA A 227 -11.72 -22.08 -37.22
N LEU A 228 -11.00 -22.30 -38.32
CA LEU A 228 -10.26 -21.19 -38.92
C LEU A 228 -11.16 -20.26 -39.72
N TYR A 229 -12.14 -20.82 -40.43
CA TYR A 229 -12.81 -20.09 -41.51
C TYR A 229 -14.32 -20.05 -41.35
N GLY A 230 -14.85 -20.46 -40.20
CA GLY A 230 -16.29 -20.48 -39.99
C GLY A 230 -16.93 -21.75 -40.49
N SER A 231 -18.18 -21.97 -40.05
CA SER A 231 -18.94 -23.16 -40.41
C SER A 231 -18.99 -23.37 -41.92
N ASP A 232 -19.14 -22.29 -42.69
CA ASP A 232 -19.24 -22.44 -44.15
C ASP A 232 -17.89 -22.47 -44.85
N GLY A 233 -16.79 -22.33 -44.12
CA GLY A 233 -15.47 -22.48 -44.71
C GLY A 233 -14.96 -21.31 -45.54
N THR A 234 -15.74 -20.26 -45.72
CA THR A 234 -15.35 -19.16 -46.59
C THR A 234 -14.50 -18.10 -45.91
N GLY A 235 -14.47 -18.08 -44.57
CA GLY A 235 -13.84 -16.97 -43.89
C GLY A 235 -14.57 -15.65 -43.97
N LYS A 236 -15.76 -15.63 -44.58
CA LYS A 236 -16.48 -14.37 -44.76
C LYS A 236 -17.49 -14.08 -43.66
N ARG A 237 -17.82 -15.05 -42.81
CA ARG A 237 -18.85 -14.83 -41.80
C ARG A 237 -18.60 -15.70 -40.56
N GLY A 238 -17.33 -15.90 -40.22
CA GLY A 238 -16.95 -16.63 -39.04
C GLY A 238 -15.51 -17.06 -39.09
N GLY A 239 -14.99 -17.46 -37.94
CA GLY A 239 -13.70 -18.13 -37.92
C GLY A 239 -12.62 -17.32 -37.20
N PHE A 240 -11.63 -18.05 -36.72
CA PHE A 240 -10.51 -17.49 -35.97
C PHE A 240 -9.75 -16.43 -36.77
N ILE A 241 -9.49 -16.69 -38.05
CA ILE A 241 -8.75 -15.73 -38.87
C ILE A 241 -9.52 -14.40 -38.96
N ARG A 242 -10.82 -14.50 -39.24
CA ARG A 242 -11.62 -13.29 -39.34
C ARG A 242 -11.63 -12.55 -38.02
N GLN A 243 -11.65 -13.28 -36.90
CA GLN A 243 -11.58 -12.65 -35.58
C GLN A 243 -10.30 -11.84 -35.43
N MET A 244 -9.19 -12.34 -35.99
CA MET A 244 -7.96 -11.55 -35.92
C MET A 244 -8.11 -10.24 -36.68
N ASP A 245 -8.95 -10.25 -37.73
CA ASP A 245 -9.22 -8.99 -38.43
C ASP A 245 -10.28 -8.09 -37.78
N TYR A 246 -11.14 -8.62 -36.90
CA TYR A 246 -12.28 -7.87 -36.39
C TYR A 246 -12.21 -7.52 -34.91
N LEU A 247 -11.47 -8.28 -34.11
CA LEU A 247 -11.44 -8.04 -32.67
C LEU A 247 -10.32 -7.09 -32.24
N PHE A 248 -9.48 -6.65 -33.18
CA PHE A 248 -8.45 -5.66 -32.90
C PHE A 248 -8.52 -4.51 -33.89
N SER A 249 -8.12 -3.33 -33.43
CA SER A 249 -7.83 -2.24 -34.34
C SER A 249 -6.50 -2.52 -35.05
N PRO A 250 -6.16 -1.73 -36.08
CA PRO A 250 -4.88 -1.94 -36.77
C PRO A 250 -3.68 -1.74 -35.88
N ASP A 251 -3.85 -1.09 -34.72
CA ASP A 251 -2.79 -0.93 -33.75
C ASP A 251 -2.78 -2.03 -32.70
N GLY A 252 -3.68 -3.00 -32.78
CA GLY A 252 -3.70 -4.05 -31.79
C GLY A 252 -4.46 -3.70 -30.53
N TYR A 253 -5.40 -2.76 -30.60
CA TYR A 253 -6.23 -2.37 -29.48
C TYR A 253 -7.57 -3.10 -29.53
N PHE A 254 -7.94 -3.69 -28.39
CA PHE A 254 -9.21 -4.39 -28.18
C PHE A 254 -10.21 -3.41 -27.54
N THR A 255 -11.36 -3.20 -28.17
CA THR A 255 -12.21 -2.05 -27.84
C THR A 255 -12.80 -2.10 -26.42
N GLU A 256 -12.92 -3.29 -25.82
CA GLU A 256 -13.44 -3.34 -24.46
C GLU A 256 -12.47 -2.79 -23.43
N GLY A 257 -11.20 -2.64 -23.79
CA GLY A 257 -10.21 -2.07 -22.90
C GLY A 257 -9.05 -3.01 -22.64
N ALA A 258 -8.12 -2.54 -21.81
CA ALA A 258 -6.89 -3.30 -21.55
C ALA A 258 -7.15 -4.51 -20.68
N TYR A 259 -8.01 -4.38 -19.67
CA TYR A 259 -8.30 -5.49 -18.77
C TYR A 259 -8.92 -6.67 -19.51
N TYR A 260 -9.87 -6.39 -20.41
CA TYR A 260 -10.45 -7.47 -21.20
C TYR A 260 -9.61 -7.84 -22.40
N GLN A 261 -8.77 -6.94 -22.90
CA GLN A 261 -7.75 -7.34 -23.88
C GLN A 261 -6.83 -8.40 -23.30
N ARG A 262 -6.46 -8.25 -22.03
CA ARG A 262 -5.65 -9.26 -21.35
C ARG A 262 -6.33 -10.62 -21.40
N TYR A 263 -7.63 -10.65 -21.16
CA TYR A 263 -8.37 -11.90 -21.21
C TYR A 263 -8.43 -12.44 -22.63
N ALA A 264 -8.67 -11.56 -23.60
CA ALA A 264 -8.90 -11.99 -24.97
C ALA A 264 -7.63 -12.50 -25.63
N ILE A 265 -6.45 -12.01 -25.21
CA ILE A 265 -5.25 -12.41 -25.96
C ILE A 265 -4.91 -13.87 -25.72
N TRP A 266 -5.40 -14.46 -24.62
CA TRP A 266 -4.98 -15.80 -24.22
C TRP A 266 -5.37 -16.88 -25.23
N PRO A 267 -6.65 -17.06 -25.60
CA PRO A 267 -6.95 -18.11 -26.60
C PRO A 267 -6.32 -17.80 -27.96
N PHE A 268 -6.11 -16.52 -28.30
CA PHE A 268 -5.44 -16.19 -29.55
C PHE A 268 -4.05 -16.79 -29.58
N VAL A 269 -3.24 -16.56 -28.53
CA VAL A 269 -1.86 -17.03 -28.62
C VAL A 269 -1.77 -18.54 -28.48
N ILE A 270 -2.63 -19.16 -27.66
CA ILE A 270 -2.63 -20.62 -27.53
C ILE A 270 -2.92 -21.27 -28.88
N PHE A 271 -4.02 -20.86 -29.52
CA PHE A 271 -4.40 -21.48 -30.78
C PHE A 271 -3.40 -21.13 -31.88
N ALA A 272 -2.90 -19.89 -31.91
CA ALA A 272 -1.91 -19.53 -32.91
C ALA A 272 -0.66 -20.40 -32.80
N GLN A 273 -0.22 -20.70 -31.58
CA GLN A 273 0.93 -21.60 -31.45
C GLN A 273 0.62 -22.98 -32.02
N CYS A 274 -0.59 -23.48 -31.78
CA CYS A 274 -0.96 -24.77 -32.38
C CYS A 274 -0.94 -24.71 -33.90
N ILE A 275 -1.50 -23.63 -34.46
CA ILE A 275 -1.53 -23.47 -35.91
C ILE A 275 -0.12 -23.41 -36.47
N GLU A 276 0.77 -22.72 -35.77
CA GLU A 276 2.15 -22.60 -36.26
C GLU A 276 2.84 -23.96 -36.25
N ASN A 277 2.54 -24.79 -35.25
CA ASN A 277 3.13 -26.13 -35.22
C ASN A 277 2.59 -27.01 -36.35
N LYS A 278 1.29 -26.94 -36.64
CA LYS A 278 0.70 -27.89 -37.60
C LYS A 278 0.63 -27.34 -39.03
N LEU A 279 0.52 -26.02 -39.19
CA LEU A 279 0.32 -25.39 -40.49
C LEU A 279 1.29 -24.22 -40.61
N PRO A 280 2.59 -24.49 -40.59
CA PRO A 280 3.58 -23.39 -40.63
C PRO A 280 3.45 -22.47 -41.83
N ASP A 281 2.97 -22.97 -42.97
CA ASP A 281 2.91 -22.14 -44.17
C ASP A 281 1.78 -21.12 -44.13
N LEU A 282 0.85 -21.20 -43.18
CA LEU A 282 -0.14 -20.14 -43.01
C LEU A 282 0.47 -18.85 -42.48
N LYS A 283 1.66 -18.91 -41.89
CA LYS A 283 2.35 -17.76 -41.30
C LYS A 283 1.41 -16.98 -40.37
N ILE A 284 0.80 -17.71 -39.44
CA ILE A 284 -0.21 -17.11 -38.57
C ILE A 284 0.36 -15.92 -37.79
N PHE A 285 1.62 -15.99 -37.40
CA PHE A 285 2.18 -14.89 -36.61
C PHE A 285 2.62 -13.70 -37.45
N ASN A 286 2.52 -13.79 -38.79
CA ASN A 286 2.65 -12.62 -39.65
C ASN A 286 1.30 -12.03 -40.02
N TYR A 287 0.21 -12.75 -39.73
CA TYR A 287 -1.07 -12.33 -40.27
C TYR A 287 -1.42 -10.92 -39.78
N ARG A 288 -1.96 -10.12 -40.70
CA ARG A 288 -2.38 -8.76 -40.43
C ARG A 288 -1.23 -8.01 -39.76
N ASP A 289 -0.07 -8.03 -40.43
CA ASP A 289 1.08 -7.25 -39.99
C ASP A 289 1.43 -7.63 -38.55
N SER A 290 1.37 -8.94 -38.28
CA SER A 290 1.70 -9.49 -36.96
C SER A 290 0.82 -8.88 -35.88
N ILE A 291 -0.50 -8.93 -36.11
CA ILE A 291 -1.45 -8.32 -35.18
C ILE A 291 -1.31 -8.88 -33.76
N LEU A 292 -1.00 -10.17 -33.60
CA LEU A 292 -0.86 -10.70 -32.24
C LEU A 292 0.31 -10.03 -31.52
N SER A 293 1.44 -9.86 -32.21
CA SER A 293 2.54 -9.13 -31.60
C SER A 293 2.10 -7.71 -31.23
N LYS A 294 1.34 -7.07 -32.12
CA LYS A 294 0.89 -5.72 -31.81
C LYS A 294 0.00 -5.73 -30.59
N ALA A 295 -0.86 -6.75 -30.46
CA ALA A 295 -1.72 -6.78 -29.29
C ALA A 295 -0.87 -6.81 -28.03
N LEU A 296 0.17 -7.64 -28.01
CA LEU A 296 0.98 -7.73 -26.80
C LEU A 296 1.68 -6.41 -26.57
N SER A 297 2.22 -5.82 -27.64
CA SER A 297 2.93 -4.56 -27.47
C SER A 297 1.99 -3.50 -26.94
N THR A 298 0.75 -3.48 -27.45
CA THR A 298 -0.20 -2.48 -26.97
C THR A 298 -0.52 -2.69 -25.50
N LEU A 299 -0.66 -3.96 -25.09
CA LEU A 299 -0.91 -4.22 -23.67
C LEU A 299 0.22 -3.66 -22.82
N ILE A 300 1.47 -3.81 -23.28
CA ILE A 300 2.58 -3.31 -22.47
C ILE A 300 2.56 -1.79 -22.45
N GLN A 301 2.25 -1.16 -23.58
CA GLN A 301 2.24 0.30 -23.65
C GLN A 301 1.01 0.90 -22.96
N LEU A 302 0.03 0.09 -22.60
CA LEU A 302 -1.11 0.52 -21.82
C LEU A 302 -1.00 0.06 -20.37
N SER A 303 0.22 -0.03 -19.84
CA SER A 303 0.45 -0.41 -18.46
C SER A 303 1.41 0.56 -17.78
N TYR A 304 1.32 0.63 -16.46
CA TYR A 304 2.21 1.48 -15.67
C TYR A 304 2.60 0.69 -14.44
N GLU A 305 3.90 0.52 -14.21
CA GLU A 305 4.42 -0.30 -13.12
C GLU A 305 3.81 -1.71 -13.19
N GLY A 306 3.61 -2.19 -14.41
CA GLY A 306 3.12 -3.53 -14.66
C GLY A 306 1.63 -3.68 -14.58
N GLU A 307 0.90 -2.62 -14.26
CA GLU A 307 -0.54 -2.67 -14.05
C GLU A 307 -1.24 -1.98 -15.22
N PHE A 308 -2.27 -2.61 -15.76
CA PHE A 308 -2.95 -2.03 -16.92
C PHE A 308 -3.72 -0.79 -16.50
N PHE A 309 -3.75 0.20 -17.38
CA PHE A 309 -4.61 1.36 -17.15
C PHE A 309 -6.04 0.87 -16.98
N HIS A 310 -6.70 1.34 -15.91
CA HIS A 310 -8.02 0.82 -15.53
C HIS A 310 -9.13 1.55 -16.28
N ILE A 311 -9.05 1.46 -17.61
CA ILE A 311 -10.05 2.04 -18.49
C ILE A 311 -11.19 1.05 -18.66
N ASN A 312 -12.42 1.58 -18.72
CA ASN A 312 -13.64 0.77 -18.80
C ASN A 312 -13.74 -0.18 -17.61
N ASP A 313 -14.50 -1.28 -17.73
CA ASP A 313 -14.56 -2.21 -16.60
C ASP A 313 -13.18 -2.82 -16.41
N ALA A 314 -12.64 -2.70 -15.21
CA ALA A 314 -11.29 -3.19 -14.96
C ALA A 314 -11.12 -3.44 -13.48
N LEU A 315 -10.37 -4.49 -13.16
CA LEU A 315 -9.93 -4.80 -11.81
C LEU A 315 -8.41 -4.92 -11.80
N LEU A 316 -7.85 -5.15 -10.62
CA LEU A 316 -6.41 -5.34 -10.46
C LEU A 316 -5.91 -6.43 -11.40
N LYS A 317 -5.01 -6.06 -12.30
CA LYS A 317 -4.55 -6.99 -13.33
C LYS A 317 -3.42 -6.32 -14.11
N GLY A 318 -2.42 -7.12 -14.46
CA GLY A 318 -1.28 -6.57 -15.14
C GLY A 318 -0.43 -7.60 -15.85
N LEU A 319 0.83 -7.24 -16.04
CA LEU A 319 1.76 -8.06 -16.80
C LEU A 319 2.09 -9.37 -16.09
N SER A 320 1.73 -9.52 -14.82
CA SER A 320 1.96 -10.77 -14.09
C SER A 320 0.92 -11.84 -14.38
N ALA A 321 -0.17 -11.49 -15.06
CA ALA A 321 -1.27 -12.44 -15.24
C ALA A 321 -0.83 -13.60 -16.13
N GLN A 322 -1.42 -14.77 -15.88
CA GLN A 322 -1.01 -15.95 -16.64
C GLN A 322 -1.27 -15.80 -18.14
N GLU A 323 -2.32 -15.06 -18.52
CA GLU A 323 -2.54 -14.80 -19.94
C GLU A 323 -1.35 -14.10 -20.57
N LEU A 324 -0.69 -13.23 -19.80
CA LEU A 324 0.47 -12.51 -20.31
C LEU A 324 1.74 -13.36 -20.26
N VAL A 325 1.82 -14.35 -19.36
CA VAL A 325 2.90 -15.33 -19.44
C VAL A 325 2.80 -16.12 -20.74
N TYR A 326 1.59 -16.57 -21.08
CA TYR A 326 1.38 -17.22 -22.38
C TYR A 326 1.78 -16.31 -23.52
N ALA A 327 1.27 -15.07 -23.52
CA ALA A 327 1.56 -14.17 -24.64
C ALA A 327 3.05 -13.91 -24.77
N VAL A 328 3.72 -13.61 -23.66
CA VAL A 328 5.14 -13.30 -23.72
C VAL A 328 5.95 -14.50 -24.19
N ASP A 329 5.70 -15.67 -23.62
CA ASP A 329 6.57 -16.79 -23.95
C ASP A 329 6.36 -17.23 -25.40
N ILE A 330 5.10 -17.26 -25.85
CA ILE A 330 4.83 -17.67 -27.22
C ILE A 330 5.38 -16.64 -28.21
N LEU A 331 5.12 -15.35 -27.98
CA LEU A 331 5.51 -14.34 -28.95
C LEU A 331 7.00 -14.05 -28.93
N TYR A 332 7.67 -14.13 -27.76
CA TYR A 332 9.12 -14.00 -27.76
C TYR A 332 9.75 -15.15 -28.53
N ASN A 333 9.23 -16.37 -28.35
CA ASN A 333 9.75 -17.49 -29.11
C ASN A 333 9.62 -17.25 -30.61
N VAL A 334 8.57 -16.55 -31.03
CA VAL A 334 8.39 -16.27 -32.46
C VAL A 334 9.41 -15.24 -32.97
N ASN A 335 9.75 -14.24 -32.15
CA ASN A 335 10.76 -13.25 -32.53
C ASN A 335 11.68 -12.96 -31.36
N PRO A 336 12.73 -13.77 -31.18
CA PRO A 336 13.63 -13.57 -30.05
C PRO A 336 14.52 -12.34 -30.16
N SER A 337 14.42 -11.54 -31.23
CA SER A 337 15.13 -10.27 -31.24
C SER A 337 14.46 -9.21 -30.37
N ASP A 338 13.23 -9.46 -29.92
CA ASP A 338 12.52 -8.51 -29.05
C ASP A 338 12.92 -8.77 -27.60
N LYS A 339 14.11 -8.28 -27.26
CA LYS A 339 14.68 -8.55 -25.94
C LYS A 339 13.93 -7.83 -24.82
N SER A 340 13.13 -6.82 -25.16
CA SER A 340 12.33 -6.14 -24.14
C SER A 340 11.33 -7.09 -23.49
N LEU A 341 10.84 -8.08 -24.23
CA LEU A 341 9.91 -9.03 -23.65
C LEU A 341 10.55 -9.81 -22.51
N LEU A 342 11.87 -10.03 -22.58
CA LEU A 342 12.56 -10.70 -21.48
C LEU A 342 12.45 -9.88 -20.20
N SER A 343 12.51 -8.55 -20.32
CA SER A 343 12.35 -7.72 -19.13
C SER A 343 10.94 -7.84 -18.58
N VAL A 344 9.92 -7.92 -19.47
CA VAL A 344 8.57 -8.12 -18.98
C VAL A 344 8.52 -9.39 -18.14
N ALA A 345 9.17 -10.45 -18.62
CA ALA A 345 9.10 -11.71 -17.89
C ALA A 345 9.89 -11.61 -16.59
N ASN A 346 11.04 -10.92 -16.63
CA ASN A 346 11.93 -10.96 -15.47
C ASN A 346 11.45 -10.02 -14.37
N LYS A 347 10.80 -8.93 -14.75
CA LYS A 347 10.35 -7.93 -13.77
C LYS A 347 8.99 -8.27 -13.18
N TYR A 348 8.08 -8.86 -13.97
CA TYR A 348 6.70 -9.02 -13.53
C TYR A 348 6.18 -10.45 -13.47
N GLN A 349 6.84 -11.41 -14.10
CA GLN A 349 6.24 -12.73 -14.21
C GLN A 349 6.92 -13.78 -13.35
N HIS A 350 8.24 -13.92 -13.47
CA HIS A 350 9.01 -14.89 -12.68
C HIS A 350 8.50 -16.32 -12.84
N THR A 351 7.88 -16.63 -13.98
CA THR A 351 7.39 -17.97 -14.25
C THR A 351 7.32 -18.14 -15.76
N TYR A 352 7.33 -19.39 -16.22
CA TYR A 352 7.58 -19.71 -17.62
C TYR A 352 6.74 -20.91 -18.01
N LEU A 353 6.26 -20.91 -19.26
CA LEU A 353 5.51 -22.04 -19.77
C LEU A 353 6.42 -23.27 -19.84
N PRO A 354 5.86 -24.47 -19.68
CA PRO A 354 6.65 -25.70 -19.93
C PRO A 354 6.75 -26.03 -21.41
N THR A 355 7.32 -25.10 -22.18
CA THR A 355 7.44 -25.21 -23.63
C THR A 355 8.82 -24.70 -24.03
N SER A 356 9.15 -24.91 -25.32
CA SER A 356 10.39 -24.38 -25.87
C SER A 356 10.48 -22.88 -25.66
N GLY A 357 9.36 -22.17 -25.83
CA GLY A 357 9.37 -20.73 -25.68
C GLY A 357 9.62 -20.28 -24.25
N GLY A 358 8.96 -20.92 -23.29
CA GLY A 358 9.24 -20.62 -21.89
C GLY A 358 10.68 -20.92 -21.51
N PHE A 359 11.21 -22.06 -21.99
CA PHE A 359 12.61 -22.36 -21.77
C PHE A 359 13.51 -21.27 -22.37
N LYS A 360 13.19 -20.81 -23.58
CA LYS A 360 14.04 -19.83 -24.25
C LYS A 360 14.01 -18.49 -23.51
N VAL A 361 12.83 -18.11 -23.01
CA VAL A 361 12.74 -16.87 -22.24
C VAL A 361 13.62 -16.96 -20.99
N ALA A 362 13.44 -18.02 -20.19
CA ALA A 362 14.24 -18.15 -18.98
C ALA A 362 15.73 -18.23 -19.30
N ARG A 363 16.08 -18.94 -20.37
CA ARG A 363 17.49 -19.11 -20.73
C ARG A 363 18.11 -17.78 -21.16
N ASP A 364 17.39 -17.02 -21.99
CA ASP A 364 17.96 -15.77 -22.48
C ASP A 364 18.04 -14.73 -21.38
N ILE A 365 17.10 -14.76 -20.43
CA ILE A 365 17.26 -13.93 -19.23
C ILE A 365 18.57 -14.28 -18.52
N ALA A 366 18.80 -15.58 -18.29
CA ALA A 366 20.00 -15.99 -17.56
C ALA A 366 21.28 -15.62 -18.31
N ARG A 367 21.23 -15.56 -19.64
CA ARG A 367 22.37 -15.13 -20.44
C ARG A 367 22.57 -13.62 -20.46
N GLY A 368 21.78 -12.87 -19.72
CA GLY A 368 21.95 -11.43 -19.65
C GLY A 368 21.43 -10.65 -20.83
N GLU A 369 20.51 -11.22 -21.61
CA GLU A 369 20.08 -10.60 -22.86
C GLU A 369 18.91 -9.63 -22.70
N ALA A 370 18.32 -9.51 -21.52
CA ALA A 370 17.13 -8.66 -21.37
C ALA A 370 17.47 -7.21 -21.66
N ALA A 371 16.60 -6.56 -22.43
CA ALA A 371 16.71 -5.14 -22.74
C ALA A 371 15.63 -4.36 -21.98
N PRO A 372 15.87 -3.10 -21.65
CA PRO A 372 14.86 -2.35 -20.90
C PRO A 372 13.57 -2.20 -21.69
N ILE A 373 12.45 -2.18 -20.97
CA ILE A 373 11.17 -1.88 -21.59
C ILE A 373 11.13 -0.40 -21.96
N ILE A 374 10.83 -0.10 -23.22
CA ILE A 374 10.77 1.27 -23.70
C ILE A 374 9.31 1.69 -23.78
N TYR A 375 8.88 2.56 -22.87
CA TYR A 375 7.52 3.08 -22.92
C TYR A 375 7.52 4.37 -23.74
N ARG A 376 6.67 4.41 -24.76
CA ARG A 376 6.68 5.47 -25.76
C ARG A 376 5.31 6.13 -25.80
N SER A 377 5.29 7.46 -25.88
CA SER A 377 4.03 8.15 -26.14
C SER A 377 3.40 7.60 -27.42
N SER A 378 2.10 7.34 -27.36
CA SER A 378 1.45 6.59 -28.42
C SER A 378 0.00 7.04 -28.59
N VAL A 379 -0.55 6.83 -29.78
CA VAL A 379 -1.99 6.85 -30.00
C VAL A 379 -2.39 5.47 -30.49
N PHE A 380 -3.32 4.84 -29.77
CA PHE A 380 -3.85 3.53 -30.15
C PHE A 380 -5.25 3.78 -30.69
N ARG A 381 -5.41 3.57 -31.98
CA ARG A 381 -6.70 3.80 -32.61
C ARG A 381 -7.69 2.70 -32.23
N ASP A 382 -8.97 3.09 -32.17
CA ASP A 382 -10.09 2.23 -31.84
C ASP A 382 -10.87 1.96 -33.11
N GLY A 383 -11.68 0.91 -33.08
CA GLY A 383 -12.39 0.48 -34.28
C GLY A 383 -11.58 -0.48 -35.13
N ARG A 384 -12.30 -1.40 -35.78
CA ARG A 384 -11.64 -2.42 -36.60
C ARG A 384 -10.73 -1.81 -37.64
N LYS A 385 -11.15 -0.70 -38.24
CA LYS A 385 -10.37 -0.01 -39.25
C LYS A 385 -9.55 1.14 -38.68
N GLY A 386 -9.57 1.35 -37.37
CA GLY A 386 -8.76 2.40 -36.81
C GLY A 386 -9.35 3.79 -36.90
N ASP A 387 -10.65 3.92 -37.21
CA ASP A 387 -11.26 5.21 -37.50
C ASP A 387 -12.39 5.57 -36.54
N GLU A 388 -12.42 4.97 -35.35
CA GLU A 388 -13.50 5.19 -34.40
C GLU A 388 -12.93 5.59 -33.04
N GLY A 389 -12.13 6.65 -33.02
CA GLY A 389 -11.57 7.13 -31.78
C GLY A 389 -10.23 6.51 -31.46
N GLY A 390 -9.79 6.72 -30.23
CA GLY A 390 -8.49 6.21 -29.79
C GLY A 390 -8.21 6.54 -28.34
N VAL A 391 -7.12 5.94 -27.86
CA VAL A 391 -6.53 6.27 -26.56
C VAL A 391 -5.16 6.85 -26.81
N ALA A 392 -4.87 7.98 -26.19
CA ALA A 392 -3.56 8.61 -26.34
C ALA A 392 -2.84 8.59 -25.01
N VAL A 393 -1.54 8.33 -25.03
CA VAL A 393 -0.72 8.27 -23.83
C VAL A 393 0.54 9.10 -24.05
N ILE A 394 0.79 10.06 -23.16
CA ILE A 394 2.06 10.78 -23.14
C ILE A 394 2.92 10.16 -22.05
N ARG A 395 4.16 9.82 -22.40
CA ARG A 395 5.10 9.17 -21.50
C ARG A 395 6.23 10.13 -21.16
N SER A 396 6.71 10.06 -19.92
CA SER A 396 7.92 10.80 -19.58
C SER A 396 9.09 10.35 -20.46
N THR A 397 9.97 11.30 -20.78
CA THR A 397 11.13 11.05 -21.61
C THR A 397 12.45 11.21 -20.86
N ASP A 398 12.41 11.79 -19.66
CA ASP A 398 13.57 11.94 -18.79
C ASP A 398 13.74 10.67 -17.96
N SER A 399 14.89 10.01 -18.08
CA SER A 399 15.08 8.71 -17.42
C SER A 399 15.09 8.81 -15.90
N ASN A 400 15.20 10.01 -15.34
CA ASN A 400 15.07 10.18 -13.90
C ASN A 400 13.62 10.17 -13.43
N LEU A 401 12.66 10.26 -14.36
CA LEU A 401 11.24 10.36 -14.06
C LEU A 401 10.51 9.10 -14.52
N ASN A 402 9.26 8.98 -14.08
CA ASN A 402 8.44 7.81 -14.45
C ASN A 402 6.99 8.24 -14.38
N SER A 403 6.48 8.73 -15.52
CA SER A 403 5.16 9.34 -15.54
C SER A 403 4.43 8.92 -16.81
N ALA A 404 3.10 8.99 -16.73
CA ALA A 404 2.23 8.73 -17.86
C ALA A 404 0.97 9.58 -17.70
N LEU A 405 0.47 10.07 -18.82
CA LEU A 405 -0.71 10.91 -18.86
C LEU A 405 -1.61 10.35 -19.95
N THR A 406 -2.84 10.00 -19.62
CA THR A 406 -3.71 9.35 -20.61
C THR A 406 -4.92 10.19 -20.93
N LEU A 407 -5.38 10.06 -22.17
CA LEU A 407 -6.57 10.72 -22.69
C LEU A 407 -7.37 9.70 -23.49
N LYS A 408 -8.59 9.40 -23.03
CA LYS A 408 -9.40 8.33 -23.62
C LYS A 408 -10.53 8.94 -24.43
N ALA A 409 -10.56 8.69 -25.75
CA ALA A 409 -11.55 9.27 -26.65
C ALA A 409 -12.01 8.20 -27.63
N THR A 410 -12.66 7.16 -27.10
CA THR A 410 -12.86 5.90 -27.80
C THR A 410 -14.31 5.74 -28.25
N SER A 411 -14.56 4.63 -28.93
CA SER A 411 -15.90 4.11 -29.09
CA SER A 411 -15.92 4.12 -29.09
C SER A 411 -16.44 3.68 -27.72
N HIS A 412 -17.68 3.20 -27.67
CA HIS A 412 -18.27 2.94 -26.36
C HIS A 412 -17.48 1.89 -25.59
N GLY A 413 -17.20 0.77 -26.23
CA GLY A 413 -16.55 -0.34 -25.58
C GLY A 413 -17.45 -1.54 -25.26
N LEU A 414 -18.55 -1.73 -25.99
CA LEU A 414 -19.47 -2.85 -25.80
C LEU A 414 -19.94 -2.90 -24.34
N SER A 415 -20.22 -4.10 -23.80
CA SER A 415 -20.94 -4.18 -22.53
C SER A 415 -20.14 -3.62 -21.36
N HIS A 416 -18.83 -3.48 -21.52
CA HIS A 416 -17.96 -3.03 -20.43
C HIS A 416 -17.64 -1.56 -20.50
N GLY A 417 -18.24 -0.84 -21.44
CA GLY A 417 -17.83 0.52 -21.70
C GLY A 417 -18.34 1.47 -20.62
N HIS A 418 -17.52 2.47 -20.33
CA HIS A 418 -17.87 3.54 -19.40
C HIS A 418 -18.31 4.76 -20.21
N PHE A 419 -19.07 5.64 -19.55
CA PHE A 419 -19.57 6.87 -20.18
C PHE A 419 -18.57 7.98 -19.85
N ASP A 420 -17.46 7.99 -20.59
CA ASP A 420 -16.24 8.64 -20.12
C ASP A 420 -15.48 9.38 -21.23
N LYS A 421 -16.18 9.98 -22.19
CA LYS A 421 -15.48 10.66 -23.28
C LYS A 421 -14.52 11.71 -22.76
N LEU A 422 -13.28 11.67 -23.27
CA LEU A 422 -12.23 12.65 -22.99
C LEU A 422 -11.65 12.53 -21.59
N THR A 423 -11.91 11.42 -20.88
CA THR A 423 -11.37 11.32 -19.52
C THR A 423 -9.84 11.20 -19.52
N MET A 424 -9.23 11.78 -18.50
CA MET A 424 -7.78 11.79 -18.37
C MET A 424 -7.33 11.15 -17.07
N ALA A 425 -6.10 10.63 -17.08
CA ALA A 425 -5.53 10.06 -15.87
C ALA A 425 -4.06 10.40 -15.82
N TYR A 426 -3.52 10.49 -14.61
CA TYR A 426 -2.12 10.84 -14.41
C TYR A 426 -1.46 9.87 -13.44
N TYR A 427 -0.29 9.36 -13.84
CA TYR A 427 0.51 8.36 -13.12
C TYR A 427 1.90 8.95 -12.95
N ASP A 428 2.45 8.87 -11.74
CA ASP A 428 3.76 9.47 -11.49
C ASP A 428 4.41 8.83 -10.28
N ASN A 429 5.73 8.68 -10.33
CA ASN A 429 6.51 8.35 -9.13
C ASN A 429 6.13 6.97 -8.59
N GLY A 430 5.63 6.11 -9.49
CA GLY A 430 5.21 4.76 -9.15
C GLY A 430 3.76 4.62 -8.77
N ASN A 431 3.00 5.72 -8.75
CA ASN A 431 1.66 5.75 -8.19
C ASN A 431 0.64 6.26 -9.21
N GLU A 432 -0.60 5.84 -9.06
CA GLU A 432 -1.71 6.48 -9.76
C GLU A 432 -2.08 7.73 -8.97
N ILE A 433 -1.93 8.91 -9.58
CA ILE A 433 -2.14 10.19 -8.90
C ILE A 433 -3.55 10.72 -9.14
N LEU A 434 -3.96 10.81 -10.42
CA LEU A 434 -5.32 11.21 -10.77
C LEU A 434 -5.95 10.02 -11.47
N PRO A 435 -6.72 9.18 -10.77
CA PRO A 435 -7.06 7.84 -11.27
C PRO A 435 -8.37 7.72 -12.07
N ASP A 436 -8.48 6.58 -12.78
CA ASP A 436 -9.71 5.97 -13.32
C ASP A 436 -10.15 4.83 -12.39
N TYR A 437 -11.42 4.85 -11.96
CA TYR A 437 -11.85 3.96 -10.86
C TYR A 437 -11.81 2.49 -11.23
N GLY A 438 -12.11 2.15 -12.48
CA GLY A 438 -12.30 0.75 -12.82
C GLY A 438 -13.71 0.28 -12.53
N ALA A 439 -13.88 -1.01 -12.25
CA ALA A 439 -15.20 -1.58 -11.98
C ALA A 439 -15.44 -1.74 -10.48
N SER A 440 -16.72 -1.82 -10.12
CA SER A 440 -17.12 -2.28 -8.79
C SER A 440 -17.49 -3.75 -8.92
N ARG A 441 -16.63 -4.62 -8.40
CA ARG A 441 -16.85 -6.06 -8.47
C ARG A 441 -15.85 -6.73 -7.54
N PHE A 442 -16.31 -7.75 -6.82
CA PHE A 442 -15.50 -8.44 -5.82
C PHE A 442 -15.35 -9.88 -6.28
N LEU A 443 -14.32 -10.08 -7.12
CA LEU A 443 -14.15 -11.32 -7.86
C LEU A 443 -14.09 -12.51 -6.92
N ASN A 444 -14.94 -13.51 -7.19
CA ASN A 444 -14.98 -14.78 -6.47
C ASN A 444 -15.35 -14.64 -5.00
N ILE A 445 -15.96 -13.54 -4.58
CA ILE A 445 -16.45 -13.40 -3.22
C ILE A 445 -17.96 -13.57 -3.27
N GLU A 446 -18.43 -14.79 -3.03
CA GLU A 446 -19.85 -15.10 -3.17
C GLU A 446 -20.72 -14.20 -2.29
N ALA A 447 -20.23 -13.84 -1.11
CA ALA A 447 -21.01 -13.01 -0.19
C ALA A 447 -21.23 -11.60 -0.72
N LYS A 448 -20.47 -11.15 -1.72
CA LYS A 448 -20.62 -9.82 -2.28
C LYS A 448 -21.19 -9.96 -3.69
N TYR A 449 -22.51 -10.02 -3.77
CA TYR A 449 -23.25 -10.04 -5.04
C TYR A 449 -22.81 -11.22 -5.92
N LYS A 450 -22.50 -12.35 -5.26
CA LYS A 450 -22.08 -13.59 -5.92
C LYS A 450 -20.89 -13.36 -6.87
N GLY A 451 -20.05 -12.37 -6.55
CA GLY A 451 -18.88 -12.10 -7.36
C GLY A 451 -19.15 -11.43 -8.68
N HIS A 452 -20.39 -11.05 -8.98
CA HIS A 452 -20.72 -10.39 -10.23
C HIS A 452 -20.47 -8.90 -10.13
N TYR A 453 -20.43 -8.25 -11.30
CA TYR A 453 -20.48 -6.80 -11.33
C TYR A 453 -21.67 -6.33 -10.50
N THR A 454 -21.41 -5.43 -9.55
CA THR A 454 -22.41 -5.01 -8.59
C THR A 454 -23.37 -4.01 -9.22
N ARG A 455 -24.47 -3.75 -8.50
CA ARG A 455 -25.37 -2.68 -8.92
C ARG A 455 -24.64 -1.36 -9.03
N GLU A 456 -23.64 -1.14 -8.18
CA GLU A 456 -22.93 0.13 -8.18
C GLU A 456 -21.89 0.22 -9.30
N ASN A 457 -21.58 -0.89 -9.98
CA ASN A 457 -20.79 -0.75 -11.18
C ASN A 457 -21.57 0.04 -12.22
N GLN A 458 -22.86 -0.27 -12.38
CA GLN A 458 -23.70 0.52 -13.27
C GLN A 458 -24.01 1.89 -12.69
N SER A 459 -24.41 1.95 -11.41
CA SER A 459 -24.93 3.23 -10.94
C SER A 459 -23.84 4.23 -10.57
N PHE A 460 -22.60 3.78 -10.37
CA PHE A 460 -21.50 4.71 -10.12
C PHE A 460 -20.34 4.53 -11.10
N ALA A 461 -19.70 3.35 -11.14
CA ALA A 461 -18.37 3.26 -11.76
C ALA A 461 -18.40 3.60 -13.25
N LYS A 462 -19.49 3.28 -13.94
CA LYS A 462 -19.63 3.57 -15.37
C LYS A 462 -20.02 5.01 -15.64
N GLN A 463 -20.54 5.73 -14.65
CA GLN A 463 -21.10 7.05 -14.87
C GLN A 463 -20.00 8.08 -15.05
N THR A 464 -20.36 9.17 -15.73
CA THR A 464 -19.35 10.17 -16.08
C THR A 464 -18.70 10.79 -14.85
N ILE A 465 -19.49 11.07 -13.81
CA ILE A 465 -18.95 11.75 -12.62
C ILE A 465 -17.90 10.93 -11.92
N ALA A 466 -17.84 9.62 -12.20
CA ALA A 466 -16.77 8.81 -11.63
C ALA A 466 -15.43 9.06 -12.30
N HIS A 467 -15.41 9.82 -13.39
CA HIS A 467 -14.22 10.00 -14.21
C HIS A 467 -13.74 11.44 -14.14
N ASN A 468 -12.54 11.67 -14.70
CA ASN A 468 -11.97 13.02 -14.78
C ASN A 468 -12.33 13.60 -16.14
N THR A 469 -13.58 14.03 -16.28
CA THR A 469 -14.03 14.66 -17.53
C THR A 469 -15.28 15.46 -17.25
N LEU A 470 -15.72 16.21 -18.26
CA LEU A 470 -16.82 17.16 -18.10
C LEU A 470 -18.16 16.45 -17.89
N VAL A 471 -18.94 16.94 -16.91
CA VAL A 471 -20.30 16.46 -16.68
C VAL A 471 -21.25 17.65 -16.80
N VAL A 472 -22.26 17.51 -17.65
CA VAL A 472 -23.19 18.60 -17.93
C VAL A 472 -24.54 18.29 -17.27
N ASP A 473 -25.04 19.23 -16.48
CA ASP A 473 -26.39 19.16 -15.89
C ASP A 473 -26.62 17.85 -15.13
N GLU A 474 -25.60 17.39 -14.40
CA GLU A 474 -25.69 16.20 -13.55
C GLU A 474 -26.20 14.99 -14.34
N THR A 475 -25.74 14.87 -15.60
CA THR A 475 -26.18 13.82 -16.51
C THR A 475 -24.95 13.19 -17.14
N SER A 476 -24.92 11.87 -17.20
CA SER A 476 -23.80 11.20 -17.86
C SER A 476 -23.83 11.42 -19.36
N HIS A 477 -22.66 11.27 -19.98
CA HIS A 477 -22.55 11.23 -21.43
C HIS A 477 -23.54 10.26 -22.03
N PHE A 478 -24.19 10.68 -23.12
CA PHE A 478 -25.19 9.87 -23.81
C PHE A 478 -26.34 9.48 -22.88
N ALA A 479 -26.55 10.29 -21.84
CA ALA A 479 -27.55 10.04 -20.81
C ALA A 479 -27.38 8.67 -20.17
N GLY A 480 -26.15 8.15 -20.19
CA GLY A 480 -25.89 6.83 -19.62
C GLY A 480 -26.58 5.68 -20.31
N ASP A 481 -26.93 5.82 -21.60
CA ASP A 481 -27.61 4.77 -22.36
C ASP A 481 -26.61 4.08 -23.29
N ILE A 482 -26.40 2.78 -23.07
CA ILE A 482 -25.39 2.06 -23.85
C ILE A 482 -25.75 2.04 -25.33
N LYS A 483 -27.03 1.92 -25.66
CA LYS A 483 -27.39 1.81 -27.07
C LYS A 483 -27.17 3.13 -27.81
N VAL A 484 -27.38 4.26 -27.15
CA VAL A 484 -27.06 5.56 -27.74
C VAL A 484 -25.55 5.72 -27.86
N SER A 485 -24.83 5.49 -26.76
CA SER A 485 -23.38 5.65 -26.76
C SER A 485 -22.72 4.78 -27.81
N SER A 486 -23.25 3.58 -28.04
CA SER A 486 -22.66 2.65 -28.99
C SER A 486 -22.77 3.14 -30.43
N ARG A 487 -23.55 4.19 -30.69
CA ARG A 487 -23.59 4.78 -32.03
C ARG A 487 -22.34 5.60 -32.35
N TYR A 488 -21.60 6.04 -31.33
CA TYR A 488 -20.69 7.16 -31.47
C TYR A 488 -19.31 6.87 -30.90
N HIS A 489 -18.36 7.70 -31.31
CA HIS A 489 -17.00 7.68 -30.78
C HIS A 489 -16.50 9.11 -30.70
N SER A 490 -15.61 9.37 -29.76
CA SER A 490 -14.86 10.62 -29.77
C SER A 490 -13.73 10.55 -30.80
N ASP A 491 -12.96 11.62 -30.92
CA ASP A 491 -11.82 11.65 -31.82
C ASP A 491 -10.59 12.19 -31.10
N ILE A 492 -9.43 11.58 -31.33
CA ILE A 492 -8.16 12.25 -31.05
C ILE A 492 -7.87 13.08 -32.29
N ILE A 493 -7.91 14.41 -32.16
CA ILE A 493 -7.83 15.25 -33.34
C ILE A 493 -6.44 15.81 -33.59
N TYR A 494 -5.56 15.79 -32.58
CA TYR A 494 -4.21 16.31 -32.80
C TYR A 494 -3.27 15.71 -31.77
N HIS A 495 -2.02 15.46 -32.17
CA HIS A 495 -1.01 15.13 -31.18
C HIS A 495 0.35 15.50 -31.71
N ASP A 496 1.25 15.83 -30.78
CA ASP A 496 2.65 16.08 -31.12
C ASP A 496 3.47 15.59 -29.94
N PHE A 497 4.13 14.43 -30.10
CA PHE A 497 4.93 13.85 -29.04
C PHE A 497 6.39 14.23 -29.15
N ASN A 498 6.72 15.15 -30.05
CA ASN A 498 8.11 15.52 -30.31
C ASN A 498 8.25 17.03 -30.42
N GLY A 499 7.66 17.75 -29.47
CA GLY A 499 7.72 19.21 -29.49
C GLY A 499 8.99 19.82 -28.96
N GLY A 500 9.96 19.01 -28.55
CA GLY A 500 11.19 19.53 -27.98
C GLY A 500 11.06 19.78 -26.50
N HIS A 501 10.38 20.86 -26.13
CA HIS A 501 10.12 21.18 -24.73
C HIS A 501 8.73 20.77 -24.28
N PHE A 502 7.96 20.12 -25.14
CA PHE A 502 6.61 19.71 -24.72
C PHE A 502 6.14 18.55 -25.57
N GLN A 503 5.09 17.89 -25.07
CA GLN A 503 4.25 16.98 -25.83
C GLN A 503 2.80 17.43 -25.62
N VAL A 504 1.94 17.18 -26.60
CA VAL A 504 0.56 17.62 -26.48
C VAL A 504 -0.35 16.63 -27.19
N MET A 505 -1.58 16.51 -26.69
CA MET A 505 -2.61 15.70 -27.34
C MET A 505 -3.94 16.39 -27.17
N VAL A 506 -4.81 16.24 -28.18
CA VAL A 506 -6.08 16.95 -28.24
C VAL A 506 -7.16 16.00 -28.72
N ALA A 507 -8.29 16.01 -28.02
CA ALA A 507 -9.45 15.18 -28.34
C ALA A 507 -10.72 16.03 -28.40
N LYS A 508 -11.73 15.54 -29.12
CA LYS A 508 -12.96 16.27 -29.35
C LYS A 508 -14.14 15.31 -29.30
N ASP A 509 -15.26 15.76 -28.73
CA ASP A 509 -16.50 15.00 -28.78
C ASP A 509 -17.70 15.93 -28.97
N THR A 510 -18.58 15.58 -29.92
CA THR A 510 -19.77 16.40 -30.16
C THR A 510 -21.08 15.63 -30.01
N ASN A 511 -21.05 14.37 -29.53
CA ASN A 511 -22.29 13.62 -29.39
C ASN A 511 -22.64 13.22 -27.95
N ALA A 512 -21.68 13.26 -27.03
CA ALA A 512 -21.98 12.95 -25.63
C ALA A 512 -23.15 13.78 -25.12
N TYR A 513 -23.18 15.06 -25.49
CA TYR A 513 -24.28 15.98 -25.18
C TYR A 513 -24.62 16.68 -26.48
N PRO A 514 -25.64 16.22 -27.19
CA PRO A 514 -26.00 16.86 -28.46
C PRO A 514 -26.22 18.35 -28.27
N GLY A 515 -25.60 19.15 -29.13
CA GLY A 515 -25.60 20.59 -29.01
C GLY A 515 -24.39 21.18 -28.32
N ILE A 516 -23.55 20.35 -27.71
CA ILE A 516 -22.39 20.82 -26.97
C ILE A 516 -21.15 20.23 -27.62
N GLU A 517 -20.16 21.08 -27.90
CA GLU A 517 -18.88 20.61 -28.42
C GLU A 517 -17.89 20.62 -27.27
N MET A 518 -17.28 19.47 -26.98
CA MET A 518 -16.27 19.37 -25.95
C MET A 518 -14.91 19.15 -26.61
N LYS A 519 -13.90 19.87 -26.13
CA LYS A 519 -12.53 19.65 -26.58
C LYS A 519 -11.61 19.61 -25.36
N ARG A 520 -10.60 18.75 -25.42
CA ARG A 520 -9.64 18.68 -24.33
C ARG A 520 -8.24 18.66 -24.88
N THR A 521 -7.39 19.55 -24.34
CA THR A 521 -5.99 19.65 -24.70
C THR A 521 -5.16 19.35 -23.47
N LEU A 522 -4.25 18.40 -23.56
CA LEU A 522 -3.33 18.08 -22.47
C LEU A 522 -1.91 18.30 -22.96
N ALA A 523 -1.17 19.19 -22.27
CA ALA A 523 0.21 19.49 -22.60
C ALA A 523 1.12 19.09 -21.45
N TYR A 524 2.23 18.45 -21.78
CA TYR A 524 3.22 17.98 -20.84
C TYR A 524 4.50 18.73 -21.18
N VAL A 525 4.86 19.70 -20.33
CA VAL A 525 5.82 20.76 -20.64
C VAL A 525 7.01 20.66 -19.69
N THR A 526 8.21 20.57 -20.24
CA THR A 526 9.42 20.55 -19.41
C THR A 526 9.96 21.98 -19.35
N THR A 527 9.71 22.65 -18.23
CA THR A 527 10.18 24.02 -18.06
C THR A 527 11.59 24.02 -17.51
N PRO A 528 12.33 25.12 -17.68
CA PRO A 528 13.62 25.25 -17.01
C PRO A 528 13.52 25.72 -15.57
N PHE A 529 12.35 26.12 -15.08
CA PHE A 529 12.27 26.77 -13.78
C PHE A 529 11.50 25.98 -12.72
N LEU A 530 10.74 24.95 -13.10
CA LEU A 530 10.02 24.12 -12.15
C LEU A 530 10.80 22.83 -11.89
N GLN A 531 10.55 22.23 -10.73
CA GLN A 531 11.29 21.04 -10.34
C GLN A 531 11.01 19.85 -11.26
N PHE A 532 9.76 19.67 -11.68
CA PHE A 532 9.31 18.54 -12.47
C PHE A 532 8.46 19.01 -13.63
N PRO A 533 8.28 18.20 -14.68
CA PRO A 533 7.45 18.62 -15.80
C PRO A 533 6.04 19.01 -15.36
N LEU A 534 5.51 20.04 -16.03
CA LEU A 534 4.24 20.66 -15.75
C LEU A 534 3.17 20.07 -16.67
N ILE A 535 1.96 19.90 -16.17
CA ILE A 535 0.85 19.49 -17.04
C ILE A 535 -0.14 20.64 -17.13
N LEU A 536 -0.55 20.99 -18.34
CA LEU A 536 -1.62 21.95 -18.54
C LEU A 536 -2.79 21.20 -19.15
N ASP A 537 -3.99 21.41 -18.59
CA ASP A 537 -5.23 20.83 -19.10
C ASP A 537 -6.13 21.98 -19.50
N VAL A 538 -6.70 21.92 -20.71
CA VAL A 538 -7.65 22.92 -21.17
C VAL A 538 -8.87 22.16 -21.69
N LEU A 539 -9.99 22.28 -20.99
CA LEU A 539 -11.24 21.63 -21.39
C LEU A 539 -12.23 22.71 -21.79
N GLN A 540 -12.53 22.76 -23.09
CA GLN A 540 -13.44 23.76 -23.65
C GLN A 540 -14.80 23.14 -23.87
N ALA A 541 -15.85 23.81 -23.39
CA ALA A 541 -17.22 23.43 -23.66
C ALA A 541 -17.88 24.58 -24.40
N ASN A 542 -18.48 24.28 -25.55
CA ASN A 542 -19.16 25.30 -26.34
C ASN A 542 -20.60 24.88 -26.58
N ALA A 543 -21.53 25.76 -26.21
CA ALA A 543 -22.95 25.48 -26.30
C ALA A 543 -23.69 26.77 -26.64
N ASP A 544 -24.91 26.61 -27.17
CA ASP A 544 -25.78 27.75 -27.43
C ASP A 544 -26.86 27.94 -26.37
N LYS A 545 -26.94 27.05 -25.38
CA LYS A 545 -27.84 27.17 -24.25
C LYS A 545 -27.02 27.11 -22.96
N GLU A 546 -27.59 27.62 -21.87
CA GLU A 546 -26.91 27.63 -20.59
C GLU A 546 -26.95 26.26 -19.93
N HIS A 547 -25.86 25.90 -19.25
CA HIS A 547 -25.74 24.63 -18.56
C HIS A 547 -24.95 24.79 -17.27
N GLN A 548 -25.09 23.79 -16.41
CA GLN A 548 -24.16 23.58 -15.31
C GLN A 548 -23.04 22.66 -15.78
N TYR A 549 -21.80 23.10 -15.61
CA TYR A 549 -20.61 22.37 -16.04
C TYR A 549 -19.82 21.94 -14.80
N ASP A 550 -19.62 20.63 -14.64
CA ASP A 550 -18.82 20.08 -13.56
C ASP A 550 -17.52 19.54 -14.14
N TYR A 551 -16.41 19.90 -13.48
CA TYR A 551 -15.07 19.48 -13.86
C TYR A 551 -14.51 18.74 -12.66
N PRO A 552 -14.61 17.40 -12.63
CA PRO A 552 -14.09 16.64 -11.49
C PRO A 552 -12.66 16.19 -11.71
N ILE A 553 -11.88 16.23 -10.63
CA ILE A 553 -10.55 15.66 -10.60
C ILE A 553 -10.50 14.73 -9.40
N TRP A 554 -10.60 13.43 -9.68
CA TRP A 554 -10.36 12.44 -8.67
C TRP A 554 -8.88 12.39 -8.32
N TYR A 555 -8.57 12.29 -7.03
CA TYR A 555 -7.17 12.29 -6.64
C TYR A 555 -6.90 11.20 -5.62
N ASN A 556 -5.67 10.70 -5.64
CA ASN A 556 -5.15 9.68 -4.73
C ASN A 556 -4.13 10.34 -3.82
N GLY A 557 -4.47 10.53 -2.56
CA GLY A 557 -3.54 11.13 -1.61
C GLY A 557 -4.29 11.83 -0.50
N HIS A 558 -3.54 12.58 0.32
CA HIS A 558 -4.12 13.24 1.48
C HIS A 558 -4.12 14.75 1.28
N PHE A 559 -5.27 15.36 1.59
CA PHE A 559 -5.48 16.79 1.54
C PHE A 559 -4.37 17.53 2.29
N VAL A 560 -3.79 18.57 1.66
CA VAL A 560 -2.84 19.44 2.34
C VAL A 560 -3.43 20.85 2.49
N SER A 561 -3.89 21.45 1.39
CA SER A 561 -4.35 22.83 1.50
C SER A 561 -5.24 23.23 0.32
N LEU A 562 -6.11 24.21 0.57
CA LEU A 562 -6.80 24.99 -0.45
C LEU A 562 -6.46 26.45 -0.24
N ASN A 563 -6.36 27.21 -1.33
CA ASN A 563 -5.95 28.62 -1.23
C ASN A 563 -7.15 29.57 -1.11
N PHE A 564 -8.28 29.10 -0.62
CA PHE A 564 -9.47 29.91 -0.43
C PHE A 564 -10.22 29.35 0.78
N PRO A 565 -11.08 30.15 1.40
CA PRO A 565 -11.81 29.66 2.58
C PRO A 565 -12.85 28.64 2.19
N TYR A 566 -13.06 27.65 3.07
CA TYR A 566 -14.10 26.67 2.79
C TYR A 566 -14.84 26.34 4.07
N ALA A 567 -16.04 25.79 3.90
CA ALA A 567 -16.79 25.19 4.99
C ALA A 567 -16.66 23.67 4.89
N LYS A 568 -16.66 23.02 6.05
CA LYS A 568 -16.52 21.57 6.12
C LYS A 568 -17.70 21.00 6.88
N ALA A 569 -18.15 19.82 6.45
CA ALA A 569 -19.14 19.09 7.23
C ALA A 569 -18.65 18.91 8.66
N THR A 570 -19.54 19.11 9.61
CA THR A 570 -19.12 18.94 10.99
C THR A 570 -19.69 17.65 11.55
N ASN A 571 -21.00 17.60 11.80
CA ASN A 571 -21.58 16.40 12.38
C ASN A 571 -22.64 15.78 11.47
N GLU A 572 -22.75 16.25 10.23
CA GLU A 572 -23.74 15.73 9.30
C GLU A 572 -23.17 15.82 7.91
N LEU A 573 -23.29 14.73 7.14
CA LEU A 573 -22.85 14.67 5.76
C LEU A 573 -24.05 14.39 4.87
N LYS A 574 -24.15 15.11 3.75
CA LYS A 574 -25.19 14.88 2.76
C LYS A 574 -24.55 14.62 1.40
N THR A 575 -25.37 14.23 0.43
CA THR A 575 -24.85 13.89 -0.89
C THR A 575 -24.83 15.10 -1.81
N LEU A 576 -23.96 15.03 -2.82
CA LEU A 576 -23.84 16.11 -3.79
C LEU A 576 -25.06 16.19 -4.68
N GLY A 577 -25.60 15.05 -5.11
CA GLY A 577 -26.72 15.06 -6.02
C GLY A 577 -27.59 13.84 -5.85
N THR A 578 -28.45 13.56 -6.83
CA THR A 578 -29.46 12.52 -6.71
C THR A 578 -29.43 11.48 -7.82
N LYS A 579 -28.65 11.68 -8.89
CA LYS A 579 -28.76 10.81 -10.05
C LYS A 579 -27.43 10.71 -10.78
N ASP A 580 -27.34 9.69 -11.65
CA ASP A 580 -26.20 9.51 -12.55
C ASP A 580 -24.87 9.49 -11.79
N GLY A 581 -24.87 8.81 -10.65
CA GLY A 581 -23.70 8.68 -9.82
C GLY A 581 -23.56 9.70 -8.72
N TYR A 582 -24.19 10.87 -8.85
CA TYR A 582 -24.03 11.89 -7.82
C TYR A 582 -24.64 11.48 -6.49
N GLN A 583 -25.60 10.53 -6.51
CA GLN A 583 -26.19 10.03 -5.29
C GLN A 583 -25.21 9.19 -4.48
N HIS A 584 -24.03 8.88 -5.02
CA HIS A 584 -23.04 8.12 -4.27
C HIS A 584 -21.94 8.99 -3.68
N LEU A 585 -22.02 10.32 -3.83
CA LEU A 585 -20.94 11.24 -3.49
C LEU A 585 -21.30 12.02 -2.23
N TRP A 586 -20.52 11.83 -1.16
CA TRP A 586 -20.64 12.70 0.01
C TRP A 586 -20.01 14.06 -0.29
N LEU A 587 -20.71 15.12 0.12
CA LEU A 587 -20.19 16.48 -0.03
C LEU A 587 -19.49 16.86 1.27
N GLU A 588 -18.16 16.79 1.26
CA GLU A 588 -17.38 16.97 2.48
C GLU A 588 -17.02 18.42 2.77
N ALA A 589 -16.74 19.19 1.72
CA ALA A 589 -16.38 20.59 1.93
C ALA A 589 -16.79 21.39 0.71
N TRP A 590 -17.02 22.69 0.91
CA TRP A 590 -17.45 23.54 -0.19
C TRP A 590 -17.00 24.96 0.06
N GLY A 591 -16.69 25.67 -1.02
CA GLY A 591 -16.21 27.04 -0.85
C GLY A 591 -16.13 27.78 -2.17
N GLN A 592 -15.94 29.09 -2.06
CA GLN A 592 -15.72 29.94 -3.21
C GLN A 592 -14.49 30.80 -2.98
N ASN A 593 -13.96 31.33 -4.07
CA ASN A 593 -12.73 32.11 -4.06
C ASN A 593 -13.10 33.52 -4.53
N LYS A 594 -13.30 34.42 -3.57
CA LYS A 594 -13.70 35.79 -3.87
C LYS A 594 -12.52 36.74 -4.03
N SER A 595 -11.31 36.34 -3.63
CA SER A 595 -10.20 37.28 -3.55
C SER A 595 -9.12 37.09 -4.62
N ARG A 596 -9.06 35.93 -5.26
CA ARG A 596 -8.07 35.64 -6.30
C ARG A 596 -8.76 35.01 -7.51
N ASN A 597 -8.10 35.10 -8.66
CA ASN A 597 -8.64 34.54 -9.89
C ASN A 597 -8.21 33.10 -10.14
N THR A 598 -7.48 32.51 -9.21
CA THR A 598 -6.94 31.16 -9.37
C THR A 598 -7.18 30.40 -8.09
N SER A 599 -7.75 29.20 -8.19
CA SER A 599 -8.02 28.37 -7.02
C SER A 599 -7.15 27.13 -7.09
N SER A 600 -6.49 26.80 -5.97
CA SER A 600 -5.43 25.80 -5.95
C SER A 600 -5.66 24.80 -4.82
N PHE A 601 -5.54 23.52 -5.15
CA PHE A 601 -5.65 22.41 -4.21
C PHE A 601 -4.32 21.65 -4.20
N THR A 602 -3.70 21.51 -3.04
CA THR A 602 -2.47 20.75 -2.90
C THR A 602 -2.74 19.49 -2.08
N PHE A 603 -2.22 18.35 -2.56
CA PHE A 603 -2.30 17.11 -1.79
C PHE A 603 -0.98 16.36 -1.88
N VAL A 604 -0.83 15.33 -1.04
CA VAL A 604 0.41 14.57 -1.00
C VAL A 604 0.12 13.10 -1.31
N ASN A 605 1.02 12.47 -2.08
CA ASN A 605 0.97 11.04 -2.36
C ASN A 605 2.38 10.51 -2.18
N LYS A 606 2.56 9.68 -1.14
CA LYS A 606 3.86 9.13 -0.75
C LYS A 606 4.79 10.29 -0.48
N ASP A 607 5.89 10.44 -1.23
CA ASP A 607 6.87 11.46 -0.92
C ASP A 607 6.78 12.66 -1.86
N ARG A 608 5.68 12.79 -2.60
CA ARG A 608 5.57 13.85 -3.59
C ARG A 608 4.28 14.63 -3.38
N PHE A 609 4.35 15.96 -3.59
CA PHE A 609 3.19 16.83 -3.52
C PHE A 609 2.70 17.16 -4.93
N TYR A 610 1.40 17.40 -5.04
CA TYR A 610 0.78 17.74 -6.32
C TYR A 610 -0.15 18.90 -6.09
N THR A 611 -0.14 19.88 -7.00
CA THR A 611 -1.03 21.02 -6.90
C THR A 611 -1.82 21.18 -8.17
N ILE A 612 -3.14 21.23 -8.02
CA ILE A 612 -4.08 21.52 -9.09
C ILE A 612 -4.52 22.97 -8.95
N SER A 613 -4.22 23.80 -9.94
CA SER A 613 -4.57 25.21 -9.95
C SER A 613 -5.46 25.50 -11.15
N ILE A 614 -6.61 26.10 -10.92
CA ILE A 614 -7.60 26.29 -11.98
C ILE A 614 -8.06 27.74 -12.02
N ALA A 615 -8.25 28.24 -13.22
CA ALA A 615 -8.78 29.60 -13.38
C ALA A 615 -10.23 29.64 -12.93
N THR A 616 -10.56 30.54 -12.00
CA THR A 616 -11.91 30.65 -11.46
C THR A 616 -12.32 32.11 -11.37
N THR A 617 -13.61 32.33 -11.11
CA THR A 617 -14.17 33.63 -10.76
C THR A 617 -14.86 33.52 -9.40
N ALA A 618 -15.37 34.66 -8.93
CA ALA A 618 -16.10 34.67 -7.65
C ALA A 618 -17.37 33.83 -7.71
N GLN A 619 -17.85 33.49 -8.91
CA GLN A 619 -19.06 32.70 -9.07
C GLN A 619 -18.79 31.20 -9.13
N THR A 620 -17.54 30.80 -9.34
CA THR A 620 -17.20 29.39 -9.38
C THR A 620 -17.48 28.73 -8.03
N GLU A 621 -17.92 27.46 -8.04
CA GLU A 621 -18.11 26.71 -6.81
C GLU A 621 -17.10 25.57 -6.74
N MET A 622 -16.43 25.41 -5.59
CA MET A 622 -15.46 24.35 -5.40
C MET A 622 -15.96 23.41 -4.33
N LYS A 623 -15.77 22.11 -4.55
CA LYS A 623 -16.30 21.11 -3.63
C LYS A 623 -15.30 19.99 -3.43
N MET A 624 -15.16 19.51 -2.20
CA MET A 624 -14.43 18.29 -1.91
C MET A 624 -15.43 17.18 -1.66
N LEU A 625 -15.26 16.06 -2.39
CA LEU A 625 -16.18 14.92 -2.40
C LEU A 625 -15.50 13.65 -1.90
N ARG A 626 -16.31 12.75 -1.34
CA ARG A 626 -15.82 11.44 -0.97
C ARG A 626 -16.87 10.39 -1.34
N LEU A 627 -16.42 9.32 -1.98
CA LEU A 627 -17.33 8.26 -2.40
C LEU A 627 -17.85 7.46 -1.20
N GLY A 628 -19.10 7.01 -1.31
CA GLY A 628 -19.59 6.06 -0.31
C GLY A 628 -21.06 6.15 0.08
N ALA A 629 -21.78 7.13 -0.46
CA ALA A 629 -23.19 7.21 -0.15
C ALA A 629 -24.00 6.21 -0.98
N ASN A 630 -25.22 5.93 -0.51
CA ASN A 630 -26.14 5.01 -1.17
C ASN A 630 -25.43 3.72 -1.60
N ASP A 631 -24.76 3.10 -0.62
CA ASP A 631 -23.93 1.91 -0.86
C ASP A 631 -24.29 0.88 0.20
N PRO A 632 -25.50 0.31 0.12
CA PRO A 632 -26.00 -0.50 1.24
C PRO A 632 -25.21 -1.77 1.50
N ASP A 633 -24.46 -2.26 0.52
CA ASP A 633 -23.72 -3.52 0.62
C ASP A 633 -22.22 -3.32 0.72
N PHE A 634 -21.74 -2.08 0.95
CA PHE A 634 -20.31 -1.80 1.06
C PHE A 634 -19.58 -2.23 -0.22
N ASN A 635 -20.08 -1.82 -1.37
CA ASN A 635 -19.47 -2.20 -2.64
C ASN A 635 -18.56 -1.13 -3.21
N LEU A 636 -18.46 0.04 -2.57
CA LEU A 636 -17.66 1.15 -3.06
C LEU A 636 -16.48 1.41 -2.14
N ARG A 637 -15.36 1.87 -2.73
CA ARG A 637 -14.18 2.29 -1.99
C ARG A 637 -14.30 3.76 -1.56
N ASN A 638 -13.46 4.13 -0.60
CA ASN A 638 -13.46 5.50 -0.08
C ASN A 638 -12.53 6.40 -0.89
N GLU A 639 -12.97 6.71 -2.10
CA GLU A 639 -12.18 7.56 -2.99
C GLU A 639 -12.61 9.01 -2.87
N THR A 640 -11.74 9.91 -3.32
CA THR A 640 -11.90 11.35 -3.10
C THR A 640 -11.73 12.14 -4.38
N ALA A 641 -12.48 13.25 -4.47
CA ALA A 641 -12.37 14.13 -5.64
C ALA A 641 -12.42 15.60 -5.24
N PHE A 642 -11.83 16.43 -6.10
CA PHE A 642 -11.89 17.89 -6.09
C PHE A 642 -12.74 18.29 -7.29
N LEU A 643 -13.84 19.01 -7.06
CA LEU A 643 -14.78 19.31 -8.14
C LEU A 643 -14.92 20.82 -8.30
N ILE A 644 -14.89 21.27 -9.55
CA ILE A 644 -15.11 22.68 -9.89
C ILE A 644 -16.43 22.76 -10.66
N ARG A 645 -17.34 23.61 -10.20
CA ARG A 645 -18.68 23.71 -10.77
C ARG A 645 -18.93 25.13 -11.26
N GLU A 646 -19.40 25.24 -12.50
CA GLU A 646 -19.79 26.53 -13.08
C GLU A 646 -21.27 26.48 -13.40
N LYS A 647 -22.01 27.49 -12.96
CA LYS A 647 -23.45 27.54 -13.17
C LYS A 647 -23.81 28.46 -14.33
N ALA A 648 -24.82 28.05 -15.11
CA ALA A 648 -25.47 28.93 -16.10
C ALA A 648 -24.48 29.49 -17.13
N ARG A 649 -23.64 28.62 -17.67
CA ARG A 649 -22.66 28.98 -18.69
C ARG A 649 -23.07 28.41 -20.03
N LYS A 650 -22.86 29.18 -21.10
CA LYS A 650 -23.01 28.65 -22.46
C LYS A 650 -21.67 28.09 -22.92
N ASN A 651 -20.68 28.97 -23.09
CA ASN A 651 -19.31 28.56 -23.36
C ASN A 651 -18.49 28.69 -22.09
N HIS A 652 -17.61 27.73 -21.85
CA HIS A 652 -16.68 27.85 -20.73
C HIS A 652 -15.39 27.16 -21.09
N THR A 653 -14.28 27.69 -20.54
CA THR A 653 -12.98 27.06 -20.67
C THR A 653 -12.47 26.76 -19.26
N PHE A 654 -12.30 25.48 -18.94
CA PHE A 654 -11.57 25.07 -17.75
C PHE A 654 -10.08 25.01 -18.07
N ALA A 655 -9.28 25.81 -17.37
CA ALA A 655 -7.84 25.91 -17.61
C ALA A 655 -7.13 25.56 -16.32
N THR A 656 -6.29 24.52 -16.37
CA THR A 656 -5.72 23.89 -15.19
C THR A 656 -4.21 23.72 -15.33
N SER A 657 -3.49 24.08 -14.28
CA SER A 657 -2.09 23.75 -14.08
C SER A 657 -1.98 22.61 -13.07
N ILE A 658 -1.29 21.54 -13.45
CA ILE A 658 -1.05 20.40 -12.57
C ILE A 658 0.46 20.33 -12.35
N GLU A 659 0.88 20.73 -11.14
CA GLU A 659 2.27 20.75 -10.70
C GLU A 659 2.59 19.51 -9.90
N THR A 660 3.79 18.99 -10.10
CA THR A 660 4.37 17.89 -9.34
C THR A 660 5.61 18.47 -8.65
N HIS A 661 5.66 18.39 -7.32
CA HIS A 661 6.71 19.13 -6.63
C HIS A 661 7.00 18.55 -5.27
N GLY A 662 8.22 18.80 -4.80
CA GLY A 662 8.54 18.65 -3.40
C GLY A 662 9.20 17.32 -3.08
N GLU A 663 10.06 17.35 -2.08
CA GLU A 663 10.66 16.14 -1.52
C GLU A 663 10.25 16.07 -0.06
N TYR A 664 9.55 14.99 0.30
CA TYR A 664 8.91 14.83 1.62
C TYR A 664 9.30 13.47 2.19
N ASP A 665 10.32 13.45 3.05
CA ASP A 665 10.92 12.23 3.58
C ASP A 665 10.53 12.08 5.04
N VAL A 666 9.60 11.17 5.32
CA VAL A 666 9.13 10.95 6.69
C VAL A 666 10.13 10.12 7.49
N VAL A 667 10.90 9.25 6.82
CA VAL A 667 11.90 8.45 7.54
C VAL A 667 13.06 9.33 8.00
N MET A 668 13.57 10.18 7.11
CA MET A 668 14.62 11.12 7.45
C MET A 668 14.09 12.42 8.04
N GLU A 669 12.79 12.68 7.93
CA GLU A 669 12.15 13.90 8.44
C GLU A 669 12.72 15.14 7.78
N THR A 670 12.74 15.13 6.44
CA THR A 670 13.18 16.26 5.63
C THR A 670 12.05 16.65 4.67
N SER A 671 12.13 17.87 4.16
CA SER A 671 11.09 18.37 3.26
C SER A 671 11.59 19.64 2.56
N SER A 672 11.11 19.85 1.34
CA SER A 672 11.44 21.05 0.56
C SER A 672 10.51 21.16 -0.65
N ASN A 673 10.31 22.41 -1.10
CA ASN A 673 9.46 22.74 -2.25
C ASN A 673 8.06 22.14 -2.09
N LEU A 674 7.51 22.24 -0.89
CA LEU A 674 6.23 21.60 -0.58
C LEU A 674 5.02 22.46 -0.95
N THR A 675 5.22 23.75 -1.24
CA THR A 675 4.13 24.62 -1.61
C THR A 675 4.14 24.86 -3.12
N SER A 676 2.96 25.17 -3.64
CA SER A 676 2.80 25.44 -5.06
C SER A 676 3.61 26.67 -5.46
N SER A 677 4.13 26.65 -6.68
CA SER A 677 4.75 27.84 -7.27
C SER A 677 3.81 28.57 -8.23
N CYS A 678 2.58 28.10 -8.38
CA CYS A 678 1.68 28.69 -9.36
C CYS A 678 1.03 29.92 -8.75
N GLU A 679 1.31 31.09 -9.33
CA GLU A 679 0.68 32.31 -8.88
C GLU A 679 -0.62 32.61 -9.63
N GLU A 680 -0.74 32.18 -10.88
CA GLU A 680 -1.95 32.51 -11.61
C GLU A 680 -2.16 31.55 -12.77
N VAL A 681 -3.41 31.19 -13.02
CA VAL A 681 -3.79 30.60 -14.30
C VAL A 681 -4.89 31.48 -14.87
N LYS A 682 -4.74 31.93 -16.12
CA LYS A 682 -5.71 32.82 -16.71
C LYS A 682 -5.91 32.52 -18.19
N VAL A 683 -7.16 32.54 -18.62
CA VAL A 683 -7.46 32.49 -20.05
C VAL A 683 -7.36 33.92 -20.57
N VAL A 684 -6.29 34.21 -21.30
CA VAL A 684 -6.04 35.59 -21.74
C VAL A 684 -6.59 35.87 -23.13
N MET A 685 -7.08 34.85 -23.83
CA MET A 685 -7.77 35.04 -25.10
C MET A 685 -8.68 33.84 -25.29
N ASP A 686 -9.90 34.08 -25.76
CA ASP A 686 -10.85 32.98 -25.95
C ASP A 686 -11.80 33.40 -27.05
N THR A 687 -11.40 33.14 -28.29
CA THR A 687 -12.17 33.49 -29.47
C THR A 687 -12.44 32.22 -30.26
N ALA A 688 -13.33 32.33 -31.26
CA ALA A 688 -13.58 31.19 -32.12
C ALA A 688 -12.29 30.68 -32.76
N SER A 689 -11.36 31.58 -33.06
CA SER A 689 -10.14 31.19 -33.75
C SER A 689 -9.08 30.63 -32.80
N TYR A 690 -8.87 31.29 -31.65
CA TYR A 690 -7.75 30.95 -30.79
C TYR A 690 -8.11 31.05 -29.33
N THR A 691 -7.61 30.09 -28.53
CA THR A 691 -7.70 30.14 -27.08
C THR A 691 -6.30 30.15 -26.51
N VAL A 692 -6.04 31.06 -25.56
CA VAL A 692 -4.69 31.24 -25.02
C VAL A 692 -4.78 31.20 -23.51
N VAL A 693 -3.94 30.36 -22.89
CA VAL A 693 -3.87 30.23 -21.43
C VAL A 693 -2.47 30.65 -20.98
N LYS A 694 -2.40 31.56 -20.02
CA LYS A 694 -1.14 31.93 -19.37
C LYS A 694 -1.13 31.39 -17.95
N ALA A 695 -0.06 30.66 -17.62
CA ALA A 695 0.18 30.16 -16.27
C ALA A 695 1.44 30.83 -15.76
N THR A 696 1.35 31.50 -14.62
CA THR A 696 2.43 32.30 -14.07
C THR A 696 2.90 31.67 -12.76
N TYR A 697 4.24 31.57 -12.64
CA TYR A 697 4.92 30.87 -11.56
C TYR A 697 5.93 31.80 -10.90
N LYS A 698 6.20 31.51 -9.62
CA LYS A 698 7.07 32.34 -8.79
C LYS A 698 8.40 32.61 -9.46
N GLY A 699 8.91 33.83 -9.27
CA GLY A 699 10.15 34.26 -9.86
C GLY A 699 10.00 34.95 -11.19
N GLY A 700 8.80 35.37 -11.55
CA GLY A 700 8.56 36.01 -12.83
C GLY A 700 8.52 35.07 -14.02
N HIS A 701 8.19 33.80 -13.80
CA HIS A 701 8.22 32.85 -14.89
C HIS A 701 6.80 32.59 -15.39
N SER A 702 6.69 32.11 -16.62
CA SER A 702 5.37 31.79 -17.14
C SER A 702 5.45 30.80 -18.29
N VAL A 703 4.33 30.13 -18.53
CA VAL A 703 4.10 29.30 -19.70
C VAL A 703 2.84 29.83 -20.39
N MET A 704 2.93 30.05 -21.68
CA MET A 704 1.81 30.48 -22.50
C MET A 704 1.49 29.35 -23.48
N LEU A 705 0.24 28.90 -23.45
CA LEU A 705 -0.26 27.82 -24.29
C LEU A 705 -1.26 28.43 -25.26
N CYS A 706 -0.92 28.37 -26.55
CA CYS A 706 -1.72 28.98 -27.62
C CYS A 706 -2.35 27.87 -28.43
N LEU A 707 -3.67 27.92 -28.61
CA LEU A 707 -4.43 26.85 -29.24
C LEU A 707 -5.19 27.39 -30.44
N SER A 708 -4.93 26.83 -31.62
CA SER A 708 -5.79 27.04 -32.77
C SER A 708 -7.03 26.18 -32.61
N ASN A 709 -8.19 26.80 -32.48
CA ASN A 709 -9.42 26.05 -32.22
C ASN A 709 -9.99 25.40 -33.46
N THR A 710 -9.62 25.84 -34.66
CA THR A 710 -10.36 25.48 -35.86
C THR A 710 -9.57 24.65 -36.87
N ASP A 711 -8.32 24.31 -36.61
CA ASP A 711 -7.65 23.39 -37.52
C ASP A 711 -6.63 22.55 -36.77
N ALA A 712 -6.25 21.44 -37.39
CA ALA A 712 -5.36 20.46 -36.78
C ALA A 712 -4.17 20.17 -37.68
N ASP A 713 -3.76 21.16 -38.49
CA ASP A 713 -2.71 20.98 -39.47
C ASP A 713 -1.35 21.14 -38.79
N LYS A 714 -0.55 20.05 -38.77
CA LYS A 714 0.78 20.09 -38.17
C LYS A 714 1.67 21.18 -38.77
N GLU A 715 1.47 21.53 -40.04
CA GLU A 715 2.37 22.41 -40.75
C GLU A 715 1.88 23.85 -40.85
N LYS A 716 0.66 24.14 -40.39
CA LYS A 716 0.13 25.49 -40.54
C LYS A 716 0.79 26.44 -39.55
N GLY A 717 1.19 27.61 -40.04
CA GLY A 717 1.75 28.63 -39.18
C GLY A 717 0.67 29.53 -38.59
N HIS A 718 0.95 30.02 -37.39
CA HIS A 718 0.04 30.89 -36.65
C HIS A 718 0.84 32.04 -36.04
N ARG A 719 0.18 33.20 -35.96
CA ARG A 719 0.68 34.36 -35.25
C ARG A 719 -0.45 34.99 -34.45
N LEU A 720 -0.14 35.45 -33.25
CA LEU A 720 -1.14 35.98 -32.34
C LEU A 720 -0.51 37.04 -31.47
N THR A 721 -1.24 38.10 -31.12
CA THR A 721 -0.70 39.11 -30.22
C THR A 721 -1.42 39.05 -28.89
N VAL A 722 -0.65 38.91 -27.82
CA VAL A 722 -1.16 38.93 -26.45
C VAL A 722 -0.29 39.89 -25.65
N GLU A 723 -0.92 40.91 -25.07
CA GLU A 723 -0.25 41.83 -24.14
C GLU A 723 0.99 42.46 -24.77
N GLY A 724 0.85 42.88 -26.03
CA GLY A 724 1.93 43.56 -26.72
C GLY A 724 3.04 42.66 -27.21
N THR A 725 2.92 41.35 -27.05
CA THR A 725 3.94 40.42 -27.49
C THR A 725 3.35 39.52 -28.57
N MET A 726 4.13 39.31 -29.63
CA MET A 726 3.71 38.44 -30.73
C MET A 726 4.18 37.02 -30.46
N TYR A 727 3.28 36.06 -30.63
CA TYR A 727 3.55 34.64 -30.43
C TYR A 727 3.31 33.94 -31.76
N ALA A 728 4.35 33.26 -32.25
CA ALA A 728 4.32 32.60 -33.55
C ALA A 728 4.70 31.14 -33.37
N TRP A 729 3.96 30.24 -34.02
CA TRP A 729 4.27 28.82 -33.90
C TRP A 729 3.70 28.08 -35.10
N ASN A 730 4.13 26.83 -35.27
CA ASN A 730 3.60 25.95 -36.30
C ASN A 730 2.83 24.81 -35.64
N GLY A 731 1.74 24.39 -36.29
CA GLY A 731 0.91 23.34 -35.74
C GLY A 731 -0.20 23.89 -34.87
N ARG A 732 -1.02 22.98 -34.33
CA ARG A 732 -2.22 23.41 -33.63
C ARG A 732 -1.88 24.12 -32.32
N CYS A 733 -0.83 23.67 -31.62
CA CYS A 733 -0.56 24.13 -30.26
C CYS A 733 0.85 24.70 -30.17
N GLY A 734 0.96 25.90 -29.59
CA GLY A 734 2.24 26.52 -29.32
C GLY A 734 2.46 26.64 -27.82
N VAL A 735 3.69 26.37 -27.39
CA VAL A 735 4.05 26.45 -25.98
C VAL A 735 5.25 27.37 -25.85
N PHE A 736 5.08 28.45 -25.10
CA PHE A 736 6.10 29.49 -24.92
C PHE A 736 6.45 29.59 -23.44
N MET A 737 7.73 29.64 -23.13
CA MET A 737 8.16 29.63 -21.74
C MET A 737 9.08 30.79 -21.50
N LYS A 738 8.99 31.34 -20.29
CA LYS A 738 9.92 32.42 -19.91
C LYS A 738 10.17 32.36 -18.41
N GLN B 24 44.99 12.24 21.13
CA GLN B 24 43.80 12.61 21.88
C GLN B 24 42.62 12.93 20.97
N HIS B 25 42.89 13.30 19.72
CA HIS B 25 41.84 13.62 18.76
C HIS B 25 42.08 12.88 17.46
N PRO B 26 41.03 12.28 16.86
CA PRO B 26 39.66 12.25 17.36
C PRO B 26 39.45 11.18 18.42
N SER B 27 38.34 11.25 19.14
CA SER B 27 38.06 10.26 20.19
C SER B 27 36.56 10.12 20.44
N LEU B 28 35.75 11.02 19.89
CA LEU B 28 34.31 10.97 20.17
C LEU B 28 33.60 9.92 19.32
N LEU B 29 33.39 10.20 18.03
CA LEU B 29 32.76 9.21 17.16
C LEU B 29 33.69 8.02 16.90
N PHE B 30 35.00 8.23 16.92
CA PHE B 30 35.98 7.21 16.60
C PHE B 30 37.34 7.65 17.12
N THR B 31 38.27 6.70 17.20
CA THR B 31 39.64 6.97 17.58
C THR B 31 40.54 7.01 16.34
N GLN B 32 41.79 7.40 16.54
CA GLN B 32 42.69 7.53 15.39
C GLN B 32 42.99 6.17 14.75
N GLU B 33 43.16 5.12 15.57
CA GLU B 33 43.39 3.79 15.01
C GLU B 33 42.17 3.29 14.26
N GLU B 34 40.99 3.60 14.78
CA GLU B 34 39.74 3.30 14.10
C GLU B 34 39.67 4.01 12.74
N VAL B 35 40.06 5.28 12.68
CA VAL B 35 40.10 6.00 11.41
C VAL B 35 41.12 5.38 10.47
N ASN B 36 42.32 5.08 10.98
CA ASN B 36 43.34 4.46 10.13
C ASN B 36 42.84 3.16 9.54
N GLU B 37 42.13 2.34 10.34
CA GLU B 37 41.66 1.07 9.82
C GLU B 37 40.50 1.26 8.83
N MET B 38 39.66 2.27 9.04
CA MET B 38 38.61 2.55 8.06
C MET B 38 39.19 3.01 6.74
N ARG B 39 40.19 3.89 6.79
CA ARG B 39 40.81 4.35 5.55
C ARG B 39 41.54 3.20 4.85
N ALA B 40 42.24 2.37 5.61
CA ALA B 40 42.98 1.25 5.02
C ALA B 40 42.06 0.21 4.40
N GLY B 41 40.82 0.11 4.89
CA GLY B 41 39.84 -0.86 4.42
C GLY B 41 38.97 -0.42 3.27
N LYS B 42 39.17 0.79 2.73
CA LYS B 42 38.35 1.25 1.62
C LYS B 42 38.47 0.32 0.42
N GLY B 43 37.34 0.02 -0.21
CA GLY B 43 37.28 -0.82 -1.38
C GLY B 43 37.01 -2.28 -1.10
N THR B 44 37.01 -2.70 0.16
CA THR B 44 36.81 -4.10 0.51
C THR B 44 35.34 -4.44 0.74
N VAL B 45 34.53 -3.47 1.14
CA VAL B 45 33.11 -3.71 1.43
C VAL B 45 32.26 -2.66 0.72
N PRO B 46 31.65 -2.99 -0.42
CA PRO B 46 30.97 -1.96 -1.24
C PRO B 46 29.87 -1.19 -0.52
N ALA B 47 29.07 -1.85 0.33
CA ALA B 47 27.99 -1.14 1.02
C ALA B 47 28.52 -0.07 1.96
N PHE B 48 29.64 -0.36 2.64
CA PHE B 48 30.26 0.64 3.48
C PHE B 48 30.81 1.79 2.64
N ASP B 49 31.46 1.46 1.53
CA ASP B 49 31.98 2.51 0.65
C ASP B 49 30.85 3.41 0.19
N LYS B 50 29.67 2.86 -0.06
CA LYS B 50 28.52 3.65 -0.49
C LYS B 50 28.08 4.62 0.61
N SER B 51 27.96 4.12 1.84
CA SER B 51 27.59 5.02 2.93
C SER B 51 28.60 6.15 3.10
N LEU B 52 29.89 5.82 3.03
CA LEU B 52 30.91 6.84 3.23
C LEU B 52 30.91 7.84 2.07
N SER B 53 30.64 7.36 0.86
CA SER B 53 30.55 8.26 -0.29
C SER B 53 29.38 9.23 -0.14
N GLU B 54 28.29 8.78 0.49
CA GLU B 54 27.17 9.71 0.74
C GLU B 54 27.55 10.77 1.78
N VAL B 55 28.29 10.38 2.81
CA VAL B 55 28.85 11.38 3.73
C VAL B 55 29.69 12.40 2.97
N LEU B 56 30.59 11.91 2.10
CA LEU B 56 31.47 12.82 1.36
C LEU B 56 30.69 13.73 0.44
N ALA B 57 29.61 13.22 -0.16
CA ALA B 57 28.79 14.05 -1.03
C ALA B 57 28.12 15.17 -0.24
N ALA B 58 27.63 14.86 0.97
CA ALA B 58 27.05 15.90 1.82
C ALA B 58 28.09 16.96 2.19
N ALA B 59 29.30 16.52 2.56
CA ALA B 59 30.36 17.47 2.90
C ALA B 59 30.70 18.34 1.69
N ASP B 60 30.84 17.73 0.51
CA ASP B 60 31.12 18.50 -0.71
C ASP B 60 30.01 19.50 -0.99
N ALA B 61 28.76 19.09 -0.81
CA ALA B 61 27.64 20.01 -1.04
C ALA B 61 27.70 21.19 -0.10
N ALA B 62 28.11 20.96 1.15
CA ALA B 62 28.29 22.07 2.08
C ALA B 62 29.42 22.99 1.63
N VAL B 63 30.57 22.41 1.27
CA VAL B 63 31.72 23.20 0.86
C VAL B 63 31.43 24.01 -0.39
N ASN B 64 30.56 23.51 -1.28
CA ASN B 64 30.22 24.20 -2.51
C ASN B 64 28.97 25.08 -2.38
N SER B 65 28.57 25.41 -1.16
CA SER B 65 27.34 26.16 -0.89
C SER B 65 27.64 27.36 -0.02
N PRO B 66 26.81 28.41 -0.07
CA PRO B 66 27.06 29.60 0.75
C PRO B 66 27.00 29.29 2.24
N VAL B 67 27.78 30.04 3.00
CA VAL B 67 27.83 29.93 4.46
C VAL B 67 26.94 31.01 5.05
N SER B 68 25.93 30.60 5.82
CA SER B 68 24.99 31.51 6.44
C SER B 68 24.84 31.17 7.92
N VAL B 69 25.09 32.14 8.78
CA VAL B 69 24.97 32.00 10.23
C VAL B 69 24.12 33.14 10.75
N PRO B 70 22.79 33.03 10.70
CA PRO B 70 21.93 34.20 10.95
C PRO B 70 21.63 34.42 12.43
N VAL B 71 21.10 35.61 12.71
CA VAL B 71 20.65 35.95 14.06
C VAL B 71 19.33 35.24 14.35
N PRO B 72 19.19 34.55 15.47
CA PRO B 72 17.95 33.79 15.73
C PRO B 72 16.74 34.69 15.88
N VAL B 73 15.63 34.29 15.24
CA VAL B 73 14.39 35.08 15.27
C VAL B 73 13.16 34.18 15.33
N ASP B 74 13.25 32.97 14.81
CA ASP B 74 12.08 32.12 14.59
C ASP B 74 12.19 30.81 15.37
N GLY B 75 11.07 30.08 15.39
CA GLY B 75 10.97 28.81 16.06
C GLY B 75 11.03 27.63 15.10
N GLY B 76 10.42 26.53 15.52
CA GLY B 76 10.41 25.31 14.73
C GLY B 76 9.84 25.50 13.34
N GLY B 77 10.62 25.16 12.32
CA GLY B 77 10.19 25.31 10.95
C GLY B 77 10.62 26.60 10.28
N GLY B 78 11.04 27.60 11.06
CA GLY B 78 11.50 28.84 10.48
C GLY B 78 12.82 28.68 9.75
N VAL B 79 13.09 29.63 8.85
CA VAL B 79 14.26 29.52 7.98
C VAL B 79 15.56 29.65 8.77
N VAL B 80 15.58 30.45 9.83
CA VAL B 80 16.82 30.62 10.60
C VAL B 80 17.08 29.39 11.45
N HIS B 81 16.03 28.90 12.12
CA HIS B 81 16.12 27.65 12.87
C HIS B 81 16.63 26.52 11.98
N GLU B 82 16.07 26.39 10.78
CA GLU B 82 16.49 25.35 9.87
C GLU B 82 17.90 25.59 9.34
N GLN B 83 18.33 26.85 9.22
CA GLN B 83 19.69 27.11 8.80
C GLN B 83 20.69 26.67 9.86
N HIS B 84 20.40 26.94 11.14
CA HIS B 84 21.31 26.50 12.19
C HIS B 84 21.33 24.98 12.31
N LYS B 85 20.18 24.34 12.08
CA LYS B 85 20.15 22.88 12.05
C LYS B 85 20.99 22.33 10.89
N SER B 86 20.80 22.87 9.68
CA SER B 86 21.63 22.49 8.55
C SER B 86 23.10 22.72 8.83
N ASN B 87 23.42 23.78 9.59
CA ASN B 87 24.81 24.08 9.89
C ASN B 87 25.44 23.00 10.76
N TYR B 88 24.70 22.51 11.78
CA TYR B 88 25.35 21.48 12.58
C TYR B 88 25.47 20.17 11.80
N TYR B 89 24.51 19.86 10.92
CA TYR B 89 24.70 18.68 10.08
C TYR B 89 25.89 18.84 9.14
N ALA B 90 26.06 20.02 8.54
CA ALA B 90 27.15 20.26 7.61
C ALA B 90 28.52 20.16 8.30
N MET B 91 28.63 20.73 9.51
CA MET B 91 29.87 20.64 10.26
C MET B 91 30.18 19.18 10.62
N PHE B 92 29.17 18.43 11.04
CA PHE B 92 29.35 17.01 11.34
C PHE B 92 29.89 16.25 10.12
N HIS B 93 29.26 16.44 8.95
CA HIS B 93 29.66 15.69 7.77
C HIS B 93 31.06 16.10 7.31
N CYS B 94 31.39 17.40 7.41
CA CYS B 94 32.72 17.84 6.99
C CYS B 94 33.81 17.34 7.95
N GLY B 95 33.54 17.29 9.25
CA GLY B 95 34.52 16.72 10.16
C GLY B 95 34.78 15.25 9.87
N VAL B 96 33.71 14.48 9.71
CA VAL B 96 33.87 13.07 9.36
C VAL B 96 34.64 12.93 8.05
N ALA B 97 34.33 13.78 7.07
CA ALA B 97 34.99 13.71 5.77
C ALA B 97 36.48 14.01 5.88
N TYR B 98 36.84 15.01 6.69
CA TYR B 98 38.25 15.29 6.91
C TYR B 98 38.96 14.07 7.47
N GLN B 99 38.38 13.45 8.50
CA GLN B 99 39.05 12.29 9.08
C GLN B 99 39.18 11.15 8.09
N LEU B 100 38.15 10.94 7.25
CA LEU B 100 38.15 9.78 6.37
C LEU B 100 38.95 9.98 5.09
N THR B 101 39.33 11.23 4.76
CA THR B 101 40.10 11.49 3.55
C THR B 101 41.44 12.17 3.80
N GLY B 102 41.57 12.95 4.88
CA GLY B 102 42.72 13.81 5.06
C GLY B 102 42.68 15.09 4.25
N ASP B 103 41.60 15.34 3.50
CA ASP B 103 41.50 16.54 2.68
C ASP B 103 41.23 17.74 3.57
N LYS B 104 42.18 18.68 3.61
CA LYS B 104 42.12 19.82 4.52
C LYS B 104 40.98 20.80 4.22
N LYS B 105 40.34 20.74 3.04
CA LYS B 105 39.25 21.67 2.75
C LYS B 105 38.04 21.45 3.66
N TYR B 106 37.77 20.19 4.01
CA TYR B 106 36.66 19.92 4.94
C TYR B 106 36.94 20.50 6.32
N ALA B 107 38.18 20.33 6.80
CA ALA B 107 38.57 20.90 8.08
C ALA B 107 38.46 22.41 8.07
N ALA B 108 38.89 23.04 6.96
CA ALA B 108 38.82 24.49 6.83
C ALA B 108 37.37 24.96 6.90
N TYR B 109 36.45 24.26 6.21
CA TYR B 109 35.04 24.61 6.32
C TYR B 109 34.58 24.62 7.77
N VAL B 110 34.86 23.53 8.50
CA VAL B 110 34.42 23.45 9.90
C VAL B 110 34.99 24.61 10.70
N GLY B 111 36.30 24.84 10.58
CA GLY B 111 36.92 25.90 11.37
C GLY B 111 36.38 27.28 11.06
N ASP B 112 36.15 27.56 9.79
CA ASP B 112 35.58 28.85 9.41
C ASP B 112 34.20 29.04 10.02
N MET B 113 33.36 28.01 9.97
CA MET B 113 32.02 28.16 10.53
C MET B 113 32.06 28.29 12.05
N LEU B 114 33.00 27.60 12.71
CA LEU B 114 33.10 27.73 14.16
C LEU B 114 33.53 29.14 14.54
N GLU B 115 34.44 29.74 13.76
CA GLU B 115 34.83 31.12 14.04
C GLU B 115 33.65 32.08 13.84
N ALA B 116 32.84 31.84 12.81
CA ALA B 116 31.65 32.67 12.61
C ALA B 116 30.70 32.55 13.80
N TYR B 117 30.49 31.33 14.29
CA TYR B 117 29.62 31.14 15.45
C TYR B 117 30.22 31.78 16.70
N ALA B 118 31.55 31.72 16.86
CA ALA B 118 32.18 32.33 18.02
C ALA B 118 32.09 33.86 17.98
N LYS B 119 31.96 34.43 16.79
CA LYS B 119 31.68 35.86 16.70
C LYS B 119 30.22 36.17 16.98
N LEU B 120 29.30 35.27 16.64
CA LEU B 120 27.88 35.54 16.83
C LEU B 120 27.43 35.30 18.27
N TYR B 121 27.86 34.20 18.88
CA TYR B 121 27.27 33.76 20.14
C TYR B 121 27.37 34.77 21.29
N PRO B 122 28.48 35.48 21.50
CA PRO B 122 28.51 36.46 22.60
C PRO B 122 27.48 37.57 22.45
N THR B 123 26.94 37.80 21.25
CA THR B 123 25.94 38.84 21.04
C THR B 123 24.52 38.36 21.32
N LEU B 124 24.33 37.06 21.57
CA LEU B 124 23.00 36.48 21.68
C LEU B 124 22.55 36.41 23.14
N GLY B 125 21.43 37.07 23.44
CA GLY B 125 20.70 36.85 24.67
C GLY B 125 19.75 35.69 24.50
N PHE B 126 18.79 35.58 25.42
CA PHE B 126 17.74 34.58 25.28
C PHE B 126 17.00 34.75 23.96
N HIS B 127 16.52 33.64 23.41
CA HIS B 127 15.89 33.65 22.10
C HIS B 127 14.70 34.62 22.10
N PRO B 128 14.54 35.44 21.07
CA PRO B 128 13.47 36.45 21.10
C PRO B 128 12.08 35.86 21.08
N LEU B 129 11.89 34.67 20.53
CA LEU B 129 10.58 34.03 20.56
C LEU B 129 10.23 33.65 22.00
N GLN B 130 9.03 34.01 22.42
CA GLN B 130 8.58 33.84 23.80
C GLN B 130 7.57 32.68 23.84
N LEU B 131 8.09 31.46 23.98
CA LEU B 131 7.21 30.30 23.95
C LEU B 131 7.74 29.15 24.79
N SER B 132 9.05 28.98 24.84
CA SER B 132 9.54 27.79 25.53
C SER B 132 9.71 28.06 27.02
N PRO B 133 9.42 27.08 27.88
CA PRO B 133 9.78 27.20 29.29
C PRO B 133 11.28 27.08 29.54
N VAL B 134 12.01 26.44 28.63
CA VAL B 134 13.48 26.42 28.69
C VAL B 134 14.01 27.06 27.41
N PRO B 135 13.88 28.37 27.23
CA PRO B 135 14.34 28.98 25.98
C PRO B 135 15.85 28.92 25.86
N GLY B 136 16.31 28.81 24.62
CA GLY B 136 17.73 28.79 24.32
C GLY B 136 18.25 30.16 23.94
N ARG B 137 19.45 30.16 23.35
CA ARG B 137 20.05 31.37 22.79
C ARG B 137 20.18 31.28 21.28
N LEU B 138 20.76 30.20 20.78
CA LEU B 138 20.81 29.96 19.35
C LEU B 138 19.48 29.44 18.83
N PHE B 139 18.69 28.79 19.67
CA PHE B 139 17.41 28.21 19.30
C PHE B 139 16.33 28.64 20.27
N TRP B 140 15.08 28.42 19.87
CA TRP B 140 13.93 28.84 20.68
C TRP B 140 13.76 27.99 21.93
N GLN B 141 14.31 26.76 21.95
CA GLN B 141 14.34 25.93 23.13
C GLN B 141 15.73 25.32 23.24
N THR B 142 16.14 25.05 24.48
CA THR B 142 17.50 24.56 24.72
C THR B 142 17.71 23.16 24.14
N LEU B 143 16.64 22.38 23.93
CA LEU B 143 16.81 21.04 23.35
C LEU B 143 17.58 21.10 22.02
N ASN B 144 17.18 21.99 21.13
CA ASN B 144 17.86 22.08 19.84
C ASN B 144 19.29 22.58 19.98
N GLU B 145 19.53 23.42 21.00
CA GLU B 145 20.90 23.85 21.28
C GLU B 145 21.75 22.66 21.70
N SER B 146 21.20 21.76 22.51
CA SER B 146 21.92 20.55 22.91
C SER B 146 22.23 19.68 21.70
N VAL B 147 21.26 19.50 20.80
CA VAL B 147 21.51 18.64 19.64
C VAL B 147 22.59 19.26 18.75
N TRP B 148 22.51 20.59 18.57
CA TRP B 148 23.54 21.33 17.84
C TRP B 148 24.92 21.09 18.45
N LEU B 149 25.01 21.15 19.78
CA LEU B 149 26.30 20.99 20.43
C LEU B 149 26.84 19.57 20.32
N VAL B 150 25.97 18.55 20.39
CA VAL B 150 26.44 17.17 20.21
C VAL B 150 27.13 17.02 18.85
N HIS B 151 26.44 17.45 17.80
CA HIS B 151 27.03 17.29 16.46
C HIS B 151 28.27 18.16 16.27
N THR B 152 28.24 19.38 16.80
CA THR B 152 29.36 20.28 16.60
C THR B 152 30.56 19.88 17.46
N ALA B 153 30.32 19.24 18.60
CA ALA B 153 31.42 18.70 19.39
C ALA B 153 32.15 17.63 18.59
N VAL B 154 31.39 16.76 17.89
CA VAL B 154 32.04 15.77 17.04
C VAL B 154 32.87 16.45 15.96
N ALA B 155 32.29 17.45 15.30
CA ALA B 155 33.03 18.15 14.24
C ALA B 155 34.34 18.75 14.77
N TYR B 156 34.27 19.36 15.94
CA TYR B 156 35.45 20.00 16.52
C TYR B 156 36.50 18.96 16.87
N ASP B 157 36.08 17.84 17.46
CA ASP B 157 36.98 16.74 17.76
C ASP B 157 37.69 16.28 16.50
N CYS B 158 36.97 16.25 15.37
CA CYS B 158 37.53 15.77 14.11
C CYS B 158 38.57 16.72 13.55
N ILE B 159 38.39 18.03 13.73
CA ILE B 159 39.29 19.00 13.11
C ILE B 159 40.27 19.64 14.10
N TYR B 160 40.23 19.21 15.37
CA TYR B 160 40.99 19.86 16.45
C TYR B 160 42.45 20.14 16.08
N ASN B 161 43.14 19.14 15.52
CA ASN B 161 44.57 19.29 15.29
C ASN B 161 44.89 20.21 14.12
N THR B 162 43.92 20.59 13.29
CA THR B 162 44.16 21.51 12.19
C THR B 162 44.02 22.96 12.61
N LEU B 163 43.63 23.23 13.84
CA LEU B 163 43.45 24.59 14.33
C LEU B 163 44.68 25.05 15.09
N SER B 164 44.96 26.36 15.02
CA SER B 164 46.00 26.94 15.84
C SER B 164 45.54 27.03 17.29
N SER B 165 46.50 27.18 18.20
CA SER B 165 46.15 27.39 19.61
C SER B 165 45.28 28.62 19.78
N LYS B 166 45.56 29.69 19.03
CA LYS B 166 44.79 30.92 19.14
C LYS B 166 43.35 30.73 18.70
N GLN B 167 43.16 29.99 17.59
CA GLN B 167 41.82 29.71 17.11
C GLN B 167 41.03 28.90 18.13
N ARG B 168 41.66 27.84 18.66
CA ARG B 168 40.98 27.03 19.65
C ARG B 168 40.64 27.84 20.90
N ALA B 169 41.54 28.72 21.32
CA ALA B 169 41.25 29.55 22.49
C ALA B 169 40.06 30.45 22.24
N THR B 170 39.99 31.09 21.06
CA THR B 170 38.87 31.97 20.77
C THR B 170 37.55 31.20 20.66
N ILE B 171 37.57 30.06 19.99
CA ILE B 171 36.34 29.28 19.82
C ILE B 171 35.86 28.74 21.16
N GLU B 172 36.77 28.21 21.98
CA GLU B 172 36.36 27.69 23.27
C GLU B 172 35.86 28.80 24.20
N LYS B 173 36.55 29.94 24.20
CA LYS B 173 36.19 31.01 25.13
C LYS B 173 34.87 31.67 24.75
N ASN B 174 34.60 31.85 23.46
CA ASN B 174 33.45 32.65 23.05
C ASN B 174 32.26 31.81 22.59
N LEU B 175 32.43 30.51 22.39
CA LEU B 175 31.33 29.69 21.89
C LEU B 175 31.08 28.49 22.79
N PHE B 176 32.08 27.61 22.94
CA PHE B 176 31.82 26.32 23.57
C PHE B 176 31.62 26.44 25.08
N VAL B 177 32.50 27.15 25.77
CA VAL B 177 32.32 27.33 27.21
C VAL B 177 31.06 28.10 27.53
N PRO B 178 30.75 29.24 26.88
CA PRO B 178 29.46 29.90 27.15
C PRO B 178 28.25 29.02 26.85
N MET B 179 28.30 28.23 25.78
CA MET B 179 27.14 27.41 25.44
C MET B 179 26.97 26.25 26.42
N ALA B 180 28.07 25.58 26.78
CA ALA B 180 27.99 24.52 27.77
C ALA B 180 27.50 25.05 29.12
N ASP B 181 28.06 26.19 29.55
CA ASP B 181 27.60 26.79 30.80
C ASP B 181 26.12 27.13 30.73
N PHE B 182 25.67 27.62 29.57
CA PHE B 182 24.26 28.00 29.44
C PHE B 182 23.35 26.78 29.50
N ILE B 183 23.74 25.71 28.82
CA ILE B 183 22.94 24.47 28.85
C ILE B 183 22.87 23.93 30.27
N MET B 184 23.97 24.06 31.04
CA MET B 184 23.96 23.53 32.40
C MET B 184 23.21 24.42 33.39
N ASP B 185 23.36 25.75 33.28
CA ASP B 185 22.99 26.64 34.37
C ASP B 185 21.98 27.70 34.01
N GLY B 186 21.69 27.92 32.73
CA GLY B 186 20.90 29.06 32.35
C GLY B 186 21.75 30.33 32.25
N MET B 187 21.08 31.46 32.38
CA MET B 187 21.71 32.75 32.13
C MET B 187 20.99 33.82 32.95
N GLY B 188 21.76 34.79 33.43
CA GLY B 188 21.21 35.90 34.21
C GLY B 188 20.31 35.45 35.34
N ASP B 189 19.02 35.71 35.21
CA ASP B 189 18.03 35.40 36.24
C ASP B 189 17.18 34.17 35.91
N ASN B 190 17.41 33.51 34.79
CA ASN B 190 16.64 32.34 34.39
C ASN B 190 17.54 31.12 34.44
N HIS B 191 17.31 30.26 35.42
CA HIS B 191 18.13 29.07 35.61
C HIS B 191 17.32 27.78 35.42
N ALA B 192 16.25 27.85 34.63
CA ALA B 192 15.45 26.65 34.39
C ALA B 192 16.27 25.54 33.74
N ASN B 193 17.28 25.92 32.95
CA ASN B 193 18.12 24.92 32.30
C ASN B 193 18.81 24.03 33.32
N ASN B 194 19.11 24.55 34.51
CA ASN B 194 19.72 23.69 35.51
C ASN B 194 18.74 22.65 36.02
N LYS B 195 17.45 22.99 36.08
CA LYS B 195 16.45 21.99 36.43
C LYS B 195 16.39 20.90 35.36
N THR B 196 16.37 21.30 34.08
CA THR B 196 16.35 20.29 33.02
C THR B 196 17.62 19.43 33.04
N PHE B 197 18.78 20.07 33.25
CA PHE B 197 20.05 19.37 33.18
C PHE B 197 20.12 18.22 34.17
N ASN B 198 19.44 18.34 35.31
CA ASN B 198 19.48 17.32 36.34
C ASN B 198 18.23 16.44 36.38
N LYS B 199 17.30 16.64 35.43
CA LYS B 199 16.05 15.89 35.41
C LYS B 199 16.28 14.48 34.83
N MET B 200 15.38 13.57 35.19
CA MET B 200 15.29 12.26 34.52
C MET B 200 14.30 12.41 33.38
N HIS B 201 14.81 12.72 32.19
CA HIS B 201 13.97 13.12 31.06
C HIS B 201 14.84 13.15 29.80
N ASN B 202 14.23 12.87 28.64
CA ASN B 202 15.00 12.77 27.39
C ASN B 202 15.74 14.07 27.06
N HIS B 203 15.14 15.23 27.40
CA HIS B 203 15.84 16.49 27.18
C HIS B 203 17.12 16.54 27.99
N ALA B 204 17.13 15.92 29.17
CA ALA B 204 18.36 15.89 29.95
C ALA B 204 19.36 14.92 29.36
N THR B 205 18.91 13.82 28.72
CA THR B 205 19.85 12.98 28.00
C THR B 205 20.60 13.78 26.94
N TRP B 206 19.87 14.60 26.20
CA TRP B 206 20.54 15.43 25.19
C TRP B 206 21.45 16.47 25.83
N ALA B 207 20.99 17.11 26.90
CA ALA B 207 21.81 18.16 27.52
C ALA B 207 23.10 17.61 28.11
N THR B 208 23.01 16.47 28.81
CA THR B 208 24.22 15.86 29.38
C THR B 208 25.12 15.33 28.28
N ALA B 209 24.54 14.79 27.20
CA ALA B 209 25.38 14.37 26.08
C ALA B 209 26.13 15.55 25.47
N ALA B 210 25.46 16.69 25.30
CA ALA B 210 26.11 17.85 24.71
C ALA B 210 27.25 18.36 25.59
N VAL B 211 26.96 18.53 26.88
CA VAL B 211 27.98 19.07 27.78
C VAL B 211 29.13 18.08 27.94
N GLY B 212 28.81 16.79 28.09
CA GLY B 212 29.86 15.81 28.26
C GLY B 212 30.72 15.64 27.02
N MET B 213 30.11 15.68 25.84
CA MET B 213 30.90 15.49 24.63
C MET B 213 31.79 16.68 24.34
N ILE B 214 31.28 17.91 24.53
CA ILE B 214 32.18 19.04 24.33
C ILE B 214 33.21 19.09 25.47
N GLY B 215 32.86 18.59 26.65
CA GLY B 215 33.86 18.48 27.71
C GLY B 215 34.98 17.52 27.37
N PHE B 216 34.63 16.36 26.80
CA PHE B 216 35.65 15.44 26.29
C PHE B 216 36.53 16.13 25.26
N ALA B 217 35.90 16.79 24.29
CA ALA B 217 36.66 17.43 23.21
C ALA B 217 37.59 18.53 23.74
N MET B 218 37.18 19.23 24.79
CA MET B 218 37.98 20.31 25.34
C MET B 218 38.83 19.89 26.54
N ASN B 219 38.78 18.62 26.92
CA ASN B 219 39.49 18.11 28.08
C ASN B 219 39.08 18.85 29.36
N ARG B 220 37.78 19.13 29.47
CA ARG B 220 37.21 19.81 30.63
C ARG B 220 36.58 18.74 31.52
N GLU B 221 37.33 18.27 32.52
CA GLU B 221 36.85 17.17 33.35
C GLU B 221 35.63 17.56 34.17
N ASP B 222 35.47 18.85 34.51
CA ASP B 222 34.29 19.24 35.27
C ASP B 222 33.01 19.08 34.45
N TYR B 223 33.07 19.40 33.15
CA TYR B 223 31.92 19.19 32.28
C TYR B 223 31.55 17.71 32.21
N VAL B 224 32.55 16.84 32.06
CA VAL B 224 32.31 15.40 32.00
C VAL B 224 31.67 14.92 33.29
N LYS B 225 32.24 15.32 34.42
CA LYS B 225 31.72 14.90 35.71
C LYS B 225 30.26 15.32 35.88
N LYS B 226 29.95 16.57 35.54
CA LYS B 226 28.58 17.05 35.72
C LYS B 226 27.62 16.39 34.72
N ALA B 227 28.10 16.08 33.52
CA ALA B 227 27.22 15.38 32.59
C ALA B 227 26.90 13.98 33.09
N LEU B 228 27.89 13.31 33.68
CA LEU B 228 27.69 11.93 34.12
C LEU B 228 26.93 11.86 35.43
N TYR B 229 27.16 12.80 36.35
CA TYR B 229 26.74 12.67 37.74
C TYR B 229 25.91 13.84 38.23
N GLY B 230 25.53 14.77 37.35
CA GLY B 230 24.70 15.90 37.74
C GLY B 230 25.54 17.08 38.19
N SER B 231 24.86 18.22 38.30
CA SER B 231 25.51 19.47 38.71
C SER B 231 26.35 19.31 39.97
N ASP B 232 25.84 18.57 40.96
CA ASP B 232 26.55 18.46 42.23
C ASP B 232 27.56 17.31 42.25
N GLY B 233 27.70 16.57 41.16
CA GLY B 233 28.73 15.56 41.05
C GLY B 233 28.50 14.28 41.82
N THR B 234 27.36 14.16 42.52
CA THR B 234 27.14 13.01 43.40
C THR B 234 26.44 11.84 42.71
N GLY B 235 25.80 12.06 41.57
CA GLY B 235 24.98 11.04 40.97
C GLY B 235 23.66 10.79 41.67
N LYS B 236 23.37 11.47 42.78
CA LYS B 236 22.17 11.19 43.53
C LYS B 236 20.94 11.97 43.06
N ARG B 237 21.12 13.02 42.25
CA ARG B 237 19.99 13.82 41.83
C ARG B 237 20.22 14.44 40.46
N GLY B 238 20.80 13.67 39.54
CA GLY B 238 20.98 14.12 38.17
C GLY B 238 22.09 13.34 37.50
N GLY B 239 22.17 13.50 36.18
CA GLY B 239 23.27 12.95 35.42
C GLY B 239 22.85 11.79 34.51
N PHE B 240 23.70 11.55 33.50
CA PHE B 240 23.46 10.53 32.47
C PHE B 240 23.35 9.13 33.07
N ILE B 241 24.23 8.80 34.03
CA ILE B 241 24.24 7.46 34.61
C ILE B 241 22.91 7.20 35.32
N ARG B 242 22.47 8.16 36.14
CA ARG B 242 21.20 8.01 36.84
C ARG B 242 20.04 7.87 35.85
N GLN B 243 20.11 8.59 34.72
CA GLN B 243 19.09 8.43 33.69
C GLN B 243 18.98 6.99 33.23
N MET B 244 20.11 6.30 33.12
CA MET B 244 20.03 4.88 32.74
C MET B 244 19.26 4.06 33.76
N ASP B 245 19.22 4.49 35.02
CA ASP B 245 18.45 3.81 36.04
C ASP B 245 17.00 4.24 36.09
N TYR B 246 16.67 5.40 35.51
CA TYR B 246 15.32 5.95 35.64
C TYR B 246 14.49 5.95 34.35
N LEU B 247 15.12 6.04 33.19
CA LEU B 247 14.38 6.17 31.94
C LEU B 247 14.09 4.82 31.27
N PHE B 248 14.56 3.72 31.87
CA PHE B 248 14.26 2.38 31.37
C PHE B 248 13.69 1.55 32.49
N SER B 249 12.80 0.61 32.15
CA SER B 249 12.45 -0.45 33.07
C SER B 249 13.59 -1.47 33.08
N PRO B 250 13.57 -2.44 34.01
CA PRO B 250 14.62 -3.47 34.00
C PRO B 250 14.62 -4.29 32.72
N ASP B 251 13.54 -4.26 31.93
CA ASP B 251 13.48 -4.96 30.65
C ASP B 251 13.91 -4.09 29.47
N GLY B 252 14.33 -2.85 29.72
CA GLY B 252 14.69 -1.95 28.63
C GLY B 252 13.54 -1.23 27.97
N TYR B 253 12.36 -1.24 28.60
CA TYR B 253 11.21 -0.52 28.06
C TYR B 253 11.27 0.95 28.48
N PHE B 254 10.97 1.84 27.51
CA PHE B 254 10.85 3.28 27.72
C PHE B 254 9.37 3.64 27.81
N THR B 255 8.96 4.28 28.90
CA THR B 255 7.54 4.40 29.22
C THR B 255 6.74 5.19 28.18
N GLU B 256 7.37 6.10 27.43
CA GLU B 256 6.58 6.94 26.52
C GLU B 256 6.06 6.15 25.32
N GLY B 257 6.70 5.06 24.95
CA GLY B 257 6.31 4.28 23.79
C GLY B 257 7.47 4.03 22.86
N ALA B 258 7.24 3.09 21.92
CA ALA B 258 8.31 2.63 21.02
C ALA B 258 8.79 3.73 20.08
N TYR B 259 7.89 4.60 19.61
CA TYR B 259 8.27 5.70 18.72
C TYR B 259 9.18 6.70 19.45
N TYR B 260 8.77 7.12 20.65
CA TYR B 260 9.63 8.01 21.44
C TYR B 260 10.80 7.27 22.09
N GLN B 261 10.70 5.96 22.31
CA GLN B 261 11.90 5.19 22.64
C GLN B 261 12.90 5.25 21.50
N ARG B 262 12.42 5.15 20.25
CA ARG B 262 13.26 5.33 19.08
C ARG B 262 14.00 6.66 19.14
N TYR B 263 13.27 7.73 19.46
CA TYR B 263 13.91 9.02 19.58
C TYR B 263 14.93 9.04 20.73
N ALA B 264 14.57 8.47 21.89
CA ALA B 264 15.39 8.62 23.09
C ALA B 264 16.63 7.75 23.09
N ILE B 265 16.66 6.66 22.32
CA ILE B 265 17.82 5.78 22.36
C ILE B 265 19.03 6.45 21.73
N TRP B 266 18.82 7.44 20.85
CA TRP B 266 19.92 8.02 20.10
C TRP B 266 20.96 8.71 20.98
N PRO B 267 20.61 9.70 21.81
CA PRO B 267 21.67 10.34 22.63
C PRO B 267 22.31 9.37 23.61
N PHE B 268 21.55 8.38 24.09
CA PHE B 268 22.16 7.34 24.93
C PHE B 268 23.30 6.64 24.21
N VAL B 269 23.07 6.16 22.98
CA VAL B 269 24.14 5.37 22.38
C VAL B 269 25.29 6.24 21.87
N ILE B 270 25.02 7.45 21.38
CA ILE B 270 26.12 8.32 20.96
C ILE B 270 27.03 8.65 22.14
N PHE B 271 26.43 9.10 23.25
CA PHE B 271 27.25 9.49 24.39
C PHE B 271 27.92 8.26 25.00
N ALA B 272 27.22 7.12 25.06
CA ALA B 272 27.85 5.92 25.60
C ALA B 272 29.07 5.54 24.78
N GLN B 273 29.02 5.65 23.45
CA GLN B 273 30.21 5.34 22.65
C GLN B 273 31.35 6.27 23.00
N CYS B 274 31.05 7.57 23.16
CA CYS B 274 32.10 8.51 23.57
C CYS B 274 32.72 8.14 24.91
N ILE B 275 31.86 7.83 25.89
CA ILE B 275 32.34 7.43 27.22
C ILE B 275 33.23 6.21 27.13
N GLU B 276 32.80 5.18 26.39
CA GLU B 276 33.62 3.98 26.24
C GLU B 276 34.96 4.31 25.58
N ASN B 277 34.97 5.23 24.61
CA ASN B 277 36.23 5.58 23.96
C ASN B 277 37.18 6.31 24.91
N LYS B 278 36.64 7.15 25.79
CA LYS B 278 37.45 7.99 26.67
C LYS B 278 37.64 7.43 28.07
N LEU B 279 36.63 6.75 28.61
CA LEU B 279 36.65 6.25 29.98
C LEU B 279 36.20 4.79 29.99
N PRO B 280 36.98 3.90 29.37
CA PRO B 280 36.55 2.50 29.28
C PRO B 280 36.43 1.80 30.62
N ASP B 281 37.12 2.29 31.67
CA ASP B 281 36.98 1.65 32.96
C ASP B 281 35.62 1.88 33.61
N LEU B 282 34.81 2.82 33.09
CA LEU B 282 33.44 2.94 33.60
C LEU B 282 32.54 1.81 33.12
N LYS B 283 32.97 1.05 32.10
CA LYS B 283 32.20 -0.08 31.56
C LYS B 283 30.75 0.31 31.28
N ILE B 284 30.58 1.44 30.56
CA ILE B 284 29.26 2.02 30.34
C ILE B 284 28.30 1.03 29.67
N PHE B 285 28.82 0.18 28.77
CA PHE B 285 27.90 -0.74 28.09
C PHE B 285 27.57 -1.98 28.91
N ASN B 286 28.18 -2.14 30.09
CA ASN B 286 27.75 -3.14 31.06
C ASN B 286 26.70 -2.58 32.02
N TYR B 287 26.57 -1.24 32.10
CA TYR B 287 25.83 -0.65 33.19
C TYR B 287 24.41 -1.20 33.22
N ARG B 288 23.93 -1.49 34.43
CA ARG B 288 22.60 -2.03 34.66
C ARG B 288 22.32 -3.20 33.71
N ASP B 289 23.21 -4.19 33.77
CA ASP B 289 23.01 -5.44 33.01
C ASP B 289 22.86 -5.13 31.53
N SER B 290 23.67 -4.19 31.04
CA SER B 290 23.68 -3.78 29.63
C SER B 290 22.30 -3.26 29.21
N ILE B 291 21.79 -2.30 29.99
CA ILE B 291 20.44 -1.76 29.74
C ILE B 291 20.30 -1.24 28.31
N LEU B 292 21.34 -0.62 27.73
CA LEU B 292 21.21 -0.08 26.38
C LEU B 292 20.99 -1.21 25.37
N SER B 293 21.77 -2.29 25.48
CA SER B 293 21.51 -3.46 24.64
C SER B 293 20.09 -3.96 24.84
N LYS B 294 19.64 -4.03 26.09
CA LYS B 294 18.27 -4.46 26.34
C LYS B 294 17.28 -3.55 25.65
N ALA B 295 17.52 -2.23 25.72
CA ALA B 295 16.58 -1.31 25.10
C ALA B 295 16.45 -1.61 23.62
N LEU B 296 17.58 -1.85 22.95
CA LEU B 296 17.52 -2.11 21.51
C LEU B 296 16.76 -3.40 21.26
N SER B 297 17.07 -4.44 22.05
CA SER B 297 16.37 -5.71 21.85
C SER B 297 14.88 -5.51 22.03
N THR B 298 14.50 -4.72 23.04
CA THR B 298 13.08 -4.53 23.29
C THR B 298 12.43 -3.79 22.15
N LEU B 299 13.13 -2.79 21.59
CA LEU B 299 12.58 -2.09 20.43
C LEU B 299 12.30 -3.07 19.30
N ILE B 300 13.21 -4.02 19.07
CA ILE B 300 13.01 -4.94 17.94
C ILE B 300 11.84 -5.87 18.21
N GLN B 301 11.71 -6.30 19.47
CA GLN B 301 10.62 -7.20 19.85
C GLN B 301 9.28 -6.46 19.89
N LEU B 302 9.31 -5.14 19.91
CA LEU B 302 8.08 -4.34 19.84
C LEU B 302 7.88 -3.76 18.45
N SER B 303 8.25 -4.53 17.42
CA SER B 303 8.06 -4.12 16.04
C SER B 303 7.52 -5.29 15.22
N TYR B 304 6.91 -4.94 14.10
CA TYR B 304 6.37 -5.90 13.14
C TYR B 304 6.66 -5.39 11.75
N GLU B 305 7.33 -6.20 10.93
CA GLU B 305 7.74 -5.79 9.58
C GLU B 305 8.49 -4.46 9.62
N GLY B 306 9.33 -4.30 10.62
CA GLY B 306 10.18 -3.13 10.75
C GLY B 306 9.52 -1.90 11.35
N GLU B 307 8.23 -1.97 11.68
CA GLU B 307 7.47 -0.82 12.17
C GLU B 307 7.14 -1.03 13.64
N PHE B 308 7.41 -0.02 14.47
CA PHE B 308 7.15 -0.16 15.89
C PHE B 308 5.65 -0.26 16.15
N PHE B 309 5.29 -1.04 17.17
CA PHE B 309 3.90 -1.10 17.58
C PHE B 309 3.47 0.31 17.93
N HIS B 310 2.64 0.91 17.07
CA HIS B 310 2.25 2.31 17.21
C HIS B 310 1.49 2.54 18.50
N ILE B 311 2.10 2.17 19.62
CA ILE B 311 1.49 2.42 20.92
C ILE B 311 1.75 3.87 21.29
N ASN B 312 0.73 4.52 21.87
CA ASN B 312 0.76 5.94 22.25
C ASN B 312 0.95 6.85 21.04
N ASP B 313 1.46 8.07 21.24
CA ASP B 313 1.70 8.96 20.11
C ASP B 313 2.76 8.33 19.21
N ALA B 314 2.40 8.10 17.95
CA ALA B 314 3.30 7.41 17.03
C ALA B 314 2.93 7.77 15.60
N LEU B 315 3.95 7.98 14.78
CA LEU B 315 3.83 8.16 13.35
C LEU B 315 4.58 7.05 12.62
N LEU B 316 4.59 7.11 11.29
CA LEU B 316 5.34 6.15 10.49
C LEU B 316 6.80 6.19 10.90
N LYS B 317 7.27 5.10 11.53
CA LYS B 317 8.63 5.05 12.04
C LYS B 317 8.97 3.62 12.44
N GLY B 318 10.20 3.21 12.13
CA GLY B 318 10.66 1.94 12.64
C GLY B 318 12.14 1.73 12.60
N LEU B 319 12.53 0.52 12.23
CA LEU B 319 13.92 0.11 12.29
C LEU B 319 14.77 0.79 11.21
N SER B 320 14.17 1.49 10.26
CA SER B 320 14.95 2.20 9.25
C SER B 320 15.46 3.55 9.74
N ALA B 321 14.94 4.07 10.85
CA ALA B 321 15.26 5.41 11.32
C ALA B 321 16.74 5.55 11.65
N GLN B 322 17.27 6.76 11.46
CA GLN B 322 18.70 6.96 11.70
C GLN B 322 19.08 6.68 13.15
N GLU B 323 18.17 6.97 14.09
CA GLU B 323 18.43 6.64 15.49
C GLU B 323 18.74 5.16 15.67
N LEU B 324 18.04 4.31 14.91
CA LEU B 324 18.25 2.87 14.99
C LEU B 324 19.47 2.42 14.19
N VAL B 325 19.90 3.19 13.19
CA VAL B 325 21.20 2.92 12.58
C VAL B 325 22.31 3.14 13.61
N TYR B 326 22.24 4.25 14.35
CA TYR B 326 23.20 4.47 15.43
C TYR B 326 23.15 3.34 16.46
N ALA B 327 21.95 2.99 16.93
CA ALA B 327 21.83 1.95 17.96
C ALA B 327 22.35 0.60 17.47
N VAL B 328 21.95 0.18 16.26
CA VAL B 328 22.38 -1.11 15.75
C VAL B 328 23.90 -1.13 15.55
N ASP B 329 24.45 -0.08 14.95
CA ASP B 329 25.87 -0.16 14.62
C ASP B 329 26.71 -0.12 15.89
N ILE B 330 26.37 0.75 16.84
CA ILE B 330 27.15 0.84 18.07
C ILE B 330 27.00 -0.44 18.90
N LEU B 331 25.76 -0.93 19.06
CA LEU B 331 25.56 -2.05 19.98
C LEU B 331 25.95 -3.39 19.36
N TYR B 332 25.89 -3.51 18.02
CA TYR B 332 26.49 -4.70 17.42
C TYR B 332 27.99 -4.70 17.60
N ASN B 333 28.62 -3.51 17.49
CA ASN B 333 30.06 -3.45 17.67
C ASN B 333 30.44 -3.90 19.08
N VAL B 334 29.59 -3.59 20.07
CA VAL B 334 29.87 -4.03 21.45
C VAL B 334 29.83 -5.55 21.57
N ASN B 335 28.85 -6.20 20.95
CA ASN B 335 28.65 -7.65 21.06
C ASN B 335 28.32 -8.22 19.69
N PRO B 336 29.33 -8.48 18.86
CA PRO B 336 29.06 -8.91 17.49
C PRO B 336 28.60 -10.35 17.36
N SER B 337 28.30 -11.01 18.47
CA SER B 337 27.71 -12.33 18.39
C SER B 337 26.21 -12.28 18.10
N ASP B 338 25.59 -11.11 18.19
CA ASP B 338 24.15 -10.98 17.93
C ASP B 338 23.93 -10.76 16.44
N LYS B 339 23.96 -11.86 15.68
CA LYS B 339 23.88 -11.78 14.23
C LYS B 339 22.50 -11.35 13.74
N SER B 340 21.47 -11.40 14.58
CA SER B 340 20.16 -10.92 14.13
C SER B 340 20.18 -9.41 13.88
N LEU B 341 21.07 -8.67 14.56
CA LEU B 341 21.18 -7.24 14.29
C LEU B 341 21.63 -6.99 12.86
N LEU B 342 22.44 -7.91 12.30
CA LEU B 342 22.83 -7.76 10.91
C LEU B 342 21.61 -7.81 10.01
N SER B 343 20.65 -8.68 10.35
CA SER B 343 19.43 -8.74 9.57
C SER B 343 18.64 -7.45 9.69
N VAL B 344 18.60 -6.89 10.90
CA VAL B 344 17.92 -5.60 11.06
C VAL B 344 18.54 -4.58 10.11
N ALA B 345 19.88 -4.54 10.05
CA ALA B 345 20.53 -3.55 9.20
C ALA B 345 20.28 -3.87 7.73
N ASN B 346 20.32 -5.15 7.36
CA ASN B 346 20.30 -5.47 5.94
C ASN B 346 18.89 -5.39 5.38
N LYS B 347 17.89 -5.63 6.22
CA LYS B 347 16.51 -5.67 5.77
C LYS B 347 15.86 -4.28 5.79
N TYR B 348 16.24 -3.43 6.75
CA TYR B 348 15.53 -2.19 7.01
C TYR B 348 16.37 -0.93 6.90
N GLN B 349 17.69 -1.01 7.03
CA GLN B 349 18.52 0.20 7.09
C GLN B 349 19.28 0.49 5.81
N HIS B 350 20.05 -0.47 5.29
CA HIS B 350 20.84 -0.30 4.06
C HIS B 350 21.81 0.87 4.15
N THR B 351 22.23 1.25 5.35
CA THR B 351 23.19 2.33 5.55
C THR B 351 23.92 2.10 6.86
N TYR B 352 25.12 2.70 6.98
CA TYR B 352 26.04 2.35 8.06
C TYR B 352 26.74 3.60 8.57
N LEU B 353 27.00 3.64 9.88
CA LEU B 353 27.75 4.74 10.43
C LEU B 353 29.17 4.76 9.86
N PRO B 354 29.77 5.93 9.74
CA PRO B 354 31.19 6.00 9.32
C PRO B 354 32.13 5.73 10.50
N THR B 355 32.02 4.53 11.06
CA THR B 355 32.76 4.13 12.25
C THR B 355 33.21 2.67 12.09
N SER B 356 34.04 2.23 13.05
CA SER B 356 34.44 0.82 13.11
C SER B 356 33.22 -0.09 13.18
N GLY B 357 32.21 0.31 13.94
CA GLY B 357 31.04 -0.53 14.10
C GLY B 357 30.22 -0.61 12.84
N GLY B 358 30.06 0.52 12.14
CA GLY B 358 29.37 0.49 10.87
C GLY B 358 30.10 -0.37 9.85
N PHE B 359 31.44 -0.28 9.85
CA PHE B 359 32.22 -1.14 8.96
C PHE B 359 32.05 -2.61 9.31
N LYS B 360 32.06 -2.95 10.60
CA LYS B 360 31.91 -4.34 10.99
C LYS B 360 30.54 -4.86 10.58
N VAL B 361 29.49 -4.06 10.76
CA VAL B 361 28.15 -4.48 10.35
C VAL B 361 28.12 -4.78 8.85
N ALA B 362 28.56 -3.82 8.03
CA ALA B 362 28.55 -4.03 6.58
C ALA B 362 29.42 -5.22 6.17
N ARG B 363 30.60 -5.35 6.77
CA ARG B 363 31.50 -6.45 6.40
C ARG B 363 30.91 -7.81 6.77
N ASP B 364 30.29 -7.91 7.94
CA ASP B 364 29.73 -9.20 8.36
C ASP B 364 28.49 -9.55 7.53
N ILE B 365 27.71 -8.55 7.14
CA ILE B 365 26.62 -8.83 6.19
C ILE B 365 27.19 -9.35 4.89
N ALA B 366 28.27 -8.74 4.41
CA ALA B 366 28.83 -9.12 3.11
C ALA B 366 29.35 -10.55 3.09
N ARG B 367 29.88 -11.05 4.20
CA ARG B 367 30.35 -12.43 4.21
C ARG B 367 29.27 -13.40 4.67
N GLY B 368 28.02 -12.95 4.76
CA GLY B 368 26.90 -13.86 4.92
C GLY B 368 26.57 -14.26 6.34
N GLU B 369 26.94 -13.45 7.33
CA GLU B 369 26.76 -13.84 8.72
C GLU B 369 25.39 -13.48 9.29
N ALA B 370 24.54 -12.77 8.54
CA ALA B 370 23.27 -12.35 9.11
C ALA B 370 22.41 -13.57 9.43
N ALA B 371 21.78 -13.52 10.61
CA ALA B 371 20.89 -14.56 11.10
C ALA B 371 19.47 -14.03 11.19
N PRO B 372 18.47 -14.89 11.02
CA PRO B 372 17.07 -14.42 11.05
C PRO B 372 16.75 -13.73 12.36
N ILE B 373 15.92 -12.69 12.27
CA ILE B 373 15.39 -12.10 13.49
C ILE B 373 14.38 -13.06 14.10
N ILE B 374 14.57 -13.40 15.36
CA ILE B 374 13.66 -14.28 16.08
C ILE B 374 12.75 -13.40 16.92
N TYR B 375 11.47 -13.36 16.57
CA TYR B 375 10.50 -12.64 17.39
C TYR B 375 9.87 -13.63 18.36
N ARG B 376 9.94 -13.32 19.65
CA ARG B 376 9.51 -14.24 20.71
C ARG B 376 8.40 -13.59 21.52
N SER B 377 7.42 -14.40 21.91
CA SER B 377 6.41 -13.95 22.86
C SER B 377 7.11 -13.44 24.12
N SER B 378 6.66 -12.27 24.60
CA SER B 378 7.40 -11.53 25.61
C SER B 378 6.44 -10.73 26.49
N VAL B 379 6.88 -10.47 27.72
CA VAL B 379 6.28 -9.46 28.57
C VAL B 379 7.38 -8.46 28.91
N PHE B 380 7.14 -7.19 28.60
CA PHE B 380 8.09 -6.11 28.92
C PHE B 380 7.47 -5.25 30.01
N ARG B 381 8.09 -5.23 31.18
CA ARG B 381 7.54 -4.51 32.30
C ARG B 381 7.77 -3.01 32.14
N ASP B 382 6.85 -2.23 32.71
CA ASP B 382 6.91 -0.77 32.73
C ASP B 382 7.25 -0.28 34.14
N GLY B 383 7.67 0.98 34.24
CA GLY B 383 8.13 1.55 35.50
C GLY B 383 9.61 1.29 35.71
N ARG B 384 10.35 2.19 36.36
CA ARG B 384 11.80 1.99 36.45
C ARG B 384 12.15 0.74 37.26
N LYS B 385 11.29 0.33 38.20
CA LYS B 385 11.49 -0.91 38.92
C LYS B 385 10.73 -2.09 38.32
N GLY B 386 10.05 -1.90 37.19
CA GLY B 386 9.35 -3.01 36.56
C GLY B 386 8.03 -3.40 37.17
N ASP B 387 7.45 -2.55 38.03
CA ASP B 387 6.26 -2.87 38.80
C ASP B 387 5.07 -1.96 38.46
N GLU B 388 5.10 -1.30 37.30
CA GLU B 388 4.00 -0.42 36.93
C GLU B 388 3.38 -0.86 35.61
N GLY B 389 2.96 -2.12 35.53
CA GLY B 389 2.30 -2.62 34.35
C GLY B 389 3.29 -3.16 33.32
N GLY B 390 2.83 -3.25 32.09
CA GLY B 390 3.69 -3.79 31.05
C GLY B 390 2.95 -3.94 29.74
N VAL B 391 3.69 -4.41 28.74
CA VAL B 391 3.18 -4.76 27.42
C VAL B 391 3.46 -6.23 27.22
N ALA B 392 2.46 -6.98 26.78
CA ALA B 392 2.63 -8.39 26.46
C ALA B 392 2.40 -8.59 24.98
N VAL B 393 3.21 -9.47 24.36
CA VAL B 393 3.10 -9.79 22.95
C VAL B 393 3.15 -11.30 22.80
N ILE B 394 2.15 -11.87 22.11
CA ILE B 394 2.20 -13.27 21.68
C ILE B 394 2.64 -13.29 20.23
N ARG B 395 3.68 -14.06 19.93
CA ARG B 395 4.18 -14.22 18.57
C ARG B 395 3.82 -15.60 18.04
N SER B 396 3.57 -15.67 16.73
CA SER B 396 3.43 -16.97 16.09
C SER B 396 4.70 -17.79 16.28
N THR B 397 4.53 -19.12 16.34
CA THR B 397 5.64 -20.05 16.50
C THR B 397 5.78 -21.01 15.31
N ASP B 398 4.80 -21.04 14.43
CA ASP B 398 4.87 -21.82 13.19
C ASP B 398 5.62 -21.00 12.15
N SER B 399 6.71 -21.56 11.62
CA SER B 399 7.56 -20.79 10.70
C SER B 399 6.87 -20.47 9.39
N ASN B 400 5.74 -21.09 9.08
CA ASN B 400 4.96 -20.73 7.90
C ASN B 400 4.12 -19.48 8.09
N LEU B 401 3.98 -19.01 9.33
CA LEU B 401 3.11 -17.89 9.70
C LEU B 401 3.94 -16.71 10.15
N ASN B 402 3.27 -15.57 10.29
CA ASN B 402 3.94 -14.32 10.70
C ASN B 402 2.89 -13.46 11.38
N SER B 403 2.72 -13.65 12.68
CA SER B 403 1.63 -13.01 13.42
C SER B 403 2.15 -12.47 14.75
N ALA B 404 1.43 -11.46 15.24
CA ALA B 404 1.70 -10.86 16.54
C ALA B 404 0.40 -10.37 17.14
N LEU B 405 0.22 -10.58 18.44
CA LEU B 405 -0.97 -10.15 19.17
C LEU B 405 -0.49 -9.38 20.37
N THR B 406 -0.90 -8.11 20.50
CA THR B 406 -0.37 -7.26 21.57
C THR B 406 -1.46 -6.90 22.57
N LEU B 407 -1.03 -6.72 23.83
CA LEU B 407 -1.88 -6.34 24.95
C LEU B 407 -1.13 -5.29 25.75
N LYS B 408 -1.66 -4.07 25.81
CA LYS B 408 -0.96 -2.95 26.46
C LYS B 408 -1.63 -2.62 27.79
N ALA B 409 -0.88 -2.77 28.90
CA ALA B 409 -1.42 -2.56 30.22
C ALA B 409 -0.38 -1.77 31.04
N THR B 410 -0.07 -0.56 30.59
CA THR B 410 1.08 0.21 31.04
C THR B 410 0.69 1.32 31.99
N SER B 411 1.71 2.06 32.46
CA SER B 411 1.53 3.37 33.05
CA SER B 411 1.50 3.36 33.05
C SER B 411 1.07 4.35 31.97
N HIS B 412 0.88 5.62 32.35
CA HIS B 412 0.32 6.56 31.39
C HIS B 412 1.29 6.84 30.26
N GLY B 413 2.53 7.19 30.59
CA GLY B 413 3.55 7.46 29.60
C GLY B 413 3.71 8.92 29.21
N LEU B 414 3.73 9.82 30.19
CA LEU B 414 3.97 11.26 29.96
C LEU B 414 3.02 11.88 28.93
N SER B 415 3.37 13.06 28.39
CA SER B 415 2.36 13.89 27.74
C SER B 415 1.82 13.25 26.46
N HIS B 416 2.59 12.38 25.83
CA HIS B 416 2.14 11.71 24.62
C HIS B 416 1.26 10.50 24.91
N GLY B 417 1.02 10.14 26.17
CA GLY B 417 0.33 8.90 26.45
C GLY B 417 -1.14 8.93 26.06
N HIS B 418 -1.64 7.76 25.70
CA HIS B 418 -3.04 7.57 25.33
C HIS B 418 -3.84 6.98 26.48
N PHE B 419 -5.17 7.14 26.40
CA PHE B 419 -6.07 6.62 27.43
C PHE B 419 -6.60 5.26 26.97
N ASP B 420 -5.77 4.22 27.16
CA ASP B 420 -5.92 3.00 26.36
C ASP B 420 -5.64 1.73 27.17
N LYS B 421 -6.06 1.69 28.44
CA LYS B 421 -5.81 0.50 29.25
C LYS B 421 -6.40 -0.75 28.61
N LEU B 422 -5.56 -1.78 28.49
CA LEU B 422 -5.88 -3.13 28.01
C LEU B 422 -6.07 -3.18 26.50
N THR B 423 -5.65 -2.18 25.73
CA THR B 423 -5.90 -2.22 24.29
C THR B 423 -5.12 -3.36 23.62
N MET B 424 -5.74 -3.96 22.61
CA MET B 424 -5.15 -5.08 21.89
C MET B 424 -4.97 -4.73 20.43
N ALA B 425 -4.01 -5.38 19.79
CA ALA B 425 -3.84 -5.25 18.35
C ALA B 425 -3.44 -6.59 17.77
N TYR B 426 -3.77 -6.80 16.48
CA TYR B 426 -3.45 -8.04 15.80
C TYR B 426 -2.77 -7.74 14.48
N TYR B 427 -1.61 -8.37 14.26
CA TYR B 427 -0.77 -8.26 13.07
C TYR B 427 -0.67 -9.65 12.45
N ASP B 428 -0.86 -9.75 11.14
CA ASP B 428 -0.81 -11.06 10.49
C ASP B 428 -0.47 -10.91 9.00
N ASN B 429 0.31 -11.85 8.48
CA ASN B 429 0.46 -11.98 7.02
C ASN B 429 1.14 -10.75 6.42
N GLY B 430 1.96 -10.06 7.22
CA GLY B 430 2.66 -8.87 6.80
C GLY B 430 1.90 -7.57 7.00
N ASN B 431 0.68 -7.64 7.52
CA ASN B 431 -0.23 -6.50 7.61
C ASN B 431 -0.68 -6.26 9.04
N GLU B 432 -1.05 -4.99 9.30
CA GLU B 432 -1.78 -4.66 10.52
C GLU B 432 -3.25 -4.97 10.27
N ILE B 433 -3.82 -5.90 11.04
CA ILE B 433 -5.18 -6.37 10.81
C ILE B 433 -6.18 -5.65 11.70
N LEU B 434 -5.93 -5.66 13.01
CA LEU B 434 -6.75 -4.96 14.00
C LEU B 434 -5.82 -3.94 14.66
N PRO B 435 -5.74 -2.72 14.14
CA PRO B 435 -4.66 -1.79 14.49
C PRO B 435 -4.95 -0.86 15.66
N ASP B 436 -3.88 -0.15 16.06
CA ASP B 436 -3.82 1.06 16.89
C ASP B 436 -3.51 2.30 16.02
N TYR B 437 -4.25 3.39 16.25
CA TYR B 437 -4.26 4.51 15.29
C TYR B 437 -2.95 5.28 15.28
N GLY B 438 -2.33 5.47 16.44
CA GLY B 438 -1.15 6.33 16.54
C GLY B 438 -1.53 7.78 16.76
N ALA B 439 -0.71 8.71 16.28
CA ALA B 439 -0.96 10.13 16.47
C ALA B 439 -1.63 10.75 15.23
N SER B 440 -2.31 11.88 15.46
CA SER B 440 -2.73 12.79 14.40
C SER B 440 -1.70 13.91 14.30
N ARG B 441 -0.88 13.87 13.25
CA ARG B 441 0.17 14.86 13.09
C ARG B 441 0.77 14.70 11.70
N PHE B 442 1.04 15.83 11.04
CA PHE B 442 1.54 15.85 9.67
C PHE B 442 2.90 16.51 9.68
N LEU B 443 3.91 15.68 9.97
CA LEU B 443 5.26 16.15 10.27
C LEU B 443 5.82 16.98 9.12
N ASN B 444 6.34 18.15 9.46
CA ASN B 444 7.03 19.04 8.53
C ASN B 444 6.12 19.58 7.42
N ILE B 445 4.80 19.52 7.59
CA ILE B 445 3.87 20.15 6.66
C ILE B 445 3.32 21.38 7.35
N GLU B 446 3.92 22.55 7.04
CA GLU B 446 3.53 23.80 7.69
C GLU B 446 2.04 24.07 7.50
N ALA B 447 1.51 23.78 6.31
CA ALA B 447 0.13 24.07 5.97
C ALA B 447 -0.89 23.24 6.76
N LYS B 448 -0.45 22.30 7.60
CA LYS B 448 -1.35 21.47 8.40
C LYS B 448 -0.99 21.65 9.88
N TYR B 449 -1.49 22.75 10.46
CA TYR B 449 -1.28 23.08 11.88
C TYR B 449 0.21 23.20 12.21
N LYS B 450 1.00 23.71 11.26
CA LYS B 450 2.42 24.00 11.46
C LYS B 450 3.23 22.76 11.82
N GLY B 451 2.80 21.59 11.36
CA GLY B 451 3.54 20.38 11.65
C GLY B 451 3.50 19.92 13.09
N HIS B 452 2.74 20.58 13.96
CA HIS B 452 2.60 20.18 15.36
C HIS B 452 1.57 19.07 15.48
N TYR B 453 1.44 18.55 16.70
CA TYR B 453 0.31 17.68 16.97
C TYR B 453 -0.97 18.48 16.78
N THR B 454 -1.88 17.95 15.97
CA THR B 454 -3.12 18.63 15.67
C THR B 454 -4.04 18.62 16.88
N ARG B 455 -5.09 19.45 16.81
CA ARG B 455 -6.14 19.40 17.82
C ARG B 455 -6.75 18.02 17.91
N GLU B 456 -6.79 17.29 16.80
CA GLU B 456 -7.43 15.99 16.77
C GLU B 456 -6.56 14.90 17.38
N ASN B 457 -5.25 15.15 17.55
CA ASN B 457 -4.46 14.20 18.32
C ASN B 457 -5.01 14.08 19.73
N GLN B 458 -5.35 15.22 20.34
CA GLN B 458 -5.95 15.20 21.66
C GLN B 458 -7.40 14.77 21.61
N SER B 459 -8.19 15.34 20.68
CA SER B 459 -9.63 15.08 20.73
C SER B 459 -10.02 13.73 20.15
N PHE B 460 -9.15 13.09 19.36
CA PHE B 460 -9.45 11.73 18.91
C PHE B 460 -8.35 10.73 19.26
N ALA B 461 -7.12 10.93 18.79
CA ALA B 461 -6.17 9.81 18.77
C ALA B 461 -5.82 9.31 20.16
N LYS B 462 -5.79 10.19 21.17
CA LYS B 462 -5.51 9.77 22.54
C LYS B 462 -6.72 9.15 23.23
N GLN B 463 -7.92 9.35 22.70
CA GLN B 463 -9.13 8.94 23.39
C GLN B 463 -9.32 7.44 23.31
N THR B 464 -10.02 6.90 24.31
CA THR B 464 -10.14 5.45 24.42
C THR B 464 -10.82 4.84 23.19
N ILE B 465 -11.86 5.50 22.66
CA ILE B 465 -12.63 4.93 21.55
C ILE B 465 -11.78 4.77 20.30
N ALA B 466 -10.61 5.43 20.23
CA ALA B 466 -9.71 5.22 19.11
C ALA B 466 -8.96 3.90 19.19
N HIS B 467 -9.11 3.16 20.29
CA HIS B 467 -8.33 1.94 20.52
C HIS B 467 -9.27 0.74 20.57
N ASN B 468 -8.67 -0.44 20.67
CA ASN B 468 -9.44 -1.68 20.80
C ASN B 468 -9.53 -2.08 22.27
N THR B 469 -10.35 -1.36 23.03
CA THR B 469 -10.57 -1.71 24.44
C THR B 469 -11.92 -1.14 24.88
N LEU B 470 -12.30 -1.45 26.13
CA LEU B 470 -13.62 -1.11 26.65
C LEU B 470 -13.77 0.39 26.88
N VAL B 471 -14.90 0.95 26.43
CA VAL B 471 -15.25 2.35 26.71
C VAL B 471 -16.59 2.37 27.44
N VAL B 472 -16.62 3.04 28.59
CA VAL B 472 -17.81 3.06 29.45
C VAL B 472 -18.48 4.42 29.34
N ASP B 473 -19.79 4.42 29.05
CA ASP B 473 -20.59 5.64 29.12
C ASP B 473 -20.01 6.76 28.25
N GLU B 474 -19.49 6.40 27.07
CA GLU B 474 -18.97 7.38 26.10
C GLU B 474 -17.92 8.28 26.77
N THR B 475 -17.11 7.70 27.64
CA THR B 475 -16.13 8.45 28.43
C THR B 475 -14.78 7.73 28.35
N SER B 476 -13.71 8.48 28.08
CA SER B 476 -12.39 7.88 28.02
C SER B 476 -11.95 7.41 29.41
N HIS B 477 -11.05 6.42 29.43
CA HIS B 477 -10.37 6.03 30.67
C HIS B 477 -9.85 7.26 31.41
N PHE B 478 -10.04 7.26 32.73
CA PHE B 478 -9.62 8.36 33.60
C PHE B 478 -10.26 9.69 33.18
N ALA B 479 -11.41 9.60 32.53
CA ALA B 479 -12.12 10.75 31.93
C ALA B 479 -11.18 11.59 31.07
N GLY B 480 -10.20 10.94 30.46
CA GLY B 480 -9.28 11.66 29.58
C GLY B 480 -8.40 12.67 30.28
N ASP B 481 -8.21 12.53 31.60
CA ASP B 481 -7.45 13.51 32.40
C ASP B 481 -6.05 12.96 32.67
N ILE B 482 -5.03 13.59 32.10
CA ILE B 482 -3.66 13.10 32.24
C ILE B 482 -3.21 13.14 33.71
N LYS B 483 -3.65 14.15 34.46
CA LYS B 483 -3.24 14.24 35.86
C LYS B 483 -3.70 13.04 36.66
N VAL B 484 -4.90 12.53 36.36
CA VAL B 484 -5.43 11.36 37.06
C VAL B 484 -4.77 10.10 36.53
N SER B 485 -4.74 9.93 35.21
CA SER B 485 -4.16 8.74 34.60
C SER B 485 -2.71 8.54 35.02
N SER B 486 -1.94 9.62 35.16
CA SER B 486 -0.52 9.54 35.48
C SER B 486 -0.27 8.94 36.86
N ARG B 487 -1.30 8.77 37.68
CA ARG B 487 -1.10 8.15 38.98
C ARG B 487 -1.24 6.65 38.97
N TYR B 488 -1.66 6.06 37.83
CA TYR B 488 -2.17 4.70 37.80
C TYR B 488 -1.55 3.90 36.66
N HIS B 489 -1.54 2.58 36.84
CA HIS B 489 -1.15 1.65 35.79
C HIS B 489 -2.07 0.44 35.83
N SER B 490 -2.21 -0.22 34.69
CA SER B 490 -2.84 -1.54 34.65
C SER B 490 -1.78 -2.59 34.98
N ASP B 491 -2.17 -3.87 34.94
CA ASP B 491 -1.26 -4.94 35.30
C ASP B 491 -1.39 -6.06 34.28
N ILE B 492 -0.26 -6.67 33.92
CA ILE B 492 -0.28 -7.99 33.28
C ILE B 492 -0.25 -8.98 34.42
N ILE B 493 -1.35 -9.70 34.63
CA ILE B 493 -1.47 -10.55 35.79
C ILE B 493 -1.20 -12.02 35.49
N TYR B 494 -1.25 -12.43 34.22
CA TYR B 494 -0.92 -13.84 33.95
C TYR B 494 -0.41 -13.97 32.53
N HIS B 495 0.52 -14.89 32.31
CA HIS B 495 0.86 -15.26 30.94
C HIS B 495 1.44 -16.67 30.92
N ASP B 496 1.19 -17.35 29.80
CA ASP B 496 1.74 -18.68 29.57
C ASP B 496 2.00 -18.78 28.07
N PHE B 497 3.25 -18.66 27.67
CA PHE B 497 3.64 -18.75 26.27
C PHE B 497 4.04 -20.16 25.86
N ASN B 498 3.86 -21.15 26.73
CA ASN B 498 4.29 -22.52 26.47
C ASN B 498 3.20 -23.51 26.87
N GLY B 499 1.96 -23.23 26.46
CA GLY B 499 0.86 -24.13 26.72
C GLY B 499 0.75 -25.33 25.80
N GLY B 500 1.66 -25.47 24.84
CA GLY B 500 1.61 -26.61 23.94
C GLY B 500 0.74 -26.33 22.73
N HIS B 501 -0.57 -26.32 22.93
CA HIS B 501 -1.51 -25.99 21.87
C HIS B 501 -2.02 -24.56 21.98
N PHE B 502 -1.48 -23.78 22.92
CA PHE B 502 -1.96 -22.42 23.08
C PHE B 502 -0.90 -21.57 23.75
N GLN B 503 -1.07 -20.26 23.59
CA GLN B 503 -0.44 -19.23 24.41
C GLN B 503 -1.54 -18.35 24.96
N VAL B 504 -1.32 -17.75 26.13
CA VAL B 504 -2.36 -16.91 26.72
C VAL B 504 -1.71 -15.78 27.51
N MET B 505 -2.42 -14.66 27.59
CA MET B 505 -2.02 -13.53 28.43
C MET B 505 -3.26 -12.86 28.99
N VAL B 506 -3.12 -12.33 30.20
CA VAL B 506 -4.23 -11.74 30.95
C VAL B 506 -3.76 -10.45 31.58
N ALA B 507 -4.58 -9.39 31.45
CA ALA B 507 -4.33 -8.10 32.05
C ALA B 507 -5.56 -7.63 32.82
N LYS B 508 -5.32 -6.75 33.79
CA LYS B 508 -6.38 -6.28 34.69
C LYS B 508 -6.22 -4.79 34.93
N ASP B 509 -7.34 -4.07 35.03
CA ASP B 509 -7.31 -2.66 35.42
C ASP B 509 -8.47 -2.34 36.33
N THR B 510 -8.18 -1.67 37.45
CA THR B 510 -9.21 -1.29 38.41
C THR B 510 -9.28 0.21 38.63
N ASN B 511 -8.64 1.01 37.78
CA ASN B 511 -8.55 2.45 38.02
C ASN B 511 -9.08 3.32 36.88
N ALA B 512 -9.27 2.76 35.68
CA ALA B 512 -9.71 3.59 34.56
C ALA B 512 -11.07 4.22 34.83
N TYR B 513 -11.95 3.52 35.56
CA TYR B 513 -13.28 4.02 35.90
C TYR B 513 -13.51 3.68 37.37
N PRO B 514 -13.97 4.64 38.17
CA PRO B 514 -14.28 4.34 39.58
C PRO B 514 -15.31 3.23 39.68
N GLY B 515 -15.02 2.25 40.53
CA GLY B 515 -15.97 1.18 40.78
C GLY B 515 -16.09 0.14 39.69
N ILE B 516 -15.19 0.13 38.71
CA ILE B 516 -15.23 -0.84 37.62
C ILE B 516 -13.92 -1.61 37.61
N GLU B 517 -14.01 -2.93 37.54
CA GLU B 517 -12.86 -3.78 37.31
C GLU B 517 -12.96 -4.35 35.90
N MET B 518 -11.89 -4.20 35.13
CA MET B 518 -11.82 -4.73 33.77
C MET B 518 -10.72 -5.77 33.72
N LYS B 519 -11.00 -6.90 33.06
CA LYS B 519 -10.00 -7.93 32.84
C LYS B 519 -10.06 -8.33 31.38
N ARG B 520 -8.91 -8.60 30.78
CA ARG B 520 -8.88 -9.06 29.39
C ARG B 520 -7.97 -10.26 29.26
N THR B 521 -8.49 -11.32 28.65
CA THR B 521 -7.77 -12.56 28.40
C THR B 521 -7.69 -12.77 26.90
N LEU B 522 -6.48 -12.96 26.39
CA LEU B 522 -6.24 -13.23 24.97
C LEU B 522 -5.53 -14.57 24.86
N ALA B 523 -6.19 -15.51 24.18
CA ALA B 523 -5.65 -16.84 23.94
C ALA B 523 -5.40 -17.05 22.45
N TYR B 524 -4.24 -17.57 22.11
CA TYR B 524 -3.82 -17.85 20.74
C TYR B 524 -3.70 -19.37 20.64
N VAL B 525 -4.66 -20.02 19.98
CA VAL B 525 -4.88 -21.46 20.07
C VAL B 525 -4.64 -22.10 18.72
N THR B 526 -3.79 -23.12 18.69
CA THR B 526 -3.55 -23.88 17.46
C THR B 526 -4.44 -25.11 17.50
N THR B 527 -5.59 -25.04 16.81
CA THR B 527 -6.51 -26.16 16.71
C THR B 527 -6.08 -27.12 15.60
N PRO B 528 -6.49 -28.38 15.69
CA PRO B 528 -6.27 -29.30 14.55
C PRO B 528 -7.31 -29.20 13.45
N PHE B 529 -8.34 -28.36 13.59
CA PHE B 529 -9.43 -28.36 12.62
C PHE B 529 -9.61 -27.05 11.86
N LEU B 530 -8.96 -25.97 12.29
CA LEU B 530 -9.04 -24.71 11.56
C LEU B 530 -7.78 -24.53 10.72
N GLN B 531 -7.91 -23.68 9.69
CA GLN B 531 -6.79 -23.48 8.76
C GLN B 531 -5.62 -22.77 9.44
N PHE B 532 -5.90 -21.81 10.31
CA PHE B 532 -4.89 -20.98 10.95
C PHE B 532 -5.20 -20.85 12.43
N PRO B 533 -4.21 -20.46 13.25
CA PRO B 533 -4.46 -20.32 14.68
C PRO B 533 -5.61 -19.37 14.99
N LEU B 534 -6.34 -19.72 16.02
CA LEU B 534 -7.55 -19.02 16.44
C LEU B 534 -7.19 -18.07 17.58
N ILE B 535 -7.83 -16.90 17.62
CA ILE B 535 -7.68 -16.01 18.76
C ILE B 535 -9.01 -15.96 19.50
N LEU B 536 -8.97 -16.12 20.82
CA LEU B 536 -10.13 -15.91 21.67
C LEU B 536 -9.84 -14.70 22.55
N ASP B 537 -10.81 -13.78 22.63
CA ASP B 537 -10.72 -12.58 23.45
C ASP B 537 -11.88 -12.61 24.44
N VAL B 538 -11.58 -12.47 25.73
CA VAL B 538 -12.63 -12.38 26.73
C VAL B 538 -12.36 -11.12 27.53
N LEU B 539 -13.27 -10.14 27.43
CA LEU B 539 -13.14 -8.89 28.15
C LEU B 539 -14.27 -8.82 29.18
N GLN B 540 -13.91 -8.90 30.46
CA GLN B 540 -14.86 -8.92 31.57
C GLN B 540 -14.90 -7.55 32.23
N ALA B 541 -16.12 -7.00 32.38
CA ALA B 541 -16.37 -5.76 33.09
C ALA B 541 -17.27 -6.05 34.28
N ASN B 542 -16.86 -5.61 35.46
CA ASN B 542 -17.66 -5.79 36.67
C ASN B 542 -17.74 -4.45 37.39
N ALA B 543 -18.96 -3.96 37.62
CA ALA B 543 -19.14 -2.62 38.19
C ALA B 543 -20.15 -2.62 39.32
N ASP B 544 -20.11 -1.56 40.11
CA ASP B 544 -21.07 -1.39 41.19
C ASP B 544 -22.30 -0.58 40.79
N LYS B 545 -22.43 -0.18 39.53
CA LYS B 545 -23.61 0.50 39.01
C LYS B 545 -23.81 0.12 37.54
N GLU B 546 -25.00 0.42 37.01
CA GLU B 546 -25.29 0.14 35.62
C GLU B 546 -24.53 1.08 34.68
N HIS B 547 -24.14 0.55 33.52
CA HIS B 547 -23.34 1.31 32.57
C HIS B 547 -23.70 0.93 31.15
N GLN B 548 -23.32 1.79 30.22
CA GLN B 548 -23.23 1.42 28.81
C GLN B 548 -21.79 1.00 28.53
N TYR B 549 -21.62 -0.18 27.92
CA TYR B 549 -20.31 -0.75 27.61
C TYR B 549 -20.13 -0.84 26.10
N ASP B 550 -19.08 -0.21 25.58
CA ASP B 550 -18.72 -0.29 24.16
C ASP B 550 -17.47 -1.13 24.01
N TYR B 551 -17.50 -2.04 23.03
CA TYR B 551 -16.38 -2.91 22.69
C TYR B 551 -16.05 -2.63 21.23
N PRO B 552 -15.06 -1.78 20.94
CA PRO B 552 -14.69 -1.46 19.57
C PRO B 552 -13.57 -2.34 19.07
N ILE B 553 -13.64 -2.69 17.78
CA ILE B 553 -12.56 -3.39 17.09
C ILE B 553 -12.33 -2.62 15.80
N TRP B 554 -11.25 -1.85 15.77
CA TRP B 554 -10.80 -1.22 14.54
C TRP B 554 -10.23 -2.28 13.61
N TYR B 555 -10.56 -2.17 12.32
CA TYR B 555 -10.07 -3.18 11.38
C TYR B 555 -9.55 -2.50 10.13
N ASN B 556 -8.59 -3.16 9.50
CA ASN B 556 -7.95 -2.74 8.25
C ASN B 556 -8.38 -3.74 7.19
N GLY B 557 -9.20 -3.32 6.24
CA GLY B 557 -9.62 -4.20 5.17
C GLY B 557 -10.98 -3.78 4.65
N HIS B 558 -11.54 -4.60 3.75
CA HIS B 558 -12.80 -4.28 3.12
C HIS B 558 -13.90 -5.20 3.65
N PHE B 559 -15.02 -4.58 4.04
CA PHE B 559 -16.21 -5.28 4.49
C PHE B 559 -16.61 -6.40 3.53
N VAL B 560 -16.85 -7.61 4.05
CA VAL B 560 -17.39 -8.70 3.26
C VAL B 560 -18.81 -9.06 3.69
N SER B 561 -19.04 -9.29 4.99
CA SER B 561 -20.38 -9.71 5.39
C SER B 561 -20.60 -9.53 6.89
N LEU B 562 -21.88 -9.37 7.24
CA LEU B 562 -22.39 -9.54 8.61
C LEU B 562 -23.44 -10.64 8.55
N ASN B 563 -23.56 -11.43 9.62
CA ASN B 563 -24.51 -12.53 9.63
C ASN B 563 -25.86 -12.13 10.22
N PHE B 564 -26.19 -10.84 10.22
CA PHE B 564 -27.47 -10.33 10.69
C PHE B 564 -27.86 -9.15 9.80
N PRO B 565 -29.14 -8.79 9.77
CA PRO B 565 -29.55 -7.69 8.90
C PRO B 565 -29.10 -6.37 9.48
N TYR B 566 -28.78 -5.42 8.60
CA TYR B 566 -28.37 -4.12 9.07
C TYR B 566 -28.93 -3.05 8.17
N ALA B 567 -29.01 -1.85 8.73
CA ALA B 567 -29.36 -0.64 8.02
C ALA B 567 -28.09 0.15 7.76
N LYS B 568 -28.09 0.90 6.65
CA LYS B 568 -26.92 1.65 6.23
C LYS B 568 -27.32 3.06 5.86
N ALA B 569 -26.46 4.01 6.20
CA ALA B 569 -26.65 5.39 5.77
C ALA B 569 -26.88 5.43 4.27
N THR B 570 -27.91 6.18 3.86
CA THR B 570 -28.18 6.29 2.43
C THR B 570 -27.74 7.65 1.91
N ASN B 571 -28.45 8.73 2.26
CA ASN B 571 -28.05 10.03 1.74
C ASN B 571 -27.71 11.02 2.84
N GLU B 572 -27.58 10.55 4.08
CA GLU B 572 -27.25 11.37 5.23
C GLU B 572 -26.44 10.54 6.21
N LEU B 573 -25.32 11.10 6.67
CA LEU B 573 -24.48 10.50 7.69
C LEU B 573 -24.48 11.39 8.93
N LYS B 574 -24.54 10.77 10.11
CA LYS B 574 -24.43 11.48 11.37
C LYS B 574 -23.37 10.83 12.24
N THR B 575 -22.99 11.50 13.32
CA THR B 575 -21.96 10.98 14.20
C THR B 575 -22.52 10.03 15.24
N LEU B 576 -21.64 9.15 15.74
CA LEU B 576 -22.03 8.20 16.77
C LEU B 576 -22.30 8.89 18.10
N GLY B 577 -21.49 9.88 18.45
CA GLY B 577 -21.66 10.57 19.71
C GLY B 577 -21.16 11.99 19.66
N THR B 578 -20.95 12.60 20.84
CA THR B 578 -20.64 14.01 20.91
C THR B 578 -19.37 14.35 21.68
N LYS B 579 -18.73 13.38 22.33
CA LYS B 579 -17.62 13.71 23.21
C LYS B 579 -16.62 12.57 23.27
N ASP B 580 -15.43 12.87 23.81
CA ASP B 580 -14.35 11.91 24.04
C ASP B 580 -14.05 11.07 22.80
N GLY B 581 -14.08 11.72 21.64
CA GLY B 581 -13.70 11.12 20.38
C GLY B 581 -14.87 10.64 19.54
N TYR B 582 -16.02 10.38 20.17
CA TYR B 582 -17.17 9.90 19.43
C TYR B 582 -17.71 10.93 18.45
N GLN B 583 -17.43 12.22 18.68
CA GLN B 583 -17.84 13.27 17.74
C GLN B 583 -17.07 13.21 16.43
N HIS B 584 -16.06 12.34 16.32
CA HIS B 584 -15.29 12.22 15.09
C HIS B 584 -15.67 10.98 14.31
N LEU B 585 -16.65 10.20 14.79
CA LEU B 585 -16.98 8.91 14.20
C LEU B 585 -18.29 9.00 13.44
N TRP B 586 -18.25 8.76 12.12
CA TRP B 586 -19.47 8.59 11.35
C TRP B 586 -20.10 7.24 11.65
N LEU B 587 -21.42 7.23 11.81
CA LEU B 587 -22.17 5.99 12.01
C LEU B 587 -22.65 5.52 10.65
N GLU B 588 -21.92 4.58 10.05
CA GLU B 588 -22.20 4.13 8.68
C GLU B 588 -23.27 3.07 8.60
N ALA B 589 -23.31 2.15 9.57
CA ALA B 589 -24.30 1.07 9.52
C ALA B 589 -24.61 0.61 10.92
N TRP B 590 -25.79 0.00 11.10
CA TRP B 590 -26.20 -0.41 12.44
C TRP B 590 -27.19 -1.54 12.32
N GLY B 591 -27.17 -2.43 13.30
CA GLY B 591 -28.17 -3.49 13.28
C GLY B 591 -28.17 -4.30 14.55
N GLN B 592 -29.12 -5.22 14.62
CA GLN B 592 -29.21 -6.15 15.73
C GLN B 592 -29.47 -7.55 15.20
N ASN B 593 -29.13 -8.52 16.03
CA ASN B 593 -29.21 -9.94 15.67
C ASN B 593 -30.31 -10.56 16.52
N LYS B 594 -31.48 -10.77 15.91
CA LYS B 594 -32.64 -11.35 16.57
C LYS B 594 -32.81 -12.83 16.28
N SER B 595 -31.90 -13.46 15.54
CA SER B 595 -32.10 -14.83 15.09
C SER B 595 -31.13 -15.84 15.68
N ARG B 596 -29.94 -15.42 16.12
CA ARG B 596 -28.89 -16.27 16.63
C ARG B 596 -28.25 -15.59 17.83
N ASN B 597 -27.49 -16.37 18.61
CA ASN B 597 -26.79 -15.84 19.79
C ASN B 597 -25.37 -15.40 19.48
N THR B 598 -24.95 -15.41 18.22
CA THR B 598 -23.59 -15.09 17.87
C THR B 598 -23.62 -14.19 16.64
N SER B 599 -22.87 -13.09 16.67
CA SER B 599 -22.86 -12.17 15.55
C SER B 599 -21.45 -12.15 14.96
N SER B 600 -21.36 -12.19 13.63
CA SER B 600 -20.08 -12.40 12.96
C SER B 600 -19.88 -11.36 11.86
N PHE B 601 -18.68 -10.78 11.82
CA PHE B 601 -18.27 -9.80 10.83
C PHE B 601 -17.07 -10.37 10.10
N THR B 602 -17.16 -10.50 8.79
CA THR B 602 -16.04 -10.97 7.97
C THR B 602 -15.54 -9.84 7.08
N PHE B 603 -14.21 -9.68 7.00
CA PHE B 603 -13.60 -8.72 6.09
C PHE B 603 -12.37 -9.33 5.45
N VAL B 604 -11.86 -8.66 4.41
CA VAL B 604 -10.70 -9.14 3.66
C VAL B 604 -9.57 -8.12 3.77
N ASN B 605 -8.35 -8.61 4.00
CA ASN B 605 -7.15 -7.78 3.94
C ASN B 605 -6.16 -8.53 3.07
N LYS B 606 -5.86 -7.94 1.90
CA LYS B 606 -5.03 -8.54 0.86
C LYS B 606 -5.57 -9.93 0.49
N ASP B 607 -4.79 -10.98 0.75
CA ASP B 607 -5.17 -12.31 0.30
C ASP B 607 -5.73 -13.18 1.42
N ARG B 608 -6.09 -12.57 2.55
CA ARG B 608 -6.60 -13.34 3.69
C ARG B 608 -7.91 -12.74 4.18
N PHE B 609 -8.84 -13.60 4.64
CA PHE B 609 -10.06 -13.16 5.28
C PHE B 609 -9.96 -13.31 6.79
N TYR B 610 -10.75 -12.51 7.50
CA TYR B 610 -10.77 -12.49 8.94
C TYR B 610 -12.21 -12.37 9.40
N THR B 611 -12.59 -13.15 10.42
CA THR B 611 -13.96 -13.10 10.94
C THR B 611 -13.93 -12.90 12.45
N ILE B 612 -14.65 -11.87 12.89
CA ILE B 612 -14.85 -11.57 14.31
C ILE B 612 -16.25 -12.04 14.68
N SER B 613 -16.35 -13.02 15.57
CA SER B 613 -17.62 -13.54 16.06
C SER B 613 -17.75 -13.25 17.55
N ILE B 614 -18.86 -12.66 17.96
CA ILE B 614 -19.01 -12.26 19.35
C ILE B 614 -20.36 -12.75 19.87
N ALA B 615 -20.38 -13.17 21.14
CA ALA B 615 -21.63 -13.56 21.77
C ALA B 615 -22.53 -12.33 21.99
N THR B 616 -23.78 -12.42 21.54
CA THR B 616 -24.71 -11.30 21.60
C THR B 616 -26.11 -11.79 21.99
N THR B 617 -27.00 -10.84 22.27
CA THR B 617 -28.42 -11.10 22.44
C THR B 617 -29.19 -10.16 21.53
N ALA B 618 -30.51 -10.33 21.50
CA ALA B 618 -31.33 -9.46 20.65
C ALA B 618 -31.23 -8.00 21.06
N GLN B 619 -30.82 -7.71 22.29
CA GLN B 619 -30.70 -6.32 22.73
C GLN B 619 -29.35 -5.70 22.40
N THR B 620 -28.36 -6.51 22.03
CA THR B 620 -27.05 -5.96 21.67
C THR B 620 -27.18 -5.06 20.45
N GLU B 621 -26.45 -3.94 20.44
CA GLU B 621 -26.44 -3.06 19.27
C GLU B 621 -25.08 -3.17 18.58
N MET B 622 -25.09 -3.37 17.26
CA MET B 622 -23.85 -3.45 16.50
C MET B 622 -23.79 -2.28 15.54
N LYS B 623 -22.60 -1.72 15.37
CA LYS B 623 -22.45 -0.55 14.54
C LYS B 623 -21.17 -0.63 13.73
N MET B 624 -21.23 -0.15 12.50
CA MET B 624 -20.05 0.05 11.66
C MET B 624 -19.75 1.54 11.61
N LEU B 625 -18.51 1.89 11.94
CA LEU B 625 -18.05 3.27 12.10
C LEU B 625 -16.97 3.60 11.10
N ARG B 626 -16.92 4.88 10.70
CA ARG B 626 -15.80 5.38 9.91
C ARG B 626 -15.35 6.73 10.46
N LEU B 627 -14.04 6.86 10.65
CA LEU B 627 -13.47 8.10 11.17
C LEU B 627 -13.57 9.24 10.15
N GLY B 628 -13.77 10.47 10.65
CA GLY B 628 -13.68 11.61 9.74
C GLY B 628 -14.60 12.80 10.02
N ALA B 629 -15.46 12.67 11.01
CA ALA B 629 -16.36 13.78 11.35
C ALA B 629 -15.64 14.83 12.18
N ASN B 630 -16.22 16.04 12.20
CA ASN B 630 -15.67 17.16 12.97
C ASN B 630 -14.17 17.33 12.74
N ASP B 631 -13.80 17.39 11.48
CA ASP B 631 -12.40 17.41 11.03
C ASP B 631 -12.22 18.53 10.01
N PRO B 632 -12.32 19.80 10.45
CA PRO B 632 -12.33 20.92 9.49
C PRO B 632 -11.08 21.04 8.66
N ASP B 633 -9.95 20.53 9.14
CA ASP B 633 -8.68 20.72 8.45
C ASP B 633 -8.19 19.44 7.79
N PHE B 634 -9.06 18.42 7.66
CA PHE B 634 -8.70 17.16 7.01
C PHE B 634 -7.50 16.52 7.71
N ASN B 635 -7.53 16.48 9.03
CA ASN B 635 -6.42 15.93 9.81
C ASN B 635 -6.60 14.44 10.15
N LEU B 636 -7.72 13.82 9.79
CA LEU B 636 -7.98 12.44 10.14
C LEU B 636 -8.02 11.56 8.91
N ARG B 637 -7.63 10.29 9.07
CA ARG B 637 -7.77 9.29 8.01
C ARG B 637 -9.12 8.57 8.13
N ASN B 638 -9.55 7.95 7.03
CA ASN B 638 -10.88 7.32 7.01
C ASN B 638 -10.85 5.87 7.53
N GLU B 639 -10.36 5.70 8.75
CA GLU B 639 -10.26 4.38 9.36
C GLU B 639 -11.65 3.86 9.74
N THR B 640 -11.75 2.54 9.96
CA THR B 640 -13.04 1.85 10.11
C THR B 640 -13.06 0.95 11.35
N ALA B 641 -14.22 0.88 11.99
CA ALA B 641 -14.36 0.02 13.17
C ALA B 641 -15.70 -0.71 13.18
N PHE B 642 -15.69 -1.87 13.85
CA PHE B 642 -16.86 -2.67 14.21
C PHE B 642 -17.07 -2.50 15.72
N LEU B 643 -18.24 -2.05 16.14
CA LEU B 643 -18.48 -1.73 17.54
C LEU B 643 -19.67 -2.52 18.06
N ILE B 644 -19.51 -3.10 19.25
CA ILE B 644 -20.58 -3.82 19.93
C ILE B 644 -20.93 -3.02 21.19
N ARG B 645 -22.22 -2.71 21.36
CA ARG B 645 -22.70 -1.84 22.43
C ARG B 645 -23.74 -2.56 23.28
N GLU B 646 -23.53 -2.54 24.59
CA GLU B 646 -24.47 -3.09 25.55
C GLU B 646 -24.86 -2.00 26.54
N LYS B 647 -26.13 -1.96 26.95
CA LYS B 647 -26.62 -0.91 27.83
C LYS B 647 -27.24 -1.47 29.10
N ALA B 648 -27.28 -0.62 30.14
CA ALA B 648 -28.09 -0.84 31.34
C ALA B 648 -27.71 -2.12 32.07
N ARG B 649 -26.42 -2.27 32.37
CA ARG B 649 -25.99 -3.45 33.11
C ARG B 649 -24.77 -3.14 33.94
N LYS B 650 -24.66 -3.83 35.08
CA LYS B 650 -23.51 -3.70 35.97
C LYS B 650 -22.32 -4.52 35.46
N ASN B 651 -22.54 -5.80 35.16
CA ASN B 651 -21.50 -6.70 34.70
C ASN B 651 -21.75 -7.10 33.25
N HIS B 652 -20.67 -7.29 32.49
CA HIS B 652 -20.82 -7.88 31.18
C HIS B 652 -19.54 -8.61 30.83
N THR B 653 -19.68 -9.67 30.03
CA THR B 653 -18.52 -10.36 29.48
C THR B 653 -18.63 -10.35 27.96
N PHE B 654 -17.66 -9.73 27.31
CA PHE B 654 -17.52 -9.80 25.86
C PHE B 654 -16.68 -11.02 25.53
N ALA B 655 -17.20 -11.92 24.70
CA ALA B 655 -16.52 -13.15 24.35
C ALA B 655 -16.45 -13.21 22.84
N THR B 656 -15.23 -13.27 22.30
CA THR B 656 -14.96 -13.07 20.89
C THR B 656 -14.04 -14.14 20.33
N SER B 657 -14.41 -14.67 19.17
CA SER B 657 -13.57 -15.54 18.34
C SER B 657 -13.07 -14.72 17.15
N ILE B 658 -11.76 -14.68 16.97
CA ILE B 658 -11.13 -14.01 15.83
C ILE B 658 -10.48 -15.09 14.97
N GLU B 659 -11.10 -15.36 13.82
CA GLU B 659 -10.65 -16.36 12.86
C GLU B 659 -9.85 -15.69 11.75
N THR B 660 -8.79 -16.37 11.33
CA THR B 660 -7.97 -16.02 10.18
C THR B 660 -8.12 -17.16 9.18
N HIS B 661 -8.61 -16.87 7.97
CA HIS B 661 -8.97 -17.98 7.09
C HIS B 661 -8.98 -17.56 5.63
N GLY B 662 -8.83 -18.55 4.76
CA GLY B 662 -9.05 -18.35 3.34
C GLY B 662 -7.79 -18.04 2.57
N GLU B 663 -7.79 -18.41 1.30
CA GLU B 663 -6.77 -17.99 0.35
C GLU B 663 -7.49 -17.29 -0.79
N TYR B 664 -7.16 -16.01 -1.00
CA TYR B 664 -7.88 -15.15 -1.94
C TYR B 664 -6.86 -14.54 -2.91
N ASP B 665 -6.73 -15.14 -4.09
CA ASP B 665 -5.65 -14.81 -5.03
C ASP B 665 -6.29 -14.17 -6.26
N VAL B 666 -6.19 -12.84 -6.33
CA VAL B 666 -6.85 -12.06 -7.36
C VAL B 666 -6.08 -12.04 -8.69
N VAL B 667 -4.78 -12.34 -8.68
CA VAL B 667 -4.04 -12.38 -9.94
C VAL B 667 -4.26 -13.72 -10.64
N MET B 668 -4.30 -14.83 -9.88
CA MET B 668 -4.66 -16.13 -10.43
C MET B 668 -6.17 -16.35 -10.45
N GLU B 669 -6.94 -15.54 -9.73
CA GLU B 669 -8.40 -15.64 -9.67
C GLU B 669 -8.82 -16.99 -9.10
N THR B 670 -8.25 -17.30 -7.93
CA THR B 670 -8.62 -18.48 -7.16
C THR B 670 -9.02 -18.05 -5.76
N SER B 671 -9.79 -18.92 -5.10
CA SER B 671 -10.23 -18.62 -3.74
C SER B 671 -10.61 -19.92 -3.05
N SER B 672 -10.51 -19.91 -1.71
CA SER B 672 -10.94 -21.05 -0.91
C SER B 672 -11.08 -20.65 0.56
N ASN B 673 -12.01 -21.32 1.27
CA ASN B 673 -12.25 -21.14 2.71
C ASN B 673 -12.52 -19.67 3.06
N LEU B 674 -13.36 -19.01 2.25
CA LEU B 674 -13.64 -17.59 2.42
C LEU B 674 -14.70 -17.30 3.48
N THR B 675 -15.48 -18.29 3.92
CA THR B 675 -16.51 -18.07 4.91
C THR B 675 -16.07 -18.59 6.27
N SER B 676 -16.60 -17.93 7.31
CA SER B 676 -16.34 -18.31 8.69
C SER B 676 -16.74 -19.75 8.97
N SER B 677 -16.00 -20.39 9.87
CA SER B 677 -16.37 -21.70 10.40
C SER B 677 -16.99 -21.61 11.79
N CYS B 678 -17.14 -20.41 12.34
CA CYS B 678 -17.62 -20.27 13.70
C CYS B 678 -19.14 -20.37 13.72
N GLU B 679 -19.66 -21.35 14.45
CA GLU B 679 -21.10 -21.49 14.57
C GLU B 679 -21.62 -20.82 15.83
N GLU B 680 -20.84 -20.80 16.90
CA GLU B 680 -21.35 -20.23 18.13
C GLU B 680 -20.19 -19.77 19.01
N VAL B 681 -20.38 -18.65 19.70
CA VAL B 681 -19.55 -18.29 20.85
C VAL B 681 -20.47 -18.06 22.02
N LYS B 682 -20.22 -18.73 23.13
CA LYS B 682 -21.17 -18.69 24.25
C LYS B 682 -20.42 -18.63 25.57
N VAL B 683 -20.92 -17.82 26.49
CA VAL B 683 -20.45 -17.82 27.86
C VAL B 683 -21.26 -18.88 28.59
N VAL B 684 -20.64 -20.02 28.89
CA VAL B 684 -21.38 -21.13 29.48
C VAL B 684 -21.38 -21.07 31.00
N MET B 685 -20.42 -20.37 31.60
CA MET B 685 -20.38 -20.22 33.05
C MET B 685 -19.78 -18.85 33.35
N ASP B 686 -20.38 -18.14 34.31
CA ASP B 686 -19.88 -16.80 34.63
C ASP B 686 -20.15 -16.53 36.11
N THR B 687 -19.22 -16.97 36.95
CA THR B 687 -19.32 -16.79 38.39
C THR B 687 -18.12 -15.99 38.90
N ALA B 688 -18.18 -15.63 40.18
CA ALA B 688 -17.06 -14.92 40.79
C ALA B 688 -15.76 -15.72 40.67
N SER B 689 -15.86 -17.05 40.80
CA SER B 689 -14.67 -17.91 40.81
C SER B 689 -14.21 -18.31 39.40
N TYR B 690 -15.14 -18.60 38.48
CA TYR B 690 -14.77 -19.11 37.17
C TYR B 690 -15.63 -18.53 36.07
N THR B 691 -15.02 -18.29 34.92
CA THR B 691 -15.74 -17.93 33.70
C THR B 691 -15.30 -18.89 32.61
N VAL B 692 -16.27 -19.45 31.87
CA VAL B 692 -15.97 -20.44 30.84
C VAL B 692 -16.64 -20.00 29.54
N VAL B 693 -15.87 -19.99 28.45
CA VAL B 693 -16.35 -19.62 27.13
C VAL B 693 -16.19 -20.83 26.20
N LYS B 694 -17.20 -21.11 25.42
CA LYS B 694 -17.15 -22.19 24.45
C LYS B 694 -17.39 -21.63 23.05
N ALA B 695 -16.47 -21.89 22.14
CA ALA B 695 -16.60 -21.54 20.74
C ALA B 695 -16.74 -22.82 19.93
N THR B 696 -17.82 -22.91 19.16
CA THR B 696 -18.14 -24.07 18.34
C THR B 696 -17.96 -23.75 16.86
N TYR B 697 -17.34 -24.70 16.14
CA TYR B 697 -16.94 -24.59 14.76
C TYR B 697 -17.49 -25.77 13.97
N LYS B 698 -17.62 -25.56 12.66
CA LYS B 698 -18.24 -26.53 11.76
C LYS B 698 -17.58 -27.89 11.90
N GLY B 699 -18.40 -28.94 11.75
CA GLY B 699 -17.95 -30.30 11.92
C GLY B 699 -18.03 -30.82 13.34
N GLY B 700 -18.76 -30.15 14.22
CA GLY B 700 -18.84 -30.56 15.61
C GLY B 700 -17.60 -30.28 16.44
N HIS B 701 -16.79 -29.31 16.05
CA HIS B 701 -15.56 -29.05 16.78
C HIS B 701 -15.75 -27.88 17.73
N SER B 702 -14.90 -27.80 18.76
CA SER B 702 -15.04 -26.70 19.70
C SER B 702 -13.74 -26.46 20.45
N VAL B 703 -13.63 -25.24 20.97
CA VAL B 703 -12.61 -24.82 21.92
C VAL B 703 -13.32 -24.30 23.16
N MET B 704 -12.92 -24.80 24.32
CA MET B 704 -13.46 -24.36 25.60
C MET B 704 -12.34 -23.71 26.40
N LEU B 705 -12.54 -22.45 26.78
CA LEU B 705 -11.58 -21.66 27.54
C LEU B 705 -12.13 -21.51 28.96
N CYS B 706 -11.44 -22.07 29.93
CA CYS B 706 -11.83 -22.02 31.34
C CYS B 706 -10.89 -21.09 32.08
N LEU B 707 -11.45 -20.12 32.79
CA LEU B 707 -10.70 -19.05 33.42
C LEU B 707 -10.98 -19.03 34.91
N SER B 708 -9.92 -19.18 35.70
CA SER B 708 -9.96 -18.88 37.13
C SER B 708 -9.91 -17.37 37.29
N ASN B 709 -10.99 -16.77 37.78
CA ASN B 709 -11.03 -15.32 37.83
C ASN B 709 -10.16 -14.76 38.94
N THR B 710 -9.94 -15.52 40.01
CA THR B 710 -9.35 -14.98 41.24
C THR B 710 -7.94 -15.47 41.51
N ASP B 711 -7.36 -16.30 40.64
CA ASP B 711 -6.06 -16.91 40.90
C ASP B 711 -5.15 -16.75 39.70
N ALA B 712 -3.86 -16.51 39.97
CA ALA B 712 -2.86 -16.35 38.92
C ALA B 712 -1.66 -17.29 39.11
N ASP B 713 -1.82 -18.35 39.89
CA ASP B 713 -0.75 -19.30 40.15
C ASP B 713 -0.57 -20.24 38.96
N LYS B 714 0.66 -20.29 38.42
CA LYS B 714 0.93 -21.16 37.28
C LYS B 714 0.70 -22.63 37.58
N GLU B 715 0.95 -23.05 38.82
CA GLU B 715 0.96 -24.45 39.18
C GLU B 715 -0.30 -24.91 39.89
N LYS B 716 -1.20 -23.98 40.24
CA LYS B 716 -2.39 -24.35 40.99
C LYS B 716 -3.31 -25.21 40.14
N GLY B 717 -3.77 -26.33 40.71
CA GLY B 717 -4.69 -27.18 40.01
C GLY B 717 -6.13 -26.72 40.17
N HIS B 718 -6.92 -26.97 39.13
CA HIS B 718 -8.32 -26.59 39.08
C HIS B 718 -9.15 -27.76 38.60
N ARG B 719 -10.29 -27.96 39.26
CA ARG B 719 -11.29 -28.96 38.89
C ARG B 719 -12.63 -28.26 38.90
N LEU B 720 -13.28 -28.20 37.74
CA LEU B 720 -14.51 -27.44 37.57
C LEU B 720 -15.52 -28.28 36.81
N THR B 721 -16.70 -28.44 37.38
CA THR B 721 -17.79 -29.11 36.66
C THR B 721 -18.49 -28.09 35.77
N VAL B 722 -18.51 -28.37 34.47
CA VAL B 722 -19.14 -27.51 33.47
C VAL B 722 -20.10 -28.38 32.67
N GLU B 723 -21.38 -27.98 32.66
CA GLU B 723 -22.43 -28.74 31.97
C GLU B 723 -22.37 -30.22 32.35
N GLY B 724 -22.14 -30.49 33.64
CA GLY B 724 -22.12 -31.83 34.16
C GLY B 724 -20.84 -32.62 33.95
N THR B 725 -19.82 -32.03 33.31
CA THR B 725 -18.59 -32.72 32.97
C THR B 725 -17.42 -32.07 33.70
N MET B 726 -16.51 -32.90 34.22
CA MET B 726 -15.35 -32.40 34.95
C MET B 726 -14.25 -31.95 34.00
N TYR B 727 -13.72 -30.73 34.23
CA TYR B 727 -12.59 -30.19 33.49
C TYR B 727 -11.48 -29.86 34.49
N ALA B 728 -10.29 -30.36 34.23
CA ALA B 728 -9.17 -30.23 35.15
C ALA B 728 -7.97 -29.66 34.42
N TRP B 729 -7.32 -28.66 35.02
CA TRP B 729 -6.15 -28.06 34.40
C TRP B 729 -5.29 -27.40 35.46
N ASN B 730 -4.05 -27.11 35.09
CA ASN B 730 -3.15 -26.35 35.94
C ASN B 730 -2.98 -24.95 35.39
N GLY B 731 -2.87 -23.98 36.29
CA GLY B 731 -2.71 -22.59 35.90
C GLY B 731 -4.04 -21.89 35.77
N ARG B 732 -3.95 -20.59 35.46
CA ARG B 732 -5.15 -19.76 35.47
C ARG B 732 -6.12 -20.15 34.37
N CYS B 733 -5.60 -20.52 33.20
CA CYS B 733 -6.41 -20.71 31.99
C CYS B 733 -6.23 -22.11 31.44
N GLY B 734 -7.34 -22.81 31.25
CA GLY B 734 -7.35 -24.12 30.60
C GLY B 734 -7.99 -24.00 29.22
N VAL B 735 -7.40 -24.68 28.24
CA VAL B 735 -7.91 -24.69 26.87
C VAL B 735 -8.15 -26.13 26.47
N PHE B 736 -9.41 -26.47 26.19
CA PHE B 736 -9.81 -27.83 25.84
C PHE B 736 -10.36 -27.82 24.42
N MET B 737 -9.83 -28.71 23.58
CA MET B 737 -10.22 -28.73 22.17
C MET B 737 -10.83 -30.07 21.82
N LYS B 738 -11.79 -30.04 20.90
CA LYS B 738 -12.38 -31.30 20.45
C LYS B 738 -12.84 -31.14 19.00
#